data_8CLF
#
_entry.id   8CLF
#
_cell.length_a   106.650
_cell.length_b   160.330
_cell.length_c   180.950
_cell.angle_alpha   90.00
_cell.angle_beta   90.00
_cell.angle_gamma   90.00
#
_symmetry.space_group_name_H-M   'P 21 21 21'
#
loop_
_entity.id
_entity.type
_entity.pdbx_description
1 polymer 'Tubulin alpha-1B chain'
2 polymer 'Tubulin beta-2B chain'
3 polymer Stathmin-4
4 polymer 'Tubulin-Tyrosine Ligase'
5 non-polymer "GUANOSINE-5'-TRIPHOSPHATE"
6 non-polymer 'MAGNESIUM ION'
7 non-polymer 'CALCIUM ION'
8 non-polymer "GUANOSINE-5'-DIPHOSPHATE"
9 non-polymer 5-[[4-(2-bromoethyl)-3,5-dimethoxy-phenyl]diazenyl]-2-methoxy-phenol
10 non-polymer 'PHOSPHOMETHYLPHOSPHONIC ACID ADENYLATE ESTER'
11 water water
#
loop_
_entity_poly.entity_id
_entity_poly.type
_entity_poly.pdbx_seq_one_letter_code
_entity_poly.pdbx_strand_id
1 'polypeptide(L)'
;MRECISIHVGQAGVQIGNACWELYCLEHGIQPDGQMPSDKTIGGGDDSFNTFFSETGAGKHVPRAVFVDLEPTVIDEVRT
GTYRQLFHPEQLITGKEDAANNYARGHYTIGKEIIDLVLDRIRKLADQCTGLQGFLVFHSFGGGTGSGFTSLLMERLSVD
YGKKSKLEFSIYPAPQVSTAVVEPYNSILTTHTTLEHSDCAFMVDNEAIYDICRRNLDIERPTYTNLNRLISQIVSSITA
SLRFDGALNVDLTEFQTNLVPYPRIHFPLATYAPVISAEKAYHEQLSVAEITNACFEPANQMVKCDPRHGKYMACCLLYR
GDVVPKDVNAAIATIKTKRSIQFVDWCPTGFKVGINYQPPTVVPGGDLAKVQRAVCMLSNTTAIAEAWARLDHKFDLMYA
KRAFVHWYVGEGMEEGEFSEAREDMAALEKDYEEVGVDSV
;
A,C
2 'polypeptide(L)'
;MREIVHIQAGQCGNQIGAKFWEVISDEHGIDPTGSYHGDSDLQLERINVYYNEATGNKYVPRAILVDLEPGTMDSVRSGP
FGQIFRPDNFVFGQSGAGNNWAKGHYTEGAELVDSVLDVVRKESESCDCLQGFQLTHSLGGGTGSGMGTLLISKIREEYP
DRIMNTFSVMPSPKVSDTVVEPYNATLSVHQLVENTDETYCIDNEALYDICFRTLKLTTPTYGDLNHLVSATMSGVTTCL
RFPGQLNADLRKLAVNMVPFPRLHFFMPGFAPLTSRGSQQYRALTVPELTQQMFDSKNMMAACDPRHGRYLTVAAIFRGR
MSMKEVDEQMLNVQNKNSSYFVEWIPNNVKTAVCDIPPRGLKMSATFIGNSTAIQELFKRISEQFTAMFRRKAFLHWYTG
EGMDEMEFTEAESNMNDLVSEYQQYQDATAD
;
B,D
3 'polypeptide(L)'
;MEVIELNKCTSGQSFEVILKPPSDPSLEEIQKKLEAAEERRKYQEAELLKHLAEKREHEREVIQKAIEENNNFIKMAKEK
LAQKMESNKENREAHLAAMLERLQEKDKHAEEVRKNKELKE
;
E
4 'polypeptide(L)'
;MYTFVVRDENSSVYAEVSRLLLATGQWKRLRKDNPRFNLMLGERNRLPFGRLGHEPGLVQLVNYYRGADKLCRKASLVKL
IKTSPELSESCTWFPESYVIYPTDEREVFLAAYNGNVWIAKSISSEASELLDFIVHVIQKYLEKPLLLEPGHRKFDIRSW
VLVDHLYNIYLYREGVLRTSSEPYNSADKTCHLTNHCIQKEYSNYGRYEEGNEMFFEEFNQYLMDALNTTLENSILLQIK
HIIRSCLMCIEPAISTKHLHYQSFQLFGFDFMVDEELKVWLIEVNGAPACAQKLYAELCQGIVDVAISSVFPLASIFIKL
;
F
#
# COMPACT_ATOMS: atom_id res chain seq x y z
N MET A 1 72.97 -5.81 14.88
CA MET A 1 71.62 -6.34 15.05
C MET A 1 70.64 -5.59 14.15
N ARG A 2 69.64 -6.31 13.64
CA ARG A 2 68.67 -5.76 12.71
C ARG A 2 67.27 -5.93 13.28
N GLU A 3 66.42 -4.92 13.05
CA GLU A 3 65.11 -4.85 13.68
C GLU A 3 64.01 -5.27 12.72
N CYS A 4 62.89 -5.70 13.30
CA CYS A 4 61.66 -6.01 12.57
C CYS A 4 60.51 -5.25 13.19
N ILE A 5 59.69 -4.61 12.36
CA ILE A 5 58.48 -3.94 12.79
C ILE A 5 57.28 -4.78 12.34
N SER A 6 56.39 -5.07 13.29
CA SER A 6 55.16 -5.78 12.99
C SER A 6 54.01 -4.78 12.87
N ILE A 7 53.21 -4.96 11.83
CA ILE A 7 52.06 -4.10 11.56
C ILE A 7 50.80 -4.96 11.59
N HIS A 8 49.84 -4.56 12.40
CA HIS A 8 48.60 -5.30 12.59
C HIS A 8 47.44 -4.47 12.05
N VAL A 9 46.73 -5.02 11.08
CA VAL A 9 45.73 -4.28 10.31
C VAL A 9 44.40 -5.02 10.40
N GLY A 10 43.34 -4.31 10.76
CA GLY A 10 42.02 -4.89 10.88
C GLY A 10 41.84 -5.65 12.19
N GLN A 11 40.63 -6.19 12.36
CA GLN A 11 40.32 -6.94 13.58
C GLN A 11 41.16 -8.20 13.70
N ALA A 12 41.19 -9.02 12.66
CA ALA A 12 41.96 -10.27 12.72
C ALA A 12 43.43 -9.99 13.00
N GLY A 13 44.00 -8.99 12.31
CA GLY A 13 45.40 -8.66 12.52
C GLY A 13 45.68 -8.20 13.94
N VAL A 14 44.83 -7.32 14.47
CA VAL A 14 45.00 -6.81 15.82
C VAL A 14 44.86 -7.92 16.85
N GLN A 15 43.76 -8.68 16.78
CA GLN A 15 43.51 -9.71 17.79
C GLN A 15 44.58 -10.80 17.74
N ILE A 16 45.06 -11.14 16.54
CA ILE A 16 46.15 -12.09 16.43
C ILE A 16 47.46 -11.48 16.92
N GLY A 17 47.69 -10.21 16.62
CA GLY A 17 48.87 -9.54 17.13
C GLY A 17 48.88 -9.46 18.64
N ASN A 18 47.71 -9.27 19.24
CA ASN A 18 47.60 -9.33 20.70
C ASN A 18 48.06 -10.69 21.22
N ALA A 19 47.52 -11.77 20.66
CA ALA A 19 47.86 -13.11 21.14
C ALA A 19 49.35 -13.40 20.98
N CYS A 20 49.95 -12.94 19.88
CA CYS A 20 51.36 -13.18 19.65
C CYS A 20 52.22 -12.42 20.66
N TRP A 21 52.02 -11.12 20.78
CA TRP A 21 52.88 -10.32 21.65
C TRP A 21 52.78 -10.78 23.09
N GLU A 22 51.59 -11.22 23.51
CA GLU A 22 51.48 -11.87 24.82
C GLU A 22 52.39 -13.08 24.90
N LEU A 23 52.36 -13.93 23.87
CA LEU A 23 53.21 -15.11 23.87
C LEU A 23 54.68 -14.73 23.88
N TYR A 24 55.08 -13.78 23.02
CA TYR A 24 56.47 -13.32 23.01
C TYR A 24 56.94 -12.97 24.42
N CYS A 25 56.10 -12.28 25.19
CA CYS A 25 56.49 -11.86 26.53
C CYS A 25 56.70 -13.07 27.44
N LEU A 26 55.76 -14.01 27.42
CA LEU A 26 55.91 -15.22 28.23
C LEU A 26 57.16 -16.00 27.84
N GLU A 27 57.51 -15.96 26.54
CA GLU A 27 58.66 -16.73 26.07
C GLU A 27 59.97 -16.07 26.48
N HIS A 28 60.05 -14.74 26.37
CA HIS A 28 61.29 -14.02 26.65
C HIS A 28 61.43 -13.60 28.10
N GLY A 29 60.38 -13.73 28.90
CA GLY A 29 60.40 -13.30 30.29
C GLY A 29 60.04 -11.85 30.53
N ILE A 30 59.36 -11.20 29.59
CA ILE A 30 58.92 -9.82 29.74
C ILE A 30 57.59 -9.79 30.47
N GLN A 31 57.50 -9.00 31.53
CA GLN A 31 56.28 -8.91 32.32
C GLN A 31 55.31 -7.90 31.70
N PRO A 32 54.04 -7.94 32.11
CA PRO A 32 53.02 -7.12 31.42
C PRO A 32 53.26 -5.61 31.52
N ASP A 33 54.16 -5.17 32.40
CA ASP A 33 54.50 -3.75 32.51
C ASP A 33 55.78 -3.40 31.75
N GLY A 34 56.32 -4.34 30.97
CA GLY A 34 57.51 -4.08 30.18
C GLY A 34 58.82 -4.35 30.88
N GLN A 35 58.79 -4.83 32.12
CA GLN A 35 60.02 -5.11 32.85
C GLN A 35 60.57 -6.48 32.46
N MET A 36 61.89 -6.61 32.51
CA MET A 36 62.56 -7.85 32.14
C MET A 36 63.71 -8.10 33.12
N PRO A 37 63.42 -8.78 34.23
CA PRO A 37 64.49 -9.09 35.18
C PRO A 37 65.65 -9.86 34.56
N SER A 38 65.36 -10.74 33.59
CA SER A 38 66.42 -11.50 32.94
C SER A 38 67.41 -10.58 32.24
N ASP A 39 66.91 -9.49 31.65
CA ASP A 39 67.76 -8.58 30.89
C ASP A 39 68.66 -7.79 31.84
N LYS A 40 69.97 -7.85 31.61
CA LYS A 40 70.93 -7.19 32.50
C LYS A 40 71.44 -5.86 31.96
N THR A 41 71.43 -5.66 30.64
CA THR A 41 71.74 -4.35 30.08
C THR A 41 70.46 -3.50 30.12
N ILE A 42 70.49 -2.42 30.91
CA ILE A 42 69.30 -1.64 31.21
C ILE A 42 69.14 -0.56 30.15
N GLY A 43 67.95 -0.49 29.54
CA GLY A 43 67.72 0.53 28.53
C GLY A 43 68.57 0.43 27.27
N GLY A 44 69.29 -0.68 27.14
CA GLY A 44 70.11 -0.89 25.94
C GLY A 44 70.40 -2.37 25.71
N GLY A 45 71.25 -2.66 24.74
CA GLY A 45 71.63 -4.06 24.47
C GLY A 45 71.58 -4.38 23.00
N ASP A 46 72.15 -5.51 22.61
CA ASP A 46 72.07 -5.96 21.20
C ASP A 46 71.73 -7.44 21.22
N ASP A 47 70.83 -7.83 22.12
CA ASP A 47 70.47 -9.24 22.21
C ASP A 47 69.47 -9.61 21.13
N SER A 48 69.25 -10.92 20.97
CA SER A 48 68.42 -11.39 19.88
C SER A 48 66.98 -10.92 19.99
N PHE A 49 66.47 -10.75 21.22
CA PHE A 49 65.11 -10.25 21.37
C PHE A 49 65.00 -8.76 21.08
N ASN A 50 66.12 -8.05 20.97
CA ASN A 50 66.08 -6.64 20.57
C ASN A 50 65.57 -6.45 19.15
N THR A 51 65.43 -7.54 18.39
CA THR A 51 64.86 -7.44 17.05
CA THR A 51 64.87 -7.44 17.04
C THR A 51 63.37 -7.16 17.08
N PHE A 52 62.70 -7.47 18.19
CA PHE A 52 61.28 -7.22 18.34
C PHE A 52 60.93 -6.24 19.46
N PHE A 53 61.86 -5.95 20.36
CA PHE A 53 61.62 -5.08 21.50
C PHE A 53 62.68 -3.99 21.56
N SER A 54 62.24 -2.75 21.77
CA SER A 54 63.12 -1.65 22.11
C SER A 54 63.08 -1.43 23.63
N GLU A 55 64.05 -0.66 24.11
CA GLU A 55 64.21 -0.42 25.54
C GLU A 55 64.20 1.07 25.84
N THR A 56 63.57 1.42 26.97
CA THR A 56 63.61 2.77 27.51
C THR A 56 64.65 2.85 28.61
N GLY A 57 65.00 4.09 28.99
CA GLY A 57 65.96 4.26 30.07
C GLY A 57 65.50 3.64 31.37
N ALA A 58 64.18 3.61 31.61
CA ALA A 58 63.61 3.07 32.83
C ALA A 58 63.49 1.55 32.82
N GLY A 59 64.05 0.89 31.80
CA GLY A 59 64.03 -0.56 31.73
C GLY A 59 62.81 -1.16 31.05
N LYS A 60 61.92 -0.33 30.50
CA LYS A 60 60.68 -0.87 29.90
C LYS A 60 61.00 -1.50 28.54
N HIS A 61 60.43 -2.67 28.27
CA HIS A 61 60.64 -3.34 26.95
C HIS A 61 59.41 -3.07 26.10
N VAL A 62 59.60 -2.43 24.95
CA VAL A 62 58.47 -2.01 24.12
C VAL A 62 58.47 -2.83 22.84
N PRO A 63 57.33 -3.41 22.44
CA PRO A 63 57.28 -4.10 21.15
C PRO A 63 57.42 -3.11 20.00
N ARG A 64 58.13 -3.55 18.96
CA ARG A 64 58.27 -2.76 17.74
C ARG A 64 57.06 -3.01 16.83
N ALA A 65 55.89 -2.63 17.33
CA ALA A 65 54.63 -2.97 16.70
C ALA A 65 53.80 -1.72 16.43
N VAL A 66 52.86 -1.86 15.49
CA VAL A 66 51.91 -0.80 15.16
CA VAL A 66 51.91 -0.80 15.16
C VAL A 66 50.56 -1.45 14.88
N PHE A 67 49.53 -1.00 15.58
CA PHE A 67 48.18 -1.52 15.45
C PHE A 67 47.33 -0.48 14.74
N VAL A 68 46.66 -0.88 13.66
CA VAL A 68 45.83 0.03 12.87
CA VAL A 68 45.82 0.03 12.89
C VAL A 68 44.50 -0.66 12.58
N ASP A 69 43.40 0.00 12.94
CA ASP A 69 42.06 -0.43 12.60
C ASP A 69 41.22 0.82 12.32
N LEU A 70 40.32 0.72 11.35
CA LEU A 70 39.49 1.86 10.99
C LEU A 70 38.35 2.09 11.97
N GLU A 71 38.30 1.34 13.07
CA GLU A 71 37.27 1.48 14.09
C GLU A 71 37.84 1.03 15.42
N PRO A 72 37.44 1.67 16.53
CA PRO A 72 38.19 1.54 17.79
C PRO A 72 37.78 0.42 18.74
N THR A 73 36.66 -0.27 18.52
CA THR A 73 36.20 -1.24 19.52
C THR A 73 37.18 -2.40 19.70
N VAL A 74 38.01 -2.70 18.70
CA VAL A 74 38.97 -3.79 18.83
C VAL A 74 40.27 -3.31 19.45
N ILE A 75 40.76 -2.15 19.02
CA ILE A 75 42.00 -1.62 19.57
C ILE A 75 41.83 -1.11 20.99
N ASP A 76 40.60 -0.76 21.39
CA ASP A 76 40.36 -0.39 22.78
C ASP A 76 40.65 -1.56 23.72
N GLU A 77 40.42 -2.78 23.25
CA GLU A 77 40.78 -3.96 24.04
C GLU A 77 42.26 -3.98 24.34
N VAL A 78 43.10 -3.80 23.31
CA VAL A 78 44.54 -3.72 23.52
C VAL A 78 44.88 -2.56 24.47
N ARG A 79 44.16 -1.45 24.33
CA ARG A 79 44.47 -0.24 25.10
C ARG A 79 44.06 -0.35 26.56
N THR A 80 43.23 -1.34 26.91
CA THR A 80 42.83 -1.55 28.30
CA THR A 80 42.82 -1.55 28.30
C THR A 80 43.01 -3.00 28.75
N GLY A 81 43.73 -3.81 27.98
CA GLY A 81 43.93 -5.20 28.30
C GLY A 81 45.05 -5.44 29.29
N THR A 82 45.46 -6.70 29.38
CA THR A 82 46.46 -7.10 30.37
C THR A 82 47.81 -6.44 30.11
N TYR A 83 48.17 -6.28 28.83
CA TYR A 83 49.45 -5.70 28.44
C TYR A 83 49.30 -4.26 27.95
N ARG A 84 48.29 -3.55 28.44
CA ARG A 84 48.12 -2.14 28.09
C ARG A 84 49.39 -1.34 28.38
N GLN A 85 50.00 -1.60 29.54
CA GLN A 85 51.22 -0.89 29.93
C GLN A 85 52.34 -1.09 28.92
N LEU A 86 52.25 -2.10 28.07
CA LEU A 86 53.34 -2.43 27.17
C LEU A 86 53.46 -1.47 25.99
N PHE A 87 52.37 -0.83 25.59
CA PHE A 87 52.33 -0.07 24.35
C PHE A 87 52.24 1.44 24.62
N HIS A 88 52.77 2.21 23.66
CA HIS A 88 52.72 3.67 23.65
C HIS A 88 51.47 4.10 22.86
N PRO A 89 50.70 5.09 23.36
CA PRO A 89 49.49 5.54 22.66
C PRO A 89 49.64 5.68 21.14
N GLU A 90 50.79 6.19 20.69
CA GLU A 90 51.04 6.36 19.26
C GLU A 90 51.14 5.04 18.51
N GLN A 91 51.40 3.92 19.19
CA GLN A 91 51.45 2.62 18.54
C GLN A 91 50.08 2.08 18.17
N LEU A 92 49.00 2.71 18.64
CA LEU A 92 47.63 2.27 18.36
C LEU A 92 46.94 3.36 17.56
N ILE A 93 46.64 3.07 16.29
CA ILE A 93 45.95 4.03 15.37
C ILE A 93 44.54 3.50 15.10
N THR A 94 43.50 4.22 15.52
CA THR A 94 42.10 3.85 15.32
C THR A 94 41.36 4.96 14.58
N GLY A 95 40.36 4.55 13.80
CA GLY A 95 39.57 5.46 12.99
C GLY A 95 38.14 5.57 13.47
N LYS A 96 37.31 6.15 12.61
CA LYS A 96 35.94 6.49 12.97
C LYS A 96 34.95 5.43 12.51
N GLU A 97 34.88 5.17 11.21
CA GLU A 97 34.04 4.12 10.66
C GLU A 97 34.89 3.21 9.80
N ASP A 98 34.52 1.92 9.79
CA ASP A 98 35.35 0.89 9.20
C ASP A 98 35.00 0.73 7.72
N ALA A 99 35.56 -0.31 7.10
CA ALA A 99 35.44 -0.49 5.66
C ALA A 99 34.14 -1.18 5.25
N ALA A 100 33.31 -1.61 6.19
CA ALA A 100 32.03 -2.24 5.87
C ALA A 100 32.22 -3.48 5.01
N ASN A 101 33.25 -4.27 5.32
CA ASN A 101 33.57 -5.49 4.57
C ASN A 101 33.77 -5.20 3.08
N ASN A 102 34.21 -3.99 2.75
CA ASN A 102 34.30 -3.53 1.37
C ASN A 102 35.75 -3.18 1.07
N TYR A 103 36.42 -4.01 0.29
CA TYR A 103 37.81 -3.74 -0.10
C TYR A 103 37.95 -2.33 -0.67
N ALA A 104 37.04 -1.96 -1.59
CA ALA A 104 37.09 -0.62 -2.18
C ALA A 104 37.11 0.45 -1.10
N ARG A 105 36.17 0.38 -0.16
CA ARG A 105 36.08 1.38 0.89
C ARG A 105 37.36 1.41 1.72
N GLY A 106 37.97 0.25 1.96
CA GLY A 106 39.19 0.23 2.75
C GLY A 106 40.38 0.79 2.01
N HIS A 107 40.48 0.50 0.71
CA HIS A 107 41.64 0.93 -0.07
C HIS A 107 41.51 2.36 -0.58
N TYR A 108 40.29 2.79 -0.92
CA TYR A 108 40.10 4.03 -1.65
C TYR A 108 39.48 5.14 -0.81
N THR A 109 38.38 4.85 -0.11
CA THR A 109 37.64 5.90 0.60
C THR A 109 38.26 6.19 1.96
N ILE A 110 38.19 5.23 2.87
CA ILE A 110 38.80 5.43 4.18
C ILE A 110 40.32 5.38 4.08
N GLY A 111 40.87 4.67 3.09
CA GLY A 111 42.30 4.49 3.03
C GLY A 111 43.05 5.77 2.70
N LYS A 112 42.55 6.51 1.70
CA LYS A 112 43.23 7.72 1.28
C LYS A 112 43.41 8.71 2.44
N GLU A 113 42.55 8.63 3.45
CA GLU A 113 42.50 9.63 4.50
C GLU A 113 43.34 9.28 5.72
N ILE A 114 43.64 8.00 5.92
CA ILE A 114 44.40 7.53 7.09
C ILE A 114 45.81 7.08 6.74
N ILE A 115 46.15 6.99 5.45
CA ILE A 115 47.41 6.35 5.06
C ILE A 115 48.61 7.15 5.57
N ASP A 116 48.60 8.47 5.38
CA ASP A 116 49.74 9.29 5.78
C ASP A 116 50.00 9.18 7.28
N LEU A 117 48.95 9.33 8.09
CA LEU A 117 49.10 9.18 9.53
C LEU A 117 49.79 7.88 9.89
N VAL A 118 49.32 6.76 9.32
CA VAL A 118 49.90 5.46 9.63
C VAL A 118 51.36 5.40 9.23
N LEU A 119 51.68 5.92 8.04
CA LEU A 119 53.06 5.89 7.57
C LEU A 119 53.98 6.73 8.46
N ASP A 120 53.46 7.82 9.02
CA ASP A 120 54.27 8.63 9.93
C ASP A 120 54.57 7.89 11.22
N ARG A 121 53.57 7.22 11.78
CA ARG A 121 53.73 6.51 13.06
C ARG A 121 54.76 5.39 12.84
N ILE A 122 54.79 4.76 11.66
CA ILE A 122 55.81 3.76 11.33
C ILE A 122 57.17 4.42 11.23
N ARG A 123 57.26 5.54 10.51
CA ARG A 123 58.52 6.25 10.37
C ARG A 123 59.16 6.51 11.73
N LYS A 124 58.36 6.86 12.73
CA LYS A 124 58.91 7.05 14.08
C LYS A 124 59.58 5.78 14.57
N LEU A 125 58.93 4.63 14.39
CA LEU A 125 59.50 3.37 14.83
C LEU A 125 60.78 3.05 14.06
N ALA A 126 60.77 3.26 12.75
CA ALA A 126 61.94 2.94 11.93
C ALA A 126 63.14 3.76 12.36
N ASP A 127 62.95 5.06 12.57
CA ASP A 127 64.03 5.94 13.00
C ASP A 127 64.75 5.40 14.24
N GLN A 128 64.08 4.59 15.06
CA GLN A 128 64.67 3.98 16.24
C GLN A 128 65.44 2.70 15.92
N CYS A 129 65.53 2.32 14.65
CA CYS A 129 66.16 1.08 14.22
C CYS A 129 67.52 1.37 13.60
N THR A 130 68.54 0.64 14.04
CA THR A 130 69.89 0.83 13.51
C THR A 130 70.08 0.10 12.17
N GLY A 131 69.37 -1.00 11.94
CA GLY A 131 69.50 -1.75 10.71
C GLY A 131 68.24 -2.53 10.36
N LEU A 132 67.12 -1.82 10.25
CA LEU A 132 65.83 -2.46 10.01
C LEU A 132 65.87 -3.46 8.86
N GLN A 133 65.34 -4.67 9.11
CA GLN A 133 65.30 -5.70 8.06
C GLN A 133 64.04 -5.61 7.21
N GLY A 134 62.93 -5.25 7.79
CA GLY A 134 61.69 -5.11 7.08
C GLY A 134 60.53 -5.27 8.02
N PHE A 135 59.41 -5.72 7.49
CA PHE A 135 58.13 -5.70 8.18
C PHE A 135 57.43 -7.05 8.12
N LEU A 136 56.65 -7.32 9.16
CA LEU A 136 55.72 -8.44 9.20
CA LEU A 136 55.72 -8.44 9.20
C LEU A 136 54.31 -7.87 9.29
N VAL A 137 53.47 -8.21 8.33
CA VAL A 137 52.14 -7.59 8.20
C VAL A 137 51.08 -8.64 8.48
N PHE A 138 50.25 -8.38 9.47
CA PHE A 138 49.18 -9.28 9.91
C PHE A 138 47.84 -8.73 9.46
N HIS A 139 47.05 -9.56 8.78
CA HIS A 139 45.74 -9.11 8.33
C HIS A 139 44.95 -10.31 7.85
N SER A 140 43.63 -10.11 7.75
CA SER A 140 42.73 -11.09 7.15
C SER A 140 42.57 -10.80 5.66
N PHE A 141 42.18 -11.83 4.90
CA PHE A 141 41.86 -11.67 3.48
C PHE A 141 40.49 -11.02 3.27
N GLY A 142 39.53 -11.32 4.14
CA GLY A 142 38.13 -11.01 3.90
C GLY A 142 37.60 -9.68 4.41
N GLY A 143 38.22 -9.13 5.45
CA GLY A 143 37.80 -7.84 5.95
C GLY A 143 38.02 -6.72 4.95
N GLY A 144 37.18 -5.68 5.07
CA GLY A 144 37.39 -4.48 4.28
C GLY A 144 38.67 -3.75 4.63
N THR A 145 38.96 -3.64 5.94
CA THR A 145 40.23 -3.05 6.37
C THR A 145 41.39 -4.00 6.11
N GLY A 146 41.26 -5.26 6.56
CA GLY A 146 42.35 -6.22 6.40
C GLY A 146 42.78 -6.39 4.96
N SER A 147 41.83 -6.35 4.02
CA SER A 147 42.13 -6.51 2.60
C SER A 147 42.33 -5.18 1.90
N GLY A 148 41.40 -4.24 2.08
CA GLY A 148 41.47 -2.99 1.34
C GLY A 148 42.62 -2.10 1.77
N PHE A 149 42.71 -1.83 3.08
CA PHE A 149 43.75 -0.93 3.57
C PHE A 149 45.13 -1.56 3.48
N THR A 150 45.24 -2.86 3.77
CA THR A 150 46.55 -3.51 3.80
C THR A 150 47.26 -3.36 2.46
N SER A 151 46.58 -3.67 1.36
CA SER A 151 47.22 -3.62 0.05
C SER A 151 47.75 -2.23 -0.26
N LEU A 152 47.01 -1.19 0.14
CA LEU A 152 47.52 0.17 -0.04
C LEU A 152 48.75 0.42 0.82
N LEU A 153 48.76 -0.13 2.04
CA LEU A 153 49.93 -0.01 2.90
C LEU A 153 51.15 -0.69 2.28
N MET A 154 50.96 -1.91 1.75
CA MET A 154 52.07 -2.60 1.11
C MET A 154 52.60 -1.83 -0.09
N GLU A 155 51.70 -1.20 -0.86
CA GLU A 155 52.14 -0.37 -1.98
C GLU A 155 53.04 0.76 -1.53
N ARG A 156 52.65 1.45 -0.46
CA ARG A 156 53.43 2.59 0.01
C ARG A 156 54.72 2.16 0.70
N LEU A 157 54.68 1.04 1.43
CA LEU A 157 55.89 0.54 2.08
C LEU A 157 56.97 0.23 1.05
N SER A 158 56.58 -0.32 -0.09
CA SER A 158 57.55 -0.59 -1.16
C SER A 158 58.20 0.70 -1.65
N VAL A 159 57.47 1.81 -1.61
CA VAL A 159 58.03 3.09 -2.03
C VAL A 159 58.95 3.64 -0.95
N ASP A 160 58.48 3.64 0.30
CA ASP A 160 59.25 4.30 1.35
C ASP A 160 60.45 3.46 1.79
N TYR A 161 60.34 2.13 1.72
CA TYR A 161 61.40 1.22 2.17
C TYR A 161 61.63 0.21 1.06
N GLY A 162 62.48 0.56 0.09
CA GLY A 162 62.61 -0.28 -1.09
C GLY A 162 63.34 -1.56 -0.82
N LYS A 163 64.54 -1.46 -0.25
CA LYS A 163 65.38 -2.61 -0.04
C LYS A 163 65.00 -3.41 1.21
N LYS A 164 63.79 -3.25 1.72
CA LYS A 164 63.37 -3.93 2.95
C LYS A 164 62.41 -5.08 2.62
N SER A 165 62.42 -6.10 3.47
CA SER A 165 61.59 -7.28 3.26
C SER A 165 60.21 -7.08 3.87
N LYS A 166 59.19 -7.60 3.19
CA LYS A 166 57.81 -7.55 3.65
C LYS A 166 57.29 -8.98 3.77
N LEU A 167 56.97 -9.39 5.00
CA LEU A 167 56.44 -10.72 5.27
C LEU A 167 54.98 -10.62 5.69
N GLU A 168 54.19 -11.61 5.29
CA GLU A 168 52.75 -11.58 5.47
C GLU A 168 52.27 -12.75 6.31
N PHE A 169 51.32 -12.48 7.20
CA PHE A 169 50.54 -13.50 7.88
C PHE A 169 49.07 -13.22 7.60
N SER A 170 48.46 -14.05 6.74
CA SER A 170 47.16 -13.76 6.17
C SER A 170 46.16 -14.81 6.60
N ILE A 171 44.98 -14.35 7.02
CA ILE A 171 43.89 -15.25 7.42
C ILE A 171 42.99 -15.48 6.22
N TYR A 172 42.97 -16.72 5.72
CA TYR A 172 42.19 -17.18 4.59
C TYR A 172 40.76 -17.48 5.01
N PRO A 173 39.76 -17.05 4.24
CA PRO A 173 38.38 -17.04 4.76
C PRO A 173 37.75 -18.42 4.79
N ALA A 174 37.00 -18.68 5.87
CA ALA A 174 36.29 -19.93 6.05
C ALA A 174 34.84 -19.66 6.45
N PRO A 175 33.85 -20.29 5.81
CA PRO A 175 32.45 -19.96 6.12
C PRO A 175 32.07 -20.20 7.57
N GLN A 176 32.60 -21.24 8.22
CA GLN A 176 32.27 -21.49 9.62
C GLN A 176 32.43 -20.24 10.47
N VAL A 177 33.37 -19.36 10.12
CA VAL A 177 33.68 -18.18 10.93
C VAL A 177 33.56 -16.88 10.14
N SER A 178 33.52 -16.94 8.81
CA SER A 178 33.43 -15.74 8.01
C SER A 178 32.25 -14.88 8.45
N THR A 179 32.37 -13.58 8.25
CA THR A 179 31.36 -12.62 8.66
C THR A 179 30.70 -11.89 7.50
N ALA A 180 31.19 -12.04 6.28
CA ALA A 180 30.64 -11.32 5.13
C ALA A 180 30.52 -12.26 3.94
N VAL A 181 29.60 -11.96 3.03
CA VAL A 181 29.39 -12.83 1.85
C VAL A 181 30.37 -12.42 0.74
N VAL A 182 30.96 -11.22 0.85
CA VAL A 182 31.81 -10.73 -0.21
C VAL A 182 33.29 -10.96 0.09
N GLU A 183 33.59 -11.84 1.05
CA GLU A 183 34.98 -12.10 1.38
C GLU A 183 35.78 -12.67 0.21
N PRO A 184 35.22 -13.52 -0.66
CA PRO A 184 35.98 -13.91 -1.86
C PRO A 184 36.37 -12.72 -2.73
N TYR A 185 35.47 -11.75 -2.90
CA TYR A 185 35.82 -10.53 -3.61
C TYR A 185 37.05 -9.86 -3.02
N ASN A 186 37.01 -9.64 -1.70
CA ASN A 186 38.12 -8.95 -1.03
C ASN A 186 39.40 -9.76 -1.09
N SER A 187 39.30 -11.09 -1.07
CA SER A 187 40.51 -11.92 -1.10
C SER A 187 41.24 -11.79 -2.44
N ILE A 188 40.50 -11.92 -3.55
CA ILE A 188 41.12 -11.83 -4.87
C ILE A 188 41.66 -10.42 -5.11
N LEU A 189 40.93 -9.40 -4.68
CA LEU A 189 41.37 -8.02 -4.90
C LEU A 189 42.69 -7.73 -4.19
N THR A 190 42.80 -8.12 -2.91
CA THR A 190 44.00 -7.82 -2.15
C THR A 190 45.17 -8.71 -2.54
N THR A 191 44.89 -9.96 -2.92
CA THR A 191 45.98 -10.84 -3.35
C THR A 191 46.64 -10.30 -4.62
N HIS A 192 45.83 -9.84 -5.57
CA HIS A 192 46.37 -9.30 -6.81
C HIS A 192 47.20 -8.05 -6.57
N THR A 193 46.80 -7.23 -5.59
CA THR A 193 47.47 -5.95 -5.37
C THR A 193 48.72 -6.10 -4.52
N THR A 194 48.75 -7.06 -3.61
CA THR A 194 49.91 -7.25 -2.76
C THR A 194 50.97 -8.16 -3.36
N LEU A 195 50.60 -8.99 -4.34
CA LEU A 195 51.49 -10.01 -4.87
C LEU A 195 52.90 -9.48 -5.12
N GLU A 196 53.01 -8.37 -5.82
CA GLU A 196 54.31 -7.80 -6.17
C GLU A 196 55.00 -7.08 -5.02
N HIS A 197 54.36 -6.95 -3.86
CA HIS A 197 54.91 -6.20 -2.75
C HIS A 197 55.17 -7.05 -1.53
N SER A 198 54.84 -8.32 -1.57
CA SER A 198 55.11 -9.26 -0.49
C SER A 198 56.16 -10.27 -0.95
N ASP A 199 57.19 -10.46 -0.14
CA ASP A 199 58.26 -11.39 -0.45
C ASP A 199 57.95 -12.83 -0.03
N CYS A 200 57.06 -13.01 0.96
CA CYS A 200 56.69 -14.32 1.48
C CYS A 200 55.44 -14.15 2.33
N ALA A 201 54.48 -15.06 2.16
CA ALA A 201 53.17 -14.93 2.79
C ALA A 201 52.75 -16.28 3.37
N PHE A 202 52.49 -16.31 4.67
CA PHE A 202 51.99 -17.50 5.37
C PHE A 202 50.48 -17.39 5.49
N MET A 203 49.76 -18.17 4.70
CA MET A 203 48.30 -18.22 4.80
C MET A 203 47.88 -19.15 5.92
N VAL A 204 46.96 -18.69 6.75
CA VAL A 204 46.26 -19.53 7.72
C VAL A 204 44.80 -19.61 7.28
N ASP A 205 44.33 -20.82 6.99
CA ASP A 205 42.93 -21.03 6.62
C ASP A 205 42.13 -21.29 7.89
N ASN A 206 41.16 -20.42 8.17
CA ASN A 206 40.37 -20.55 9.39
C ASN A 206 39.67 -21.89 9.47
N GLU A 207 39.38 -22.52 8.32
CA GLU A 207 38.79 -23.84 8.32
C GLU A 207 39.73 -24.87 8.97
N ALA A 208 41.02 -24.79 8.67
CA ALA A 208 41.97 -25.74 9.24
C ALA A 208 42.13 -25.52 10.74
N ILE A 209 42.34 -24.27 11.16
CA ILE A 209 42.53 -23.99 12.60
C ILE A 209 41.24 -24.37 13.33
N TYR A 210 40.10 -24.18 12.69
CA TYR A 210 38.82 -24.50 13.32
C TYR A 210 38.72 -26.00 13.61
N ASP A 211 39.08 -26.82 12.63
CA ASP A 211 38.92 -28.28 12.82
C ASP A 211 40.00 -28.79 13.78
N ILE A 212 41.21 -28.24 13.72
CA ILE A 212 42.24 -28.65 14.68
C ILE A 212 41.78 -28.37 16.10
N CYS A 213 41.02 -27.29 16.29
CA CYS A 213 40.56 -26.93 17.63
C CYS A 213 39.46 -27.87 18.10
N ARG A 214 38.66 -28.39 17.18
CA ARG A 214 37.56 -29.30 17.56
C ARG A 214 38.08 -30.74 17.65
N ARG A 215 39.05 -31.10 16.79
CA ARG A 215 39.53 -32.46 16.73
C ARG A 215 40.53 -32.78 17.85
N ASN A 216 41.50 -31.88 18.04
CA ASN A 216 42.60 -32.15 18.96
C ASN A 216 42.43 -31.50 20.33
N LEU A 217 41.65 -30.43 20.44
CA LEU A 217 41.46 -29.75 21.71
C LEU A 217 40.09 -29.99 22.33
N ASP A 218 39.17 -30.67 21.63
CA ASP A 218 37.84 -30.98 22.16
C ASP A 218 37.07 -29.72 22.54
N ILE A 219 37.04 -28.77 21.61
CA ILE A 219 36.26 -27.55 21.75
C ILE A 219 35.13 -27.60 20.73
N GLU A 220 33.89 -27.63 21.23
CA GLU A 220 32.73 -27.82 20.35
C GLU A 220 32.55 -26.63 19.41
N ARG A 221 32.47 -25.42 19.95
CA ARG A 221 32.35 -24.20 19.16
C ARG A 221 33.58 -23.34 19.42
N PRO A 222 34.68 -23.55 18.69
CA PRO A 222 35.84 -22.67 18.85
C PRO A 222 35.48 -21.23 18.54
N THR A 223 36.02 -20.32 19.36
CA THR A 223 35.87 -18.89 19.15
C THR A 223 37.22 -18.29 18.74
N TYR A 224 37.22 -16.99 18.44
CA TYR A 224 38.45 -16.32 18.01
C TYR A 224 39.57 -16.49 19.04
N THR A 225 39.21 -16.57 20.32
CA THR A 225 40.23 -16.76 21.36
C THR A 225 40.94 -18.09 21.17
N ASN A 226 40.18 -19.17 21.02
CA ASN A 226 40.77 -20.48 20.73
C ASN A 226 41.58 -20.42 19.45
N LEU A 227 40.93 -20.03 18.35
CA LEU A 227 41.60 -19.96 17.06
C LEU A 227 42.90 -19.18 17.15
N ASN A 228 42.87 -18.01 17.79
CA ASN A 228 44.01 -17.12 17.78
C ASN A 228 45.15 -17.67 18.64
N ARG A 229 44.83 -18.28 19.78
CA ARG A 229 45.88 -18.80 20.66
C ARG A 229 46.65 -19.93 19.99
N LEU A 230 46.02 -20.63 19.05
CA LEU A 230 46.73 -21.64 18.26
C LEU A 230 47.54 -21.01 17.14
N ILE A 231 46.98 -20.00 16.46
CA ILE A 231 47.69 -19.34 15.37
C ILE A 231 48.99 -18.72 15.86
N SER A 232 48.96 -18.10 17.05
CA SER A 232 50.17 -17.46 17.57
C SER A 232 51.25 -18.48 17.90
N GLN A 233 50.86 -19.71 18.21
CA GLN A 233 51.85 -20.77 18.37
C GLN A 233 52.62 -21.00 17.07
N ILE A 234 51.91 -21.12 15.96
CA ILE A 234 52.56 -21.25 14.66
C ILE A 234 53.39 -20.01 14.37
N VAL A 235 52.78 -18.83 14.47
CA VAL A 235 53.51 -17.59 14.23
C VAL A 235 54.76 -17.51 15.09
N SER A 236 54.64 -17.91 16.36
CA SER A 236 55.80 -17.87 17.25
C SER A 236 56.89 -18.82 16.79
N SER A 237 56.53 -20.04 16.39
CA SER A 237 57.53 -20.97 15.88
C SER A 237 58.21 -20.43 14.63
N ILE A 238 57.47 -19.68 13.82
CA ILE A 238 58.04 -19.15 12.57
C ILE A 238 59.01 -18.02 12.87
N THR A 239 58.71 -17.20 13.87
CA THR A 239 59.51 -16.02 14.18
C THR A 239 60.55 -16.27 15.26
N ALA A 240 60.62 -17.49 15.80
CA ALA A 240 61.56 -17.73 16.89
C ALA A 240 63.01 -17.53 16.45
N SER A 241 63.27 -17.83 15.17
CA SER A 241 64.62 -17.68 14.59
C SER A 241 65.05 -16.22 14.64
N LEU A 242 64.09 -15.30 14.66
CA LEU A 242 64.44 -13.85 14.60
C LEU A 242 64.63 -13.32 16.03
N ARG A 243 64.03 -13.97 17.01
CA ARG A 243 64.08 -13.43 18.40
C ARG A 243 65.04 -14.23 19.28
N PHE A 244 65.66 -15.28 18.73
CA PHE A 244 66.55 -16.10 19.52
C PHE A 244 67.88 -16.30 18.79
N ASP A 245 68.89 -16.69 19.56
CA ASP A 245 70.17 -17.06 18.97
C ASP A 245 70.00 -18.25 18.05
N GLY A 246 70.65 -18.21 16.89
CA GLY A 246 70.52 -19.30 15.95
C GLY A 246 71.27 -19.00 14.66
N ALA A 247 71.15 -19.93 13.71
CA ALA A 247 71.80 -19.78 12.42
C ALA A 247 70.87 -19.96 11.23
N LEU A 248 69.65 -20.45 11.43
CA LEU A 248 68.71 -20.68 10.34
C LEU A 248 67.60 -19.64 10.40
N ASN A 249 67.38 -18.96 9.28
CA ASN A 249 66.34 -17.93 9.18
C ASN A 249 66.58 -16.81 10.20
N VAL A 250 67.80 -16.28 10.21
CA VAL A 250 68.18 -15.27 11.22
C VAL A 250 67.70 -13.88 10.78
N ASP A 251 67.29 -13.72 9.53
CA ASP A 251 66.75 -12.44 9.09
C ASP A 251 65.73 -12.68 7.99
N LEU A 252 64.84 -11.70 7.81
CA LEU A 252 63.68 -11.85 6.93
C LEU A 252 64.06 -12.22 5.50
N THR A 253 65.32 -12.02 5.11
CA THR A 253 65.73 -12.35 3.75
C THR A 253 66.00 -13.83 3.56
N GLU A 254 66.35 -14.56 4.63
CA GLU A 254 66.51 -16.01 4.51
C GLU A 254 65.17 -16.71 4.30
N PHE A 255 64.11 -16.12 4.82
CA PHE A 255 62.76 -16.73 4.69
C PHE A 255 62.44 -16.90 3.20
N GLN A 256 62.97 -16.01 2.36
CA GLN A 256 62.71 -16.07 0.90
C GLN A 256 63.78 -16.94 0.25
N THR A 257 65.03 -16.72 0.64
CA THR A 257 66.15 -17.51 0.09
C THR A 257 65.86 -19.00 0.31
N ASN A 258 65.31 -19.36 1.46
CA ASN A 258 65.13 -20.78 1.75
C ASN A 258 63.78 -21.33 1.31
N LEU A 259 62.77 -20.46 1.15
CA LEU A 259 61.41 -20.91 0.89
C LEU A 259 60.80 -20.39 -0.39
N VAL A 260 61.41 -19.42 -1.07
CA VAL A 260 60.78 -18.80 -2.23
C VAL A 260 61.75 -18.70 -3.39
N PRO A 261 61.85 -19.74 -4.25
CA PRO A 261 62.74 -19.65 -5.41
C PRO A 261 62.10 -18.92 -6.60
N TYR A 262 60.78 -18.97 -6.69
CA TYR A 262 60.04 -18.13 -7.62
C TYR A 262 59.34 -17.02 -6.87
N PRO A 263 59.45 -15.77 -7.31
CA PRO A 263 58.82 -14.67 -6.54
C PRO A 263 57.32 -14.83 -6.40
N ARG A 264 56.60 -15.03 -7.51
CA ARG A 264 55.14 -15.12 -7.45
C ARG A 264 54.69 -16.28 -6.58
N ILE A 265 55.42 -17.40 -6.60
CA ILE A 265 55.07 -18.57 -5.82
C ILE A 265 55.68 -18.47 -4.44
N HIS A 266 55.16 -17.55 -3.61
CA HIS A 266 55.73 -17.31 -2.29
C HIS A 266 54.74 -17.58 -1.16
N PHE A 267 54.03 -18.71 -1.25
CA PHE A 267 53.03 -19.10 -0.25
C PHE A 267 53.42 -20.46 0.33
N PRO A 268 54.24 -20.49 1.37
CA PRO A 268 54.64 -21.77 1.96
C PRO A 268 53.54 -22.34 2.87
N LEU A 269 53.38 -23.66 2.82
CA LEU A 269 52.45 -24.33 3.70
C LEU A 269 53.08 -24.56 5.07
N ALA A 270 52.30 -24.31 6.11
CA ALA A 270 52.76 -24.48 7.49
C ALA A 270 52.06 -25.68 8.11
N THR A 271 52.85 -26.63 8.61
CA THR A 271 52.33 -27.76 9.38
C THR A 271 52.95 -27.73 10.77
N TYR A 272 52.14 -28.06 11.78
CA TYR A 272 52.55 -27.94 13.16
C TYR A 272 52.11 -29.17 13.94
N ALA A 273 52.96 -29.63 14.85
CA ALA A 273 52.69 -30.80 15.68
C ALA A 273 53.61 -30.77 16.88
N PRO A 274 53.17 -31.31 18.03
CA PRO A 274 51.86 -31.90 18.29
C PRO A 274 50.89 -30.90 18.93
N VAL A 275 49.61 -30.99 18.63
CA VAL A 275 48.59 -30.16 19.26
C VAL A 275 47.83 -31.07 20.23
N ILE A 276 48.03 -30.84 21.53
CA ILE A 276 47.53 -31.72 22.57
C ILE A 276 46.64 -30.92 23.52
N SER A 277 45.52 -31.53 23.91
CA SER A 277 44.58 -30.87 24.79
C SER A 277 45.15 -30.75 26.19
N ALA A 278 45.15 -29.53 26.74
CA ALA A 278 45.58 -29.33 28.11
C ALA A 278 44.69 -30.06 29.10
N GLU A 279 43.47 -30.43 28.70
CA GLU A 279 42.60 -31.23 29.56
C GLU A 279 43.03 -32.68 29.64
N LYS A 280 44.09 -33.06 28.92
CA LYS A 280 44.62 -34.42 28.95
C LYS A 280 45.71 -34.47 30.01
N ALA A 281 45.33 -34.84 31.23
CA ALA A 281 46.28 -34.86 32.33
C ALA A 281 47.43 -35.83 32.08
N TYR A 282 47.17 -36.93 31.39
CA TYR A 282 48.18 -37.96 31.13
C TYR A 282 48.23 -38.22 29.64
N HIS A 283 49.38 -37.92 29.03
CA HIS A 283 49.60 -38.20 27.61
C HIS A 283 51.04 -38.65 27.41
N GLU A 284 51.22 -39.60 26.50
CA GLU A 284 52.55 -40.05 26.13
C GLU A 284 53.30 -38.96 25.39
N GLN A 285 54.61 -38.86 25.62
CA GLN A 285 55.44 -37.82 24.98
C GLN A 285 55.86 -38.34 23.60
N LEU A 286 55.36 -37.73 22.54
CA LEU A 286 55.73 -38.10 21.18
C LEU A 286 57.23 -37.93 20.96
N SER A 287 57.78 -38.78 20.11
CA SER A 287 59.20 -38.74 19.81
C SER A 287 59.46 -37.84 18.61
N VAL A 288 60.74 -37.58 18.35
CA VAL A 288 61.11 -36.80 17.17
C VAL A 288 60.57 -37.46 15.92
N ALA A 289 60.69 -38.78 15.83
CA ALA A 289 60.19 -39.49 14.64
C ALA A 289 58.67 -39.38 14.53
N GLU A 290 57.96 -39.43 15.67
CA GLU A 290 56.50 -39.40 15.64
C GLU A 290 55.98 -38.03 15.25
N ILE A 291 56.54 -36.96 15.83
CA ILE A 291 56.07 -35.62 15.53
C ILE A 291 56.52 -35.20 14.13
N THR A 292 57.73 -35.62 13.73
CA THR A 292 58.17 -35.35 12.36
C THR A 292 57.23 -36.00 11.34
N ASN A 293 56.81 -37.23 11.61
CA ASN A 293 55.91 -37.90 10.70
C ASN A 293 54.54 -37.22 10.65
N ALA A 294 54.09 -36.66 11.78
CA ALA A 294 52.82 -35.95 11.78
C ALA A 294 52.85 -34.71 10.89
N CYS A 295 54.05 -34.27 10.51
CA CYS A 295 54.17 -33.11 9.64
C CYS A 295 53.65 -33.39 8.23
N PHE A 296 53.57 -34.65 7.84
CA PHE A 296 53.05 -35.03 6.52
C PHE A 296 51.63 -35.58 6.61
N GLU A 297 50.94 -35.32 7.70
CA GLU A 297 49.53 -35.63 7.83
C GLU A 297 48.70 -34.40 7.46
N PRO A 298 47.68 -34.54 6.60
CA PRO A 298 46.89 -33.37 6.21
C PRO A 298 46.17 -32.69 7.38
N ALA A 299 45.74 -33.46 8.38
CA ALA A 299 44.96 -32.90 9.48
C ALA A 299 45.72 -31.83 10.25
N ASN A 300 47.03 -31.76 10.10
CA ASN A 300 47.86 -30.86 10.91
C ASN A 300 48.35 -29.65 10.14
N GLN A 301 47.86 -29.43 8.93
CA GLN A 301 48.34 -28.35 8.08
C GLN A 301 47.49 -27.09 8.30
N MET A 302 48.11 -25.91 8.13
CA MET A 302 47.38 -24.63 8.33
C MET A 302 46.40 -24.41 7.17
N VAL A 303 46.57 -25.14 6.07
CA VAL A 303 45.63 -25.08 4.95
C VAL A 303 45.33 -26.51 4.55
N LYS A 304 44.06 -26.78 4.24
CA LYS A 304 43.60 -28.15 3.96
C LYS A 304 43.86 -28.47 2.49
N CYS A 305 45.00 -29.12 2.22
CA CYS A 305 45.32 -29.57 0.87
C CYS A 305 45.98 -30.94 0.98
N ASP A 306 46.44 -31.45 -0.17
CA ASP A 306 46.98 -32.80 -0.26
C ASP A 306 48.38 -32.74 -0.88
N PRO A 307 49.42 -32.59 -0.07
CA PRO A 307 50.78 -32.48 -0.62
C PRO A 307 51.24 -33.70 -1.39
N ARG A 308 50.58 -34.86 -1.23
CA ARG A 308 50.97 -36.03 -2.00
C ARG A 308 50.83 -35.79 -3.49
N HIS A 309 49.89 -34.93 -3.90
CA HIS A 309 49.60 -34.68 -5.30
C HIS A 309 50.15 -33.33 -5.76
N GLY A 310 51.29 -32.91 -5.22
CA GLY A 310 51.99 -31.74 -5.68
C GLY A 310 53.48 -32.00 -5.69
N LYS A 311 54.28 -30.96 -5.91
CA LYS A 311 55.72 -31.06 -5.86
C LYS A 311 56.26 -30.13 -4.80
N TYR A 312 57.43 -30.47 -4.27
CA TYR A 312 58.08 -29.63 -3.27
C TYR A 312 59.14 -28.77 -3.92
N MET A 313 59.29 -27.54 -3.40
CA MET A 313 60.34 -26.63 -3.81
C MET A 313 61.32 -26.30 -2.69
N ALA A 314 60.92 -26.48 -1.43
CA ALA A 314 61.72 -26.20 -0.25
C ALA A 314 60.97 -26.71 0.97
N CYS A 315 61.71 -27.33 1.88
CA CYS A 315 61.15 -27.88 3.10
CA CYS A 315 61.16 -27.89 3.10
C CYS A 315 62.04 -27.46 4.26
N CYS A 316 61.45 -26.79 5.24
CA CYS A 316 62.15 -26.34 6.44
CA CYS A 316 62.14 -26.34 6.45
C CYS A 316 61.54 -27.03 7.66
N LEU A 317 62.41 -27.54 8.53
CA LEU A 317 61.98 -28.22 9.76
C LEU A 317 62.47 -27.43 10.95
N LEU A 318 61.54 -26.99 11.80
CA LEU A 318 61.86 -26.14 12.94
C LEU A 318 61.37 -26.83 14.22
N TYR A 319 62.30 -27.44 14.96
CA TYR A 319 61.98 -28.10 16.21
C TYR A 319 62.25 -27.15 17.38
N ARG A 320 61.36 -27.16 18.37
CA ARG A 320 61.57 -26.44 19.62
C ARG A 320 61.54 -27.45 20.76
N GLY A 321 62.57 -27.42 21.60
CA GLY A 321 62.61 -28.36 22.69
C GLY A 321 63.71 -29.41 22.71
N ASP A 322 63.35 -30.60 23.18
CA ASP A 322 64.32 -31.66 23.46
C ASP A 322 64.51 -32.49 22.19
N VAL A 323 65.42 -32.02 21.34
CA VAL A 323 65.64 -32.63 20.03
C VAL A 323 67.13 -32.62 19.73
N VAL A 324 67.74 -33.80 19.70
CA VAL A 324 69.13 -33.94 19.28
C VAL A 324 69.14 -34.23 17.80
N PRO A 325 70.13 -33.74 17.04
CA PRO A 325 70.12 -33.97 15.60
C PRO A 325 69.96 -35.44 15.22
N LYS A 326 70.71 -36.32 15.89
CA LYS A 326 70.68 -37.74 15.57
C LYS A 326 69.25 -38.24 15.35
N ASP A 327 68.31 -37.79 16.19
CA ASP A 327 66.93 -38.27 16.05
C ASP A 327 66.28 -37.72 14.78
N VAL A 328 66.60 -36.48 14.41
CA VAL A 328 66.02 -35.89 13.21
C VAL A 328 66.47 -36.65 11.96
N ASN A 329 67.78 -36.84 11.82
CA ASN A 329 68.29 -37.62 10.69
C ASN A 329 67.62 -38.98 10.58
N ALA A 330 67.42 -39.65 11.72
CA ALA A 330 66.72 -40.94 11.71
C ALA A 330 65.29 -40.78 11.25
N ALA A 331 64.61 -39.73 11.70
CA ALA A 331 63.22 -39.53 11.31
C ALA A 331 63.12 -39.24 9.81
N ILE A 332 63.96 -38.34 9.30
CA ILE A 332 63.93 -38.02 7.88
C ILE A 332 64.20 -39.27 7.04
N ALA A 333 65.12 -40.11 7.49
CA ALA A 333 65.45 -41.33 6.74
C ALA A 333 64.21 -42.19 6.54
N THR A 334 63.32 -42.24 7.52
CA THR A 334 62.12 -43.07 7.41
C THR A 334 61.05 -42.40 6.54
N ILE A 335 60.71 -41.15 6.86
CA ILE A 335 59.62 -40.46 6.15
C ILE A 335 59.88 -40.43 4.65
N LYS A 336 61.15 -40.47 4.24
CA LYS A 336 61.47 -40.58 2.83
C LYS A 336 60.84 -41.83 2.23
N THR A 337 61.21 -43.00 2.76
CA THR A 337 60.74 -44.25 2.19
C THR A 337 59.22 -44.37 2.25
N LYS A 338 58.65 -44.25 3.45
CA LYS A 338 57.23 -44.52 3.63
C LYS A 338 56.37 -43.53 2.87
N ARG A 339 56.55 -42.24 3.14
CA ARG A 339 55.68 -41.22 2.56
C ARG A 339 56.05 -40.95 1.10
N SER A 340 55.23 -40.11 0.47
CA SER A 340 55.38 -39.73 -0.93
C SER A 340 55.82 -38.27 -0.98
N ILE A 341 57.13 -38.05 -1.06
CA ILE A 341 57.71 -36.71 -1.11
C ILE A 341 58.46 -36.59 -2.44
N GLN A 342 57.94 -35.78 -3.34
CA GLN A 342 58.52 -35.57 -4.66
C GLN A 342 58.83 -34.09 -4.84
N PHE A 343 60.11 -33.77 -4.96
CA PHE A 343 60.57 -32.42 -5.23
C PHE A 343 60.57 -32.13 -6.73
N VAL A 344 60.58 -30.84 -7.05
CA VAL A 344 60.81 -30.43 -8.44
C VAL A 344 62.23 -30.80 -8.84
N ASP A 345 62.42 -31.14 -10.10
CA ASP A 345 63.76 -31.62 -10.54
C ASP A 345 64.77 -30.46 -10.48
N TRP A 346 64.32 -29.23 -10.68
CA TRP A 346 65.26 -28.08 -10.71
C TRP A 346 65.64 -27.67 -9.28
N CYS A 347 65.37 -28.54 -8.31
CA CYS A 347 65.65 -28.20 -6.90
C CYS A 347 66.20 -29.42 -6.16
N PRO A 348 67.09 -29.25 -5.16
CA PRO A 348 67.57 -30.38 -4.37
C PRO A 348 66.48 -30.93 -3.45
N THR A 349 66.33 -32.26 -3.39
CA THR A 349 65.37 -32.88 -2.49
C THR A 349 66.06 -33.08 -1.13
N GLY A 350 65.74 -32.21 -0.18
CA GLY A 350 66.32 -32.32 1.14
C GLY A 350 65.53 -31.50 2.13
N PHE A 351 66.16 -31.26 3.28
CA PHE A 351 65.50 -30.53 4.36
C PHE A 351 66.50 -29.65 5.09
N LYS A 352 66.17 -28.36 5.20
CA LYS A 352 66.88 -27.49 6.14
C LYS A 352 66.25 -27.65 7.52
N VAL A 353 67.08 -27.83 8.54
CA VAL A 353 66.64 -28.17 9.88
C VAL A 353 67.14 -27.12 10.86
N GLY A 354 66.23 -26.64 11.71
CA GLY A 354 66.57 -25.73 12.79
C GLY A 354 66.06 -26.24 14.12
N ILE A 355 66.93 -26.23 15.13
CA ILE A 355 66.60 -26.74 16.46
C ILE A 355 66.83 -25.63 17.48
N ASN A 356 65.78 -25.25 18.19
CA ASN A 356 65.85 -24.33 19.31
CA ASN A 356 65.86 -24.32 19.31
C ASN A 356 65.64 -25.11 20.60
N TYR A 357 66.61 -25.04 21.52
CA TYR A 357 66.58 -25.85 22.71
C TYR A 357 65.46 -25.47 23.68
N GLN A 358 64.99 -24.22 23.64
CA GLN A 358 63.91 -23.82 24.53
C GLN A 358 62.59 -24.37 23.99
N PRO A 359 61.84 -25.12 24.79
CA PRO A 359 60.61 -25.76 24.28
C PRO A 359 59.48 -24.74 24.17
N PRO A 360 58.35 -25.13 23.59
CA PRO A 360 57.26 -24.16 23.38
C PRO A 360 56.64 -23.73 24.70
N THR A 361 56.34 -22.43 24.79
CA THR A 361 55.64 -21.88 25.94
C THR A 361 54.14 -21.86 25.66
N VAL A 362 53.36 -22.17 26.68
CA VAL A 362 51.90 -22.17 26.60
C VAL A 362 51.37 -21.14 27.58
N VAL A 363 50.46 -20.29 27.09
CA VAL A 363 49.80 -19.29 27.92
C VAL A 363 49.08 -20.02 29.04
N PRO A 364 49.34 -19.69 30.30
CA PRO A 364 48.59 -20.31 31.39
C PRO A 364 47.10 -20.04 31.20
N GLY A 365 46.30 -21.03 31.54
CA GLY A 365 44.88 -20.94 31.27
C GLY A 365 44.52 -20.99 29.81
N GLY A 366 45.40 -21.53 28.96
CA GLY A 366 45.10 -21.73 27.56
C GLY A 366 44.48 -23.08 27.29
N ASP A 367 44.51 -23.48 26.02
CA ASP A 367 43.93 -24.76 25.61
C ASP A 367 44.96 -25.84 25.33
N LEU A 368 46.21 -25.46 25.07
CA LEU A 368 47.24 -26.40 24.67
C LEU A 368 48.04 -26.88 25.88
N ALA A 369 48.43 -28.15 25.84
CA ALA A 369 49.22 -28.74 26.90
C ALA A 369 50.70 -28.45 26.69
N LYS A 370 51.44 -28.40 27.80
CA LYS A 370 52.88 -28.25 27.73
C LYS A 370 53.50 -29.51 27.15
N VAL A 371 54.44 -29.34 26.23
CA VAL A 371 55.13 -30.45 25.59
C VAL A 371 56.62 -30.25 25.73
N GLN A 372 57.36 -31.35 25.56
CA GLN A 372 58.82 -31.33 25.65
CA GLN A 372 58.81 -31.34 25.65
C GLN A 372 59.49 -31.17 24.29
N ARG A 373 58.74 -31.28 23.20
CA ARG A 373 59.29 -31.09 21.88
C ARG A 373 58.16 -30.90 20.89
N ALA A 374 58.30 -29.89 20.01
CA ALA A 374 57.35 -29.60 18.96
C ALA A 374 58.11 -29.33 17.68
N VAL A 375 57.38 -29.25 16.57
CA VAL A 375 58.00 -29.00 15.28
C VAL A 375 57.01 -28.23 14.40
N CYS A 376 57.55 -27.28 13.65
CA CYS A 376 56.83 -26.58 12.61
C CYS A 376 57.54 -26.84 11.29
N MET A 377 56.80 -27.34 10.30
CA MET A 377 57.35 -27.61 8.98
C MET A 377 56.84 -26.55 8.01
N LEU A 378 57.78 -25.79 7.44
CA LEU A 378 57.47 -24.85 6.37
C LEU A 378 57.90 -25.48 5.05
N SER A 379 56.94 -25.68 4.15
CA SER A 379 57.21 -26.32 2.87
C SER A 379 56.53 -25.53 1.76
N ASN A 380 57.28 -25.23 0.71
CA ASN A 380 56.72 -24.61 -0.49
C ASN A 380 56.31 -25.72 -1.44
N THR A 381 55.03 -26.10 -1.39
CA THR A 381 54.47 -27.14 -2.23
C THR A 381 53.41 -26.54 -3.15
N THR A 382 53.36 -27.05 -4.38
CA THR A 382 52.31 -26.65 -5.30
C THR A 382 50.93 -27.05 -4.81
N ALA A 383 50.85 -27.94 -3.82
CA ALA A 383 49.54 -28.37 -3.33
C ALA A 383 48.71 -27.20 -2.85
N ILE A 384 49.34 -26.14 -2.36
CA ILE A 384 48.59 -25.00 -1.80
C ILE A 384 47.73 -24.34 -2.86
N ALA A 385 48.00 -24.60 -4.13
CA ALA A 385 47.21 -23.98 -5.19
C ALA A 385 45.75 -24.41 -5.12
N GLU A 386 45.45 -25.51 -4.42
CA GLU A 386 44.06 -25.88 -4.19
C GLU A 386 43.29 -24.74 -3.58
N ALA A 387 43.90 -24.01 -2.63
CA ALA A 387 43.20 -22.92 -1.96
C ALA A 387 42.89 -21.78 -2.93
N TRP A 388 43.82 -21.49 -3.84
CA TRP A 388 43.55 -20.51 -4.88
C TRP A 388 42.42 -20.96 -5.79
N ALA A 389 42.35 -22.27 -6.08
CA ALA A 389 41.32 -22.78 -6.98
C ALA A 389 39.93 -22.61 -6.36
N ARG A 390 39.76 -23.05 -5.12
CA ARG A 390 38.47 -22.90 -4.46
C ARG A 390 38.07 -21.43 -4.35
N LEU A 391 39.03 -20.57 -3.98
CA LEU A 391 38.72 -19.14 -3.86
C LEU A 391 38.33 -18.55 -5.21
N ASP A 392 39.06 -18.91 -6.28
CA ASP A 392 38.75 -18.36 -7.59
C ASP A 392 37.38 -18.83 -8.08
N HIS A 393 36.98 -20.06 -7.73
CA HIS A 393 35.68 -20.57 -8.16
C HIS A 393 34.55 -19.81 -7.49
N LYS A 394 34.68 -19.50 -6.19
CA LYS A 394 33.66 -18.72 -5.50
C LYS A 394 33.56 -17.33 -6.12
N PHE A 395 34.70 -16.71 -6.39
CA PHE A 395 34.71 -15.43 -7.11
C PHE A 395 33.92 -15.54 -8.41
N ASP A 396 34.14 -16.60 -9.17
CA ASP A 396 33.53 -16.71 -10.49
C ASP A 396 32.02 -16.83 -10.39
N LEU A 397 31.53 -17.53 -9.37
CA LEU A 397 30.09 -17.70 -9.23
C LEU A 397 29.39 -16.35 -9.05
N MET A 398 29.95 -15.50 -8.19
CA MET A 398 29.33 -14.21 -7.91
C MET A 398 29.56 -13.21 -9.04
N TYR A 399 30.82 -13.07 -9.48
CA TYR A 399 31.12 -12.06 -10.49
C TYR A 399 30.42 -12.37 -11.81
N ALA A 400 30.12 -13.64 -12.10
CA ALA A 400 29.42 -13.96 -13.34
C ALA A 400 28.10 -13.19 -13.43
N LYS A 401 27.41 -13.03 -12.32
CA LYS A 401 26.16 -12.29 -12.26
C LYS A 401 26.36 -10.85 -11.77
N ARG A 402 27.60 -10.42 -11.57
CA ARG A 402 27.90 -9.06 -11.13
C ARG A 402 27.26 -8.75 -9.77
N ALA A 403 27.19 -9.73 -8.90
CA ALA A 403 26.53 -9.58 -7.61
C ALA A 403 27.41 -8.78 -6.65
N PHE A 404 26.82 -7.79 -5.98
CA PHE A 404 27.48 -6.94 -4.99
C PHE A 404 28.51 -5.99 -5.60
N VAL A 405 28.73 -6.01 -6.92
CA VAL A 405 29.75 -5.16 -7.53
C VAL A 405 29.45 -3.69 -7.29
N HIS A 406 28.16 -3.33 -7.29
CA HIS A 406 27.82 -1.91 -7.17
C HIS A 406 28.36 -1.30 -5.89
N TRP A 407 28.56 -2.11 -4.84
CA TRP A 407 29.14 -1.59 -3.61
C TRP A 407 30.57 -1.11 -3.83
N TYR A 408 31.33 -1.85 -4.64
CA TYR A 408 32.72 -1.46 -4.89
C TYR A 408 32.80 -0.31 -5.88
N VAL A 409 32.00 -0.35 -6.94
CA VAL A 409 32.00 0.74 -7.90
C VAL A 409 31.56 2.04 -7.24
N GLY A 410 30.73 1.95 -6.19
CA GLY A 410 30.27 3.17 -5.56
C GLY A 410 31.32 3.86 -4.72
N GLU A 411 32.41 3.16 -4.40
CA GLU A 411 33.52 3.75 -3.70
C GLU A 411 34.56 4.36 -4.64
N GLY A 412 34.35 4.28 -5.95
CA GLY A 412 35.27 4.83 -6.91
C GLY A 412 36.13 3.82 -7.64
N MET A 413 36.21 2.58 -7.15
CA MET A 413 36.90 1.55 -7.89
C MET A 413 36.15 1.23 -9.17
N GLU A 414 36.88 1.03 -10.26
CA GLU A 414 36.24 0.74 -11.52
C GLU A 414 36.12 -0.77 -11.72
N GLU A 415 35.03 -1.18 -12.37
CA GLU A 415 34.72 -2.59 -12.49
C GLU A 415 35.85 -3.37 -13.12
N GLY A 416 36.65 -2.74 -14.00
CA GLY A 416 37.70 -3.47 -14.67
C GLY A 416 38.79 -3.97 -13.74
N GLU A 417 38.87 -3.40 -12.54
CA GLU A 417 39.84 -3.90 -11.57
C GLU A 417 39.49 -5.31 -11.11
N PHE A 418 38.20 -5.66 -11.15
CA PHE A 418 37.78 -7.00 -10.75
C PHE A 418 38.42 -8.04 -11.67
N SER A 419 38.25 -7.89 -12.98
CA SER A 419 38.77 -8.89 -13.90
C SER A 419 40.29 -8.82 -13.99
N GLU A 420 40.87 -7.64 -13.80
CA GLU A 420 42.32 -7.52 -13.77
CA GLU A 420 42.32 -7.53 -13.78
C GLU A 420 42.91 -8.31 -12.61
N ALA A 421 42.24 -8.29 -11.45
CA ALA A 421 42.69 -9.12 -10.34
C ALA A 421 42.45 -10.60 -10.65
N ARG A 422 41.29 -10.91 -11.20
CA ARG A 422 40.99 -12.29 -11.56
C ARG A 422 41.94 -12.82 -12.61
N GLU A 423 42.30 -11.99 -13.59
CA GLU A 423 43.29 -12.41 -14.59
C GLU A 423 44.62 -12.75 -13.93
N ASP A 424 45.03 -11.95 -12.94
CA ASP A 424 46.25 -12.26 -12.20
C ASP A 424 46.11 -13.60 -11.48
N MET A 425 44.97 -13.81 -10.80
CA MET A 425 44.73 -15.07 -10.12
C MET A 425 44.86 -16.24 -11.08
N ALA A 426 44.27 -16.11 -12.28
CA ALA A 426 44.35 -17.19 -13.25
C ALA A 426 45.77 -17.44 -13.70
N ALA A 427 46.60 -16.39 -13.74
CA ALA A 427 48.02 -16.57 -14.02
C ALA A 427 48.70 -17.35 -12.90
N LEU A 428 48.42 -16.98 -11.65
CA LEU A 428 48.99 -17.69 -10.51
C LEU A 428 48.68 -19.18 -10.57
N GLU A 429 47.40 -19.53 -10.76
CA GLU A 429 47.02 -20.93 -10.86
C GLU A 429 47.83 -21.65 -11.93
N LYS A 430 48.02 -21.01 -13.09
CA LYS A 430 48.79 -21.62 -14.15
C LYS A 430 50.28 -21.71 -13.79
N ASP A 431 50.79 -20.72 -13.05
CA ASP A 431 52.17 -20.79 -12.59
C ASP A 431 52.40 -22.04 -11.74
N TYR A 432 51.49 -22.31 -10.81
CA TYR A 432 51.60 -23.51 -9.99
C TYR A 432 51.55 -24.77 -10.85
N GLU A 433 50.61 -24.80 -11.80
CA GLU A 433 50.47 -25.97 -12.67
C GLU A 433 51.76 -26.28 -13.40
N GLU A 434 52.45 -25.26 -13.89
CA GLU A 434 53.66 -25.49 -14.67
C GLU A 434 54.82 -25.96 -13.80
N VAL A 435 54.91 -25.49 -12.56
CA VAL A 435 56.06 -25.81 -11.72
C VAL A 435 56.05 -27.27 -11.30
N GLY A 436 54.87 -27.89 -11.21
CA GLY A 436 54.79 -29.22 -10.63
C GLY A 436 53.77 -30.18 -11.20
N VAL A 437 53.33 -29.98 -12.45
CA VAL A 437 52.38 -30.88 -13.09
C VAL A 437 53.09 -31.63 -14.21
N ASP A 438 52.74 -32.91 -14.37
CA ASP A 438 53.33 -33.78 -15.37
C ASP A 438 52.24 -34.37 -16.24
N SER A 439 52.63 -34.83 -17.43
CA SER A 439 51.71 -35.44 -18.38
C SER A 439 50.97 -36.61 -17.75
N MET B 1 30.46 5.78 17.65
CA MET B 1 29.28 5.56 18.47
C MET B 1 28.15 4.92 17.68
N ARG B 2 28.29 4.98 16.34
CA ARG B 2 27.27 4.46 15.42
C ARG B 2 25.87 4.75 15.91
N GLU B 3 25.48 6.03 15.90
CA GLU B 3 24.14 6.40 16.34
C GLU B 3 23.14 6.20 15.21
N ILE B 4 21.91 5.89 15.60
CA ILE B 4 20.79 5.78 14.66
C ILE B 4 19.72 6.77 15.09
N VAL B 5 19.13 7.45 14.11
CA VAL B 5 18.08 8.44 14.35
C VAL B 5 16.77 7.83 13.85
N HIS B 6 15.81 7.71 14.76
CA HIS B 6 14.54 7.06 14.46
C HIS B 6 13.47 8.10 14.15
N ILE B 7 12.68 7.84 13.11
CA ILE B 7 11.57 8.70 12.73
C ILE B 7 10.32 7.84 12.56
N GLN B 8 9.22 8.25 13.18
CA GLN B 8 7.93 7.63 12.98
C GLN B 8 6.93 8.68 12.52
N ALA B 9 6.24 8.41 11.42
CA ALA B 9 5.37 9.39 10.79
C ALA B 9 4.00 8.78 10.50
N GLY B 10 2.95 9.55 10.75
CA GLY B 10 1.60 9.10 10.50
C GLY B 10 1.06 8.23 11.61
N GLN B 11 -0.19 7.81 11.43
CA GLN B 11 -0.85 6.98 12.44
C GLN B 11 -0.14 5.65 12.61
N CYS B 12 -0.06 4.82 11.57
CA CYS B 12 0.56 3.47 11.66
C CYS B 12 1.99 3.60 12.17
N GLY B 13 2.78 4.46 11.54
CA GLY B 13 4.20 4.63 11.89
C GLY B 13 4.40 5.03 13.34
N ASN B 14 3.48 5.78 13.91
CA ASN B 14 3.61 6.28 15.30
C ASN B 14 3.04 5.24 16.28
N GLN B 15 2.11 4.39 15.87
CA GLN B 15 1.65 3.33 16.77
C GLN B 15 2.63 2.17 16.81
N ILE B 16 3.16 1.77 15.65
CA ILE B 16 4.19 0.75 15.67
CA ILE B 16 4.20 0.76 15.63
C ILE B 16 5.50 1.31 16.21
N GLY B 17 5.79 2.58 15.96
CA GLY B 17 7.00 3.17 16.50
C GLY B 17 6.97 3.25 18.02
N ALA B 18 5.82 3.62 18.58
CA ALA B 18 5.72 3.69 20.04
C ALA B 18 5.85 2.30 20.66
N LYS B 19 5.25 1.28 20.04
CA LYS B 19 5.42 -0.08 20.54
C LYS B 19 6.88 -0.51 20.48
N PHE B 20 7.60 -0.12 19.43
CA PHE B 20 9.01 -0.47 19.32
C PHE B 20 9.81 0.08 20.49
N TRP B 21 9.57 1.35 20.86
CA TRP B 21 10.33 1.95 21.96
C TRP B 21 9.94 1.35 23.29
N GLU B 22 8.67 1.00 23.43
CA GLU B 22 8.26 0.31 24.70
CA GLU B 22 8.23 0.33 24.67
C GLU B 22 8.85 -1.08 24.86
N VAL B 23 9.07 -1.78 23.73
CA VAL B 23 9.60 -3.15 23.81
C VAL B 23 11.10 -3.14 24.07
N ILE B 24 11.86 -2.37 23.28
CA ILE B 24 13.31 -2.41 23.46
C ILE B 24 13.73 -1.64 24.70
N SER B 25 12.97 -0.63 25.11
CA SER B 25 13.24 0.00 26.40
C SER B 25 13.22 -1.03 27.51
N ASP B 26 12.18 -1.85 27.53
CA ASP B 26 12.11 -2.94 28.50
C ASP B 26 13.32 -3.85 28.42
N GLU B 27 13.75 -4.20 27.21
CA GLU B 27 14.87 -5.10 27.04
C GLU B 27 16.18 -4.49 27.53
N HIS B 28 16.33 -3.17 27.42
CA HIS B 28 17.55 -2.49 27.84
C HIS B 28 17.48 -1.97 29.27
N GLY B 29 16.47 -2.38 30.04
CA GLY B 29 16.39 -1.98 31.44
C GLY B 29 16.07 -0.52 31.67
N ILE B 30 15.42 0.15 30.72
CA ILE B 30 14.97 1.52 30.89
C ILE B 30 13.50 1.51 31.28
N ASP B 31 13.10 2.44 32.15
CA ASP B 31 11.71 2.52 32.56
C ASP B 31 11.05 3.73 31.92
N PRO B 32 9.75 3.96 32.14
CA PRO B 32 9.05 5.02 31.40
C PRO B 32 9.59 6.41 31.65
N THR B 33 10.39 6.62 32.71
CA THR B 33 10.96 7.93 32.98
C THR B 33 12.42 8.04 32.55
N GLY B 34 12.96 7.02 31.88
CA GLY B 34 14.27 7.09 31.28
C GLY B 34 15.43 6.71 32.18
N SER B 35 15.18 6.23 33.40
CA SER B 35 16.25 5.80 34.29
C SER B 35 16.52 4.31 34.12
N TYR B 36 17.79 3.94 34.21
CA TYR B 36 18.21 2.56 34.00
C TYR B 36 17.99 1.76 35.28
N HIS B 37 17.24 0.66 35.17
CA HIS B 37 16.85 -0.17 36.31
C HIS B 37 17.06 -1.65 35.99
N GLY B 38 18.11 -1.94 35.21
CA GLY B 38 18.42 -3.28 34.78
C GLY B 38 19.56 -3.91 35.57
N ASP B 39 19.83 -5.18 35.22
CA ASP B 39 20.78 -6.01 35.95
C ASP B 39 22.03 -6.40 35.17
N SER B 40 22.01 -6.31 33.84
CA SER B 40 23.13 -6.76 33.02
C SER B 40 23.83 -5.57 32.38
N ASP B 41 25.17 -5.64 32.35
CA ASP B 41 25.94 -4.62 31.64
C ASP B 41 25.71 -4.70 30.14
N LEU B 42 25.39 -5.89 29.63
CA LEU B 42 25.08 -6.04 28.20
C LEU B 42 23.97 -5.11 27.74
N GLN B 43 23.13 -4.64 28.67
CA GLN B 43 22.03 -3.77 28.31
C GLN B 43 22.50 -2.38 27.93
N LEU B 44 23.67 -1.96 28.40
CA LEU B 44 24.15 -0.60 28.22
C LEU B 44 25.36 -0.52 27.30
N GLU B 45 25.91 -1.65 26.85
CA GLU B 45 27.12 -1.62 26.05
C GLU B 45 26.90 -0.88 24.73
N ARG B 46 25.70 -0.99 24.16
CA ARG B 46 25.41 -0.29 22.92
C ARG B 46 24.12 0.51 23.04
N ILE B 47 23.84 1.03 24.24
CA ILE B 47 22.61 1.78 24.46
C ILE B 47 22.61 3.06 23.64
N ASN B 48 23.78 3.64 23.40
CA ASN B 48 23.88 4.90 22.66
CA ASN B 48 23.86 4.90 22.66
C ASN B 48 23.52 4.74 21.19
N VAL B 49 23.21 3.53 20.73
CA VAL B 49 22.79 3.36 19.34
C VAL B 49 21.41 3.95 19.14
N TYR B 50 20.53 3.88 20.15
CA TYR B 50 19.17 4.34 20.06
C TYR B 50 18.79 5.40 21.09
N TYR B 51 19.67 5.70 22.05
CA TYR B 51 19.35 6.59 23.16
C TYR B 51 20.43 7.65 23.34
N ASN B 52 20.02 8.90 23.53
CA ASN B 52 20.92 9.93 24.02
C ASN B 52 21.02 9.85 25.53
N GLU B 53 22.22 10.15 26.04
CA GLU B 53 22.45 10.19 27.49
C GLU B 53 22.06 11.57 27.99
N ALA B 54 21.00 11.63 28.79
CA ALA B 54 20.55 12.90 29.35
C ALA B 54 21.49 13.36 30.46
N THR B 55 21.35 14.63 30.83
CA THR B 55 22.23 15.23 31.81
C THR B 55 22.34 14.37 33.06
N GLY B 56 21.21 13.97 33.62
CA GLY B 56 21.15 13.32 34.91
C GLY B 56 20.98 11.82 34.85
N ASN B 57 21.80 11.15 34.05
CA ASN B 57 21.90 9.70 34.04
C ASN B 57 20.60 9.02 33.61
N LYS B 58 19.79 9.72 32.82
CA LYS B 58 18.57 9.10 32.24
C LYS B 58 18.84 8.96 30.75
N TYR B 59 18.04 8.20 30.01
CA TYR B 59 18.17 7.98 28.58
C TYR B 59 16.90 8.44 27.87
N VAL B 60 17.07 9.18 26.79
CA VAL B 60 15.97 9.66 25.96
C VAL B 60 16.15 9.10 24.56
N PRO B 61 15.11 8.53 23.94
CA PRO B 61 15.29 7.91 22.63
C PRO B 61 15.63 8.95 21.57
N ARG B 62 16.54 8.58 20.67
CA ARG B 62 16.82 9.38 19.49
C ARG B 62 15.69 9.22 18.49
N ALA B 63 14.49 9.70 18.84
CA ALA B 63 13.29 9.48 18.05
C ALA B 63 12.60 10.80 17.76
N ILE B 64 12.01 10.91 16.57
CA ILE B 64 11.28 12.10 16.15
C ILE B 64 9.88 11.68 15.71
N LEU B 65 8.87 12.29 16.31
CA LEU B 65 7.48 11.92 16.08
C LEU B 65 6.83 12.96 15.16
N VAL B 66 6.23 12.49 14.06
CA VAL B 66 5.75 13.37 13.01
C VAL B 66 4.35 12.93 12.59
N ASP B 67 3.45 13.91 12.42
CA ASP B 67 2.10 13.62 11.93
C ASP B 67 1.45 14.93 11.46
N LEU B 68 0.50 14.79 10.55
CA LEU B 68 -0.23 15.94 10.04
C LEU B 68 -1.52 16.22 10.81
N GLU B 69 -1.83 15.40 11.81
CA GLU B 69 -2.92 15.65 12.74
C GLU B 69 -2.46 15.27 14.14
N PRO B 70 -3.02 15.89 15.17
CA PRO B 70 -2.54 15.66 16.54
C PRO B 70 -3.15 14.45 17.23
N GLY B 71 -4.11 13.76 16.61
CA GLY B 71 -4.77 12.65 17.24
C GLY B 71 -3.83 11.61 17.81
N THR B 72 -3.06 10.95 16.94
CA THR B 72 -2.14 9.91 17.38
C THR B 72 -1.01 10.49 18.21
N MET B 73 -0.64 11.75 17.97
CA MET B 73 0.37 12.40 18.80
C MET B 73 -0.02 12.32 20.29
N ASP B 74 -1.28 12.64 20.60
CA ASP B 74 -1.71 12.66 21.99
C ASP B 74 -1.83 11.25 22.56
N SER B 75 -2.27 10.30 21.73
CA SER B 75 -2.35 8.92 22.19
C SER B 75 -0.99 8.39 22.62
N VAL B 76 0.08 8.82 21.95
CA VAL B 76 1.42 8.42 22.35
C VAL B 76 1.84 9.16 23.61
N ARG B 77 1.71 10.48 23.60
CA ARG B 77 2.07 11.26 24.78
C ARG B 77 1.33 10.82 26.04
N SER B 78 0.26 10.03 25.90
CA SER B 78 -0.51 9.52 27.04
C SER B 78 -0.29 8.03 27.29
N GLY B 79 0.55 7.38 26.49
CA GLY B 79 0.79 5.97 26.65
C GLY B 79 1.75 5.68 27.79
N PRO B 80 2.00 4.39 28.02
CA PRO B 80 2.92 3.98 29.08
C PRO B 80 4.23 4.74 29.06
N PHE B 81 4.94 4.66 27.93
CA PHE B 81 6.26 5.27 27.78
C PHE B 81 6.20 6.63 27.10
N GLY B 82 5.02 7.25 27.02
CA GLY B 82 4.91 8.52 26.33
C GLY B 82 5.76 9.63 26.93
N GLN B 83 6.09 9.53 28.21
CA GLN B 83 6.87 10.57 28.87
C GLN B 83 8.36 10.44 28.63
N ILE B 84 8.84 9.30 28.10
CA ILE B 84 10.26 9.13 27.81
C ILE B 84 10.69 9.88 26.56
N PHE B 85 9.76 10.44 25.80
CA PHE B 85 10.09 11.09 24.54
C PHE B 85 10.40 12.56 24.76
N ARG B 86 11.48 13.03 24.14
CA ARG B 86 11.85 14.42 24.17
C ARG B 86 10.67 15.28 23.73
N PRO B 87 10.16 16.23 24.55
CA PRO B 87 8.95 16.96 24.18
C PRO B 87 9.15 17.80 22.92
N ASP B 88 10.40 18.20 22.66
CA ASP B 88 10.67 19.09 21.51
C ASP B 88 10.74 18.28 20.21
N ASN B 89 10.59 16.96 20.29
CA ASN B 89 10.74 16.11 19.08
C ASN B 89 9.36 15.76 18.51
N PHE B 90 8.29 16.33 19.08
CA PHE B 90 6.95 16.16 18.54
C PHE B 90 6.70 17.27 17.53
N VAL B 91 6.65 16.91 16.24
CA VAL B 91 6.24 17.83 15.19
C VAL B 91 4.96 17.31 14.58
N PHE B 92 3.93 18.15 14.56
CA PHE B 92 2.63 17.75 14.05
C PHE B 92 1.91 18.95 13.46
N GLY B 93 1.01 18.68 12.53
CA GLY B 93 0.11 19.69 11.99
C GLY B 93 -1.29 19.53 12.54
N GLN B 94 -2.21 20.30 11.93
CA GLN B 94 -3.61 20.27 12.32
C GLN B 94 -4.55 19.82 11.22
N SER B 95 -4.07 19.71 9.97
CA SER B 95 -4.97 19.52 8.84
C SER B 95 -5.17 18.07 8.45
N GLY B 96 -4.24 17.19 8.78
CA GLY B 96 -4.32 15.81 8.34
C GLY B 96 -4.14 15.65 6.85
N ALA B 97 -3.86 14.42 6.42
CA ALA B 97 -3.64 14.12 5.00
C ALA B 97 -4.79 13.39 4.33
N GLY B 98 -5.83 13.00 5.06
CA GLY B 98 -7.01 12.45 4.39
C GLY B 98 -6.71 11.19 3.61
N ASN B 99 -5.78 10.38 4.10
CA ASN B 99 -5.42 9.12 3.44
C ASN B 99 -4.98 9.37 2.00
N ASN B 100 -4.45 10.57 1.73
CA ASN B 100 -4.16 11.01 0.37
C ASN B 100 -2.66 11.23 0.24
N TRP B 101 -2.00 10.41 -0.59
CA TRP B 101 -0.57 10.55 -0.81
C TRP B 101 -0.21 11.95 -1.25
N ALA B 102 -1.02 12.54 -2.13
CA ALA B 102 -0.71 13.87 -2.66
C ALA B 102 -0.65 14.91 -1.54
N LYS B 103 -1.66 14.91 -0.65
CA LYS B 103 -1.64 15.84 0.46
CA LYS B 103 -1.65 15.83 0.48
C LYS B 103 -0.40 15.65 1.32
N GLY B 104 -0.01 14.40 1.58
CA GLY B 104 1.15 14.16 2.42
C GLY B 104 2.46 14.55 1.75
N HIS B 105 2.55 14.38 0.44
CA HIS B 105 3.83 14.55 -0.25
C HIS B 105 4.01 15.92 -0.88
N TYR B 106 2.92 16.58 -1.28
CA TYR B 106 3.03 17.78 -2.10
C TYR B 106 2.43 19.02 -1.45
N THR B 107 1.24 18.92 -0.87
CA THR B 107 0.49 20.10 -0.44
C THR B 107 0.57 20.29 1.08
N GLU B 108 -0.07 19.42 1.86
CA GLU B 108 -0.11 19.63 3.31
C GLU B 108 1.25 19.39 3.94
N GLY B 109 1.92 18.30 3.56
CA GLY B 109 3.22 18.01 4.13
C GLY B 109 4.31 18.99 3.75
N ALA B 110 4.07 19.79 2.70
CA ALA B 110 5.14 20.66 2.18
C ALA B 110 5.57 21.69 3.22
N GLU B 111 4.67 22.08 4.13
CA GLU B 111 4.93 23.19 5.04
C GLU B 111 5.42 22.72 6.38
N LEU B 112 5.14 21.47 6.75
CA LEU B 112 5.66 20.90 7.99
C LEU B 112 7.06 20.31 7.82
N VAL B 113 7.51 20.08 6.58
CA VAL B 113 8.70 19.28 6.34
C VAL B 113 9.96 19.97 6.85
N ASP B 114 10.01 21.30 6.83
CA ASP B 114 11.20 21.97 7.36
C ASP B 114 11.26 21.87 8.87
N SER B 115 10.13 22.06 9.55
CA SER B 115 10.09 21.88 11.00
C SER B 115 10.63 20.50 11.39
N VAL B 116 10.29 19.48 10.62
CA VAL B 116 10.79 18.13 10.87
C VAL B 116 12.28 18.07 10.59
N LEU B 117 12.71 18.63 9.45
CA LEU B 117 14.13 18.61 9.12
C LEU B 117 14.96 19.36 10.14
N ASP B 118 14.39 20.40 10.76
CA ASP B 118 15.13 21.15 11.78
C ASP B 118 15.44 20.27 12.99
N VAL B 119 14.53 19.36 13.34
CA VAL B 119 14.78 18.48 14.52
C VAL B 119 15.80 17.39 14.13
N VAL B 120 15.58 16.74 12.99
CA VAL B 120 16.52 15.69 12.52
C VAL B 120 17.94 16.21 12.69
N ARG B 121 18.21 17.40 12.14
CA ARG B 121 19.58 17.97 12.18
C ARG B 121 20.01 18.14 13.64
N LYS B 122 19.29 18.94 14.41
CA LYS B 122 19.61 19.07 15.85
C LYS B 122 19.96 17.68 16.38
N GLU B 123 19.16 16.67 16.04
CA GLU B 123 19.45 15.35 16.60
C GLU B 123 20.69 14.72 15.99
N SER B 124 20.89 14.90 14.68
CA SER B 124 22.11 14.42 14.04
C SER B 124 23.32 15.20 14.51
N GLU B 125 23.17 16.52 14.73
CA GLU B 125 24.26 17.33 15.24
C GLU B 125 24.89 16.69 16.47
N SER B 126 24.07 16.16 17.36
CA SER B 126 24.53 15.58 18.62
C SER B 126 25.11 14.18 18.46
N CYS B 127 25.21 13.66 17.25
CA CYS B 127 25.69 12.28 17.05
C CYS B 127 27.19 12.27 16.83
N ASP B 128 27.88 11.41 17.58
CA ASP B 128 29.34 11.33 17.47
C ASP B 128 29.76 10.64 16.17
N CYS B 129 29.01 9.65 15.72
CA CYS B 129 29.32 8.88 14.53
C CYS B 129 28.00 8.42 13.89
N LEU B 130 27.19 9.38 13.45
CA LEU B 130 25.87 9.05 12.94
C LEU B 130 25.94 7.98 11.86
N GLN B 131 25.09 6.98 12.00
CA GLN B 131 25.11 5.78 11.18
C GLN B 131 24.07 5.80 10.06
N GLY B 132 22.93 6.42 10.29
CA GLY B 132 21.86 6.44 9.31
C GLY B 132 20.53 6.66 10.00
N PHE B 133 19.46 6.54 9.21
CA PHE B 133 18.13 6.84 9.68
C PHE B 133 17.22 5.62 9.55
N GLN B 134 16.27 5.53 10.46
CA GLN B 134 15.31 4.42 10.49
C GLN B 134 13.92 5.02 10.58
N LEU B 135 13.04 4.66 9.64
CA LEU B 135 11.72 5.25 9.52
C LEU B 135 10.63 4.19 9.59
N THR B 136 9.60 4.50 10.38
CA THR B 136 8.40 3.61 10.48
CA THR B 136 8.39 3.64 10.45
C THR B 136 7.17 4.33 9.91
N HIS B 137 6.41 3.64 9.05
CA HIS B 137 5.26 4.23 8.38
C HIS B 137 4.50 3.14 7.65
N SER B 138 3.26 3.46 7.30
CA SER B 138 2.51 2.64 6.37
C SER B 138 2.62 3.23 4.98
N LEU B 139 2.30 2.41 3.97
CA LEU B 139 2.27 2.88 2.59
C LEU B 139 0.87 3.14 2.07
N GLY B 140 -0.17 2.83 2.85
CA GLY B 140 -1.55 2.93 2.33
C GLY B 140 -2.28 4.22 2.65
N GLY B 141 -1.71 5.07 3.50
CA GLY B 141 -2.34 6.34 3.88
C GLY B 141 -1.71 7.54 3.20
N GLY B 142 -1.61 8.66 3.90
CA GLY B 142 -1.09 9.89 3.29
C GLY B 142 0.11 10.47 4.02
N THR B 143 0.06 10.56 5.35
CA THR B 143 1.15 11.21 6.10
C THR B 143 2.41 10.33 6.03
N GLY B 144 2.33 9.10 6.51
CA GLY B 144 3.48 8.19 6.48
C GLY B 144 3.89 7.84 5.06
N SER B 145 2.92 7.59 4.20
CA SER B 145 3.20 7.29 2.77
CA SER B 145 3.22 7.28 2.78
C SER B 145 3.78 8.46 1.96
N GLY B 146 2.97 9.53 1.93
CA GLY B 146 3.40 10.69 1.14
C GLY B 146 4.40 11.55 1.89
N MET B 147 4.07 11.96 3.10
CA MET B 147 5.09 12.77 3.75
C MET B 147 6.32 11.93 4.10
N GLY B 148 6.11 10.67 4.48
CA GLY B 148 7.23 9.82 4.83
C GLY B 148 8.28 9.78 3.74
N THR B 149 7.84 9.49 2.51
CA THR B 149 8.77 9.43 1.39
C THR B 149 9.35 10.80 1.06
N LEU B 150 8.58 11.87 1.30
CA LEU B 150 9.11 13.21 1.12
C LEU B 150 10.28 13.47 2.06
N LEU B 151 10.16 13.01 3.31
CA LEU B 151 11.24 13.18 4.28
C LEU B 151 12.48 12.40 3.86
N ILE B 152 12.29 11.15 3.42
CA ILE B 152 13.42 10.36 2.92
C ILE B 152 14.18 11.12 1.85
N SER B 153 13.45 11.68 0.88
CA SER B 153 14.10 12.45 -0.20
C SER B 153 14.80 13.67 0.40
N LYS B 154 14.12 14.36 1.33
CA LYS B 154 14.74 15.51 1.98
C LYS B 154 16.01 15.09 2.72
N ILE B 155 15.93 14.02 3.49
CA ILE B 155 17.06 13.62 4.33
C ILE B 155 18.23 13.14 3.48
N ARG B 156 17.95 12.35 2.45
N ARG B 156 17.94 12.33 2.46
CA ARG B 156 19.04 11.86 1.59
CA ARG B 156 18.99 11.85 1.57
C ARG B 156 19.78 13.01 0.92
C ARG B 156 19.76 13.01 0.95
N GLU B 157 19.08 14.11 0.66
CA GLU B 157 19.72 15.26 0.03
C GLU B 157 20.80 15.86 0.93
N GLU B 158 20.59 15.85 2.25
CA GLU B 158 21.53 16.44 3.19
C GLU B 158 22.50 15.45 3.80
N TYR B 159 22.17 14.16 3.81
CA TYR B 159 23.07 13.11 4.28
C TYR B 159 23.20 12.05 3.20
N PRO B 160 23.76 12.42 2.04
CA PRO B 160 23.77 11.48 0.90
C PRO B 160 24.51 10.19 1.16
N ASP B 161 25.36 10.12 2.19
CA ASP B 161 26.19 8.95 2.42
C ASP B 161 25.85 8.20 3.70
N ARG B 162 24.79 8.61 4.40
CA ARG B 162 24.28 7.84 5.52
C ARG B 162 23.29 6.79 5.01
N ILE B 163 23.05 5.78 5.83
CA ILE B 163 22.20 4.66 5.45
C ILE B 163 20.74 5.01 5.76
N MET B 164 19.85 4.69 4.82
CA MET B 164 18.43 4.95 4.98
C MET B 164 17.68 3.62 5.02
N ASN B 165 17.03 3.35 6.14
CA ASN B 165 16.34 2.09 6.39
C ASN B 165 14.93 2.37 6.89
N THR B 166 13.96 1.58 6.40
CA THR B 166 12.56 1.80 6.74
C THR B 166 11.86 0.49 7.09
N PHE B 167 10.92 0.59 8.03
CA PHE B 167 9.94 -0.45 8.30
C PHE B 167 8.63 0.00 7.67
N SER B 168 8.26 -0.60 6.54
CA SER B 168 7.14 -0.13 5.73
C SER B 168 6.02 -1.16 5.78
N VAL B 169 4.82 -0.72 6.18
CA VAL B 169 3.67 -1.61 6.33
C VAL B 169 2.85 -1.58 5.05
N MET B 170 2.68 -2.74 4.42
CA MET B 170 1.94 -2.81 3.17
C MET B 170 0.44 -2.93 3.43
N PRO B 171 -0.39 -2.32 2.59
CA PRO B 171 -1.84 -2.40 2.76
C PRO B 171 -2.38 -3.74 2.28
N SER B 172 -3.58 -4.07 2.76
CA SER B 172 -4.24 -5.30 2.35
C SER B 172 -5.75 -5.14 2.44
N PRO B 173 -6.51 -5.66 1.48
CA PRO B 173 -7.97 -5.54 1.54
C PRO B 173 -8.58 -6.19 2.78
N LYS B 174 -7.79 -6.99 3.49
CA LYS B 174 -8.33 -7.69 4.68
C LYS B 174 -8.29 -6.76 5.88
N VAL B 175 -7.45 -5.72 5.83
CA VAL B 175 -7.40 -4.70 6.91
C VAL B 175 -7.31 -3.35 6.21
N SER B 176 -8.40 -2.91 5.58
CA SER B 176 -8.33 -1.68 4.76
C SER B 176 -9.05 -0.48 5.37
N ASP B 177 -8.40 0.68 5.31
CA ASP B 177 -9.05 1.91 5.73
C ASP B 177 -9.82 2.57 4.59
N THR B 178 -9.21 2.67 3.41
CA THR B 178 -9.87 3.25 2.26
C THR B 178 -9.50 2.45 1.02
N VAL B 179 -10.19 2.75 -0.08
CA VAL B 179 -9.96 2.02 -1.32
C VAL B 179 -8.73 2.48 -2.09
N VAL B 180 -8.23 3.69 -1.81
CA VAL B 180 -7.17 4.29 -2.61
C VAL B 180 -5.82 3.83 -2.09
N GLU B 181 -5.85 2.90 -1.12
CA GLU B 181 -4.60 2.38 -0.56
C GLU B 181 -3.65 1.84 -1.62
N PRO B 182 -4.11 1.17 -2.68
CA PRO B 182 -3.17 0.78 -3.74
C PRO B 182 -2.52 1.96 -4.44
N TYR B 183 -3.29 3.02 -4.71
CA TYR B 183 -2.68 4.23 -5.26
C TYR B 183 -1.57 4.74 -4.36
N ASN B 184 -1.86 4.87 -3.07
CA ASN B 184 -0.88 5.39 -2.12
C ASN B 184 0.35 4.49 -2.05
N ALA B 185 0.13 3.17 -2.06
CA ALA B 185 1.24 2.24 -1.93
C ALA B 185 2.15 2.27 -3.16
N THR B 186 1.56 2.25 -4.36
CA THR B 186 2.35 2.21 -5.58
C THR B 186 3.24 3.45 -5.71
N LEU B 187 2.69 4.62 -5.39
CA LEU B 187 3.48 5.85 -5.46
C LEU B 187 4.64 5.82 -4.47
N SER B 188 4.44 5.17 -3.32
CA SER B 188 5.51 5.10 -2.31
C SER B 188 6.57 4.08 -2.68
N VAL B 189 6.17 2.91 -3.21
CA VAL B 189 7.15 1.89 -3.58
C VAL B 189 8.13 2.44 -4.61
N HIS B 190 7.66 3.33 -5.48
CA HIS B 190 8.56 3.96 -6.45
C HIS B 190 9.60 4.83 -5.74
N GLN B 191 9.18 5.56 -4.70
CA GLN B 191 10.14 6.30 -3.89
C GLN B 191 11.14 5.36 -3.23
N LEU B 192 10.65 4.31 -2.59
CA LEU B 192 11.52 3.42 -1.82
C LEU B 192 12.57 2.76 -2.72
N VAL B 193 12.18 2.39 -3.95
CA VAL B 193 13.13 1.75 -4.85
C VAL B 193 14.31 2.67 -5.13
N GLU B 194 14.08 3.98 -5.12
CA GLU B 194 15.10 4.95 -5.50
C GLU B 194 15.88 5.51 -4.31
N ASN B 195 15.28 5.59 -3.13
CA ASN B 195 15.81 6.46 -2.09
C ASN B 195 16.18 5.78 -0.78
N THR B 196 15.96 4.48 -0.63
CA THR B 196 16.35 3.79 0.58
C THR B 196 17.32 2.65 0.26
N ASP B 197 18.11 2.30 1.27
CA ASP B 197 19.05 1.19 1.14
C ASP B 197 18.48 -0.13 1.64
N GLU B 198 17.61 -0.09 2.65
CA GLU B 198 17.00 -1.29 3.22
C GLU B 198 15.57 -0.96 3.60
N THR B 199 14.64 -1.82 3.19
CA THR B 199 13.23 -1.71 3.58
C THR B 199 12.75 -3.06 4.05
N TYR B 200 12.17 -3.10 5.25
CA TYR B 200 11.51 -4.29 5.75
C TYR B 200 10.06 -4.27 5.33
N CYS B 201 9.67 -5.22 4.48
CA CYS B 201 8.28 -5.34 4.04
C CYS B 201 7.48 -6.03 5.13
N ILE B 202 6.64 -5.27 5.82
CA ILE B 202 5.77 -5.77 6.86
C ILE B 202 4.35 -5.74 6.31
N ASP B 203 3.81 -6.91 5.99
CA ASP B 203 2.58 -7.03 5.21
C ASP B 203 1.37 -7.19 6.13
N ASN B 204 0.43 -6.23 6.04
CA ASN B 204 -0.78 -6.34 6.85
C ASN B 204 -1.59 -7.58 6.47
N GLU B 205 -1.52 -8.00 5.21
CA GLU B 205 -2.19 -9.23 4.80
C GLU B 205 -1.61 -10.44 5.55
N ALA B 206 -0.29 -10.54 5.58
CA ALA B 206 0.36 -11.61 6.34
C ALA B 206 0.05 -11.51 7.83
N LEU B 207 0.14 -10.30 8.40
CA LEU B 207 -0.16 -10.13 9.81
C LEU B 207 -1.58 -10.58 10.12
N TYR B 208 -2.53 -10.24 9.26
CA TYR B 208 -3.92 -10.69 9.46
C TYR B 208 -4.01 -12.21 9.47
N ASP B 209 -3.42 -12.85 8.46
CA ASP B 209 -3.54 -14.31 8.35
C ASP B 209 -2.92 -15.01 9.55
N ILE B 210 -1.80 -14.50 10.06
CA ILE B 210 -1.18 -15.10 11.23
C ILE B 210 -2.10 -14.99 12.45
N CYS B 211 -2.79 -13.85 12.60
CA CYS B 211 -3.66 -13.66 13.74
C CYS B 211 -4.90 -14.53 13.64
N PHE B 212 -5.50 -14.61 12.45
CA PHE B 212 -6.74 -15.34 12.24
C PHE B 212 -6.53 -16.82 11.98
N ARG B 213 -5.51 -17.17 11.21
CA ARG B 213 -5.31 -18.57 10.85
C ARG B 213 -4.54 -19.32 11.91
N THR B 214 -3.42 -18.76 12.35
CA THR B 214 -2.52 -19.46 13.27
C THR B 214 -2.87 -19.16 14.73
N LEU B 215 -2.89 -17.89 15.11
CA LEU B 215 -3.17 -17.48 16.48
C LEU B 215 -4.63 -17.64 16.87
N LYS B 216 -5.51 -18.01 15.93
CA LYS B 216 -6.89 -18.35 16.24
C LYS B 216 -7.67 -17.16 16.80
N LEU B 217 -7.35 -15.96 16.31
CA LEU B 217 -8.01 -14.74 16.72
C LEU B 217 -9.09 -14.42 15.70
N THR B 218 -10.35 -14.50 16.11
CA THR B 218 -11.45 -14.32 15.17
C THR B 218 -11.45 -12.91 14.58
N THR B 219 -11.55 -11.89 15.43
CA THR B 219 -11.63 -10.52 14.96
C THR B 219 -10.37 -9.74 15.33
N PRO B 220 -9.31 -9.84 14.53
CA PRO B 220 -8.05 -9.21 14.90
C PRO B 220 -8.13 -7.70 14.89
N THR B 221 -7.40 -7.09 15.82
CA THR B 221 -7.28 -5.64 15.92
C THR B 221 -5.87 -5.21 15.54
N TYR B 222 -5.70 -3.90 15.34
CA TYR B 222 -4.37 -3.36 15.07
C TYR B 222 -3.42 -3.63 16.23
N GLY B 223 -3.95 -3.70 17.46
CA GLY B 223 -3.12 -4.09 18.58
C GLY B 223 -2.55 -5.49 18.44
N ASP B 224 -3.38 -6.43 17.96
CA ASP B 224 -2.89 -7.77 17.70
C ASP B 224 -1.86 -7.75 16.58
N LEU B 225 -2.18 -7.08 15.47
CA LEU B 225 -1.22 -6.93 14.38
C LEU B 225 0.08 -6.33 14.88
N ASN B 226 0.00 -5.28 15.70
CA ASN B 226 1.20 -4.54 16.11
C ASN B 226 2.02 -5.32 17.13
N HIS B 227 1.42 -6.29 17.82
CA HIS B 227 2.20 -7.15 18.70
C HIS B 227 3.17 -8.01 17.89
N LEU B 228 2.75 -8.45 16.70
CA LEU B 228 3.65 -9.18 15.81
C LEU B 228 4.72 -8.25 15.24
N VAL B 229 4.37 -6.99 14.97
CA VAL B 229 5.31 -6.06 14.36
C VAL B 229 6.46 -5.76 15.32
N SER B 230 6.12 -5.46 16.58
CA SER B 230 7.14 -5.08 17.54
C SER B 230 8.07 -6.25 17.86
N ALA B 231 7.51 -7.45 17.96
CA ALA B 231 8.34 -8.63 18.13
C ALA B 231 9.33 -8.78 16.97
N THR B 232 8.88 -8.44 15.76
CA THR B 232 9.75 -8.57 14.58
C THR B 232 10.81 -7.45 14.62
N MET B 233 10.40 -6.24 15.01
CA MET B 233 11.33 -5.10 15.04
C MET B 233 12.38 -5.34 16.12
N SER B 234 11.97 -5.89 17.25
CA SER B 234 12.93 -6.24 18.29
C SER B 234 13.99 -7.18 17.75
N GLY B 235 13.57 -8.32 17.19
CA GLY B 235 14.51 -9.30 16.69
C GLY B 235 15.42 -8.74 15.61
N VAL B 236 14.83 -8.11 14.60
CA VAL B 236 15.60 -7.63 13.45
C VAL B 236 16.57 -6.53 13.80
N THR B 237 16.45 -5.90 14.98
CA THR B 237 17.41 -4.90 15.44
C THR B 237 18.31 -5.42 16.56
N THR B 238 18.16 -6.68 16.95
CA THR B 238 18.96 -7.23 18.03
C THR B 238 20.46 -7.06 17.77
N CYS B 239 20.90 -7.33 16.53
CA CYS B 239 22.32 -7.26 16.20
C CYS B 239 22.88 -5.85 16.28
N LEU B 240 22.02 -4.83 16.20
CA LEU B 240 22.45 -3.45 16.35
C LEU B 240 22.47 -2.98 17.80
N ARG B 241 21.74 -3.64 18.69
CA ARG B 241 21.54 -3.17 20.05
C ARG B 241 22.43 -3.85 21.07
N PHE B 242 22.82 -5.11 20.83
CA PHE B 242 23.61 -5.86 21.78
C PHE B 242 24.96 -6.25 21.17
N PRO B 243 25.99 -6.42 21.99
CA PRO B 243 27.27 -6.86 21.46
C PRO B 243 27.27 -8.34 21.14
N GLY B 244 28.12 -8.72 20.18
CA GLY B 244 28.22 -10.11 19.80
C GLY B 244 29.46 -10.36 18.96
N GLN B 245 29.66 -11.64 18.64
CA GLN B 245 30.73 -12.00 17.70
C GLN B 245 30.61 -11.22 16.40
N LEU B 246 29.39 -10.78 16.05
CA LEU B 246 29.11 -9.94 14.89
C LEU B 246 28.57 -8.61 15.40
N ASN B 247 29.42 -7.59 15.44
CA ASN B 247 29.00 -6.22 15.75
C ASN B 247 28.44 -5.59 14.49
N ALA B 248 27.13 -5.74 14.31
CA ALA B 248 26.49 -5.32 13.07
C ALA B 248 26.12 -3.85 13.11
N ASP B 249 26.11 -3.23 11.93
CA ASP B 249 25.58 -1.89 11.72
C ASP B 249 24.79 -1.89 10.42
N LEU B 250 24.19 -0.75 10.10
CA LEU B 250 23.29 -0.71 8.95
C LEU B 250 24.04 -0.94 7.65
N ARG B 251 25.26 -0.40 7.53
CA ARG B 251 25.99 -0.54 6.27
C ARG B 251 26.46 -1.98 6.05
N LYS B 252 27.10 -2.57 7.05
CA LYS B 252 27.48 -3.98 6.94
C LYS B 252 26.26 -4.85 6.62
N LEU B 253 25.11 -4.51 7.20
CA LEU B 253 23.87 -5.21 6.86
C LEU B 253 23.56 -5.08 5.38
N ALA B 254 23.67 -3.86 4.85
CA ALA B 254 23.31 -3.62 3.45
C ALA B 254 24.31 -4.27 2.50
N VAL B 255 25.60 -4.20 2.78
CA VAL B 255 26.65 -4.69 1.84
C VAL B 255 26.53 -6.20 1.69
N ASN B 256 26.03 -6.89 2.71
CA ASN B 256 25.98 -8.38 2.72
C ASN B 256 24.58 -8.87 2.35
N MET B 257 23.55 -8.03 2.46
CA MET B 257 22.15 -8.46 2.21
C MET B 257 21.67 -8.03 0.81
N VAL B 258 22.20 -7.00 0.20
CA VAL B 258 21.69 -6.51 -1.12
C VAL B 258 22.75 -6.73 -2.21
N PRO B 259 22.54 -7.70 -3.12
CA PRO B 259 23.49 -7.97 -4.20
C PRO B 259 23.32 -7.00 -5.37
N PHE B 260 22.13 -6.48 -5.56
CA PHE B 260 21.82 -5.54 -6.63
C PHE B 260 21.03 -4.38 -6.02
N PRO B 261 21.40 -3.12 -6.31
CA PRO B 261 20.88 -2.00 -5.52
C PRO B 261 19.36 -1.95 -5.39
N ARG B 262 18.62 -2.15 -6.48
CA ARG B 262 17.18 -1.98 -6.43
C ARG B 262 16.50 -3.07 -5.60
N LEU B 263 17.11 -4.24 -5.50
CA LEU B 263 16.51 -5.36 -4.77
C LEU B 263 16.91 -5.29 -3.29
N HIS B 264 16.28 -4.36 -2.56
CA HIS B 264 16.59 -4.13 -1.16
C HIS B 264 15.34 -4.20 -0.28
N PHE B 265 14.43 -5.10 -0.61
CA PHE B 265 13.21 -5.30 0.15
C PHE B 265 13.26 -6.69 0.78
N PHE B 266 13.15 -6.74 2.11
CA PHE B 266 13.39 -7.96 2.86
C PHE B 266 12.08 -8.53 3.42
N MET B 267 12.00 -9.86 3.43
CA MET B 267 10.92 -10.56 4.12
C MET B 267 11.36 -10.88 5.54
N PRO B 268 10.66 -10.38 6.56
CA PRO B 268 10.96 -10.78 7.94
C PRO B 268 10.22 -12.04 8.36
N GLY B 269 10.86 -12.78 9.26
CA GLY B 269 10.27 -13.99 9.81
C GLY B 269 10.58 -14.12 11.28
N PHE B 270 9.63 -14.67 12.03
CA PHE B 270 9.77 -14.72 13.47
C PHE B 270 9.21 -16.02 14.02
N ALA B 271 9.81 -16.51 15.10
CA ALA B 271 9.37 -17.70 15.81
C ALA B 271 9.79 -17.60 17.27
N PRO B 272 8.95 -18.05 18.21
CA PRO B 272 7.62 -18.65 18.00
C PRO B 272 6.55 -17.58 17.88
N LEU B 273 5.43 -17.89 17.23
CA LEU B 273 4.33 -16.94 17.11
C LEU B 273 3.50 -16.97 18.39
N THR B 274 3.59 -15.88 19.15
CA THR B 274 2.87 -15.79 20.45
C THR B 274 1.82 -14.69 20.38
N SER B 275 0.90 -14.67 21.34
CA SER B 275 -0.20 -13.67 21.33
C SER B 275 -0.08 -12.74 22.54
N ARG B 276 -1.04 -11.83 22.70
CA ARG B 276 -1.01 -10.84 23.80
C ARG B 276 -0.68 -11.55 25.12
N GLY B 277 -1.69 -12.15 25.76
CA GLY B 277 -1.44 -12.89 27.01
C GLY B 277 -0.44 -14.02 26.78
N SER B 278 -0.70 -14.87 25.78
CA SER B 278 0.17 -16.05 25.53
C SER B 278 0.35 -16.82 26.84
N GLN B 279 1.46 -17.56 26.96
CA GLN B 279 1.73 -18.37 28.17
C GLN B 279 3.14 -18.95 28.06
N GLN B 280 3.43 -19.61 26.94
CA GLN B 280 4.78 -20.17 26.72
C GLN B 280 5.19 -21.01 27.92
N TYR B 281 4.52 -22.15 28.16
CA TYR B 281 4.95 -23.04 29.23
C TYR B 281 5.97 -24.05 28.73
N ARG B 282 5.76 -24.58 27.54
CA ARG B 282 6.73 -25.45 26.88
C ARG B 282 7.68 -24.58 26.07
N ALA B 283 8.98 -24.69 26.37
CA ALA B 283 9.98 -24.07 25.53
C ALA B 283 10.10 -24.85 24.22
N LEU B 284 10.73 -24.22 23.22
CA LEU B 284 10.91 -24.83 21.91
C LEU B 284 12.36 -25.26 21.72
N THR B 285 12.53 -26.48 21.21
CA THR B 285 13.86 -27.00 20.87
C THR B 285 14.36 -26.17 19.69
N VAL B 286 15.66 -25.96 19.54
CA VAL B 286 16.21 -25.25 18.39
C VAL B 286 15.71 -25.85 17.10
N PRO B 287 15.60 -27.19 16.98
CA PRO B 287 15.01 -27.79 15.79
C PRO B 287 13.61 -27.22 15.49
N GLU B 288 12.75 -27.00 16.48
CA GLU B 288 11.43 -26.40 16.31
C GLU B 288 11.55 -24.93 15.91
N LEU B 289 12.33 -24.16 16.67
CA LEU B 289 12.56 -22.76 16.33
C LEU B 289 12.98 -22.62 14.87
N THR B 290 13.92 -23.46 14.42
CA THR B 290 14.45 -23.34 13.06
C THR B 290 13.40 -23.71 12.02
N GLN B 291 12.64 -24.79 12.25
CA GLN B 291 11.67 -25.23 11.26
C GLN B 291 10.48 -24.27 11.18
N GLN B 292 10.10 -23.65 12.30
CA GLN B 292 9.02 -22.67 12.28
C GLN B 292 9.46 -21.41 11.55
N MET B 293 10.67 -20.92 11.84
CA MET B 293 11.14 -19.68 11.25
C MET B 293 10.97 -19.68 9.74
N PHE B 294 11.21 -20.82 9.10
CA PHE B 294 11.29 -20.88 7.65
C PHE B 294 10.00 -21.32 6.98
N ASP B 295 8.97 -21.67 7.75
CA ASP B 295 7.68 -21.99 7.16
C ASP B 295 6.97 -20.72 6.72
N SER B 296 6.18 -20.84 5.65
CA SER B 296 5.49 -19.67 5.12
C SER B 296 4.53 -19.08 6.14
N LYS B 297 4.00 -19.90 7.06
CA LYS B 297 3.06 -19.40 8.03
C LYS B 297 3.71 -18.51 9.09
N ASN B 298 5.03 -18.39 9.08
CA ASN B 298 5.73 -17.48 9.98
C ASN B 298 6.31 -16.28 9.24
N MET B 299 5.97 -16.10 7.97
CA MET B 299 6.48 -15.00 7.17
C MET B 299 5.65 -13.74 7.45
N MET B 300 6.33 -12.61 7.61
CA MET B 300 5.62 -11.34 7.91
C MET B 300 5.24 -10.66 6.59
N ALA B 301 5.43 -11.36 5.47
CA ALA B 301 5.01 -10.83 4.15
C ALA B 301 4.34 -11.97 3.39
N ALA B 302 3.10 -11.77 2.96
CA ALA B 302 2.33 -12.85 2.30
C ALA B 302 3.03 -13.30 1.02
N CYS B 303 4.08 -14.10 1.15
CA CYS B 303 4.80 -14.62 -0.03
C CYS B 303 5.20 -16.06 0.24
N ASP B 304 4.96 -16.96 -0.71
CA ASP B 304 5.39 -18.37 -0.54
C ASP B 304 6.86 -18.47 -0.94
N PRO B 305 7.80 -18.58 0.01
CA PRO B 305 9.21 -18.60 -0.33
C PRO B 305 9.53 -19.72 -1.33
N ARG B 306 8.78 -20.83 -1.28
CA ARG B 306 9.04 -21.90 -2.23
C ARG B 306 8.76 -21.47 -3.66
N HIS B 307 7.93 -20.45 -3.85
CA HIS B 307 7.70 -19.88 -5.17
C HIS B 307 8.90 -19.09 -5.69
N GLY B 308 9.89 -18.84 -4.86
CA GLY B 308 11.06 -18.07 -5.25
C GLY B 308 12.36 -18.64 -4.75
N ARG B 309 13.37 -17.79 -4.58
CA ARG B 309 14.69 -18.23 -4.15
C ARG B 309 15.32 -17.19 -3.24
N TYR B 310 16.02 -17.66 -2.21
CA TYR B 310 16.69 -16.76 -1.28
C TYR B 310 18.02 -16.32 -1.86
N LEU B 311 18.16 -15.01 -2.08
CA LEU B 311 19.45 -14.46 -2.50
C LEU B 311 20.42 -14.41 -1.33
N THR B 312 19.93 -13.87 -0.22
CA THR B 312 20.74 -13.74 1.00
C THR B 312 19.80 -13.99 2.17
N VAL B 313 20.28 -14.67 3.21
CA VAL B 313 19.44 -14.92 4.41
C VAL B 313 20.23 -14.49 5.66
N ALA B 314 19.52 -13.97 6.65
CA ALA B 314 20.19 -13.50 7.88
C ALA B 314 19.32 -13.92 9.07
N ALA B 315 19.90 -14.64 10.02
CA ALA B 315 19.08 -15.17 11.14
C ALA B 315 19.77 -14.97 12.48
N ILE B 316 18.98 -14.66 13.50
CA ILE B 316 19.48 -14.43 14.88
C ILE B 316 18.72 -15.32 15.86
N PHE B 317 19.38 -16.11 16.70
CA PHE B 317 18.74 -16.87 17.75
C PHE B 317 19.03 -16.18 19.07
N ARG B 318 17.99 -15.98 19.88
CA ARG B 318 18.08 -15.21 21.11
C ARG B 318 17.76 -16.11 22.30
N GLY B 319 18.70 -16.21 23.22
CA GLY B 319 18.52 -16.98 24.44
C GLY B 319 19.68 -17.92 24.68
N ARG B 320 19.62 -18.60 25.82
CA ARG B 320 20.65 -19.56 26.21
C ARG B 320 20.41 -20.88 25.48
N MET B 321 21.21 -21.12 24.44
CA MET B 321 21.05 -22.35 23.61
C MET B 321 22.41 -22.78 23.12
N SER B 322 22.60 -24.08 22.88
CA SER B 322 23.83 -24.58 22.30
C SER B 322 24.07 -23.93 20.94
N MET B 323 25.11 -23.10 20.85
CA MET B 323 25.48 -22.54 19.56
C MET B 323 25.84 -23.65 18.56
N LYS B 324 26.21 -24.83 19.05
CA LYS B 324 26.47 -25.96 18.16
C LYS B 324 25.19 -26.47 17.53
N GLU B 325 24.15 -26.67 18.34
CA GLU B 325 22.88 -27.15 17.79
C GLU B 325 22.21 -26.12 16.90
N VAL B 326 22.46 -24.83 17.15
CA VAL B 326 22.02 -23.80 16.21
C VAL B 326 22.72 -23.98 14.87
N ASP B 327 24.05 -24.12 14.90
CA ASP B 327 24.81 -24.37 13.68
C ASP B 327 24.28 -25.60 12.96
N GLU B 328 24.17 -26.72 13.69
CA GLU B 328 23.70 -27.97 13.10
C GLU B 328 22.31 -27.80 12.46
N GLN B 329 21.37 -27.23 13.20
CA GLN B 329 20.00 -27.12 12.69
C GLN B 329 19.91 -26.18 11.50
N MET B 330 20.74 -25.13 11.46
CA MET B 330 20.69 -24.20 10.34
C MET B 330 21.23 -24.83 9.07
N LEU B 331 22.35 -25.56 9.18
CA LEU B 331 22.90 -26.24 8.02
C LEU B 331 22.01 -27.37 7.54
N ASN B 332 21.25 -27.97 8.46
CA ASN B 332 20.28 -28.98 8.04
C ASN B 332 19.15 -28.37 7.22
N VAL B 333 18.82 -27.10 7.49
CA VAL B 333 17.71 -26.43 6.74
C VAL B 333 18.19 -26.17 5.31
N GLN B 334 19.37 -25.58 5.16
CA GLN B 334 19.87 -25.29 3.83
C GLN B 334 19.91 -26.54 2.96
N ASN B 335 20.19 -27.70 3.55
CA ASN B 335 20.23 -28.95 2.83
C ASN B 335 18.84 -29.55 2.61
N LYS B 336 17.87 -29.23 3.46
CA LYS B 336 16.50 -29.66 3.27
C LYS B 336 15.74 -28.81 2.25
N ASN B 337 16.27 -27.64 1.90
CA ASN B 337 15.65 -26.76 0.90
C ASN B 337 16.71 -26.16 -0.01
N SER B 338 17.64 -26.99 -0.47
CA SER B 338 18.76 -26.49 -1.26
C SER B 338 18.29 -25.73 -2.50
N SER B 339 17.17 -26.14 -3.08
CA SER B 339 16.69 -25.53 -4.32
C SER B 339 16.01 -24.19 -4.12
N TYR B 340 15.86 -23.73 -2.88
CA TYR B 340 15.30 -22.42 -2.59
C TYR B 340 16.38 -21.39 -2.26
N PHE B 341 17.65 -21.75 -2.45
CA PHE B 341 18.76 -20.85 -2.28
C PHE B 341 19.52 -20.81 -3.60
N VAL B 342 19.84 -19.60 -4.06
CA VAL B 342 20.63 -19.47 -5.28
C VAL B 342 22.00 -20.08 -5.04
N GLU B 343 22.58 -20.65 -6.09
CA GLU B 343 23.88 -21.30 -5.99
C GLU B 343 25.03 -20.41 -6.48
N TRP B 344 24.75 -19.23 -7.04
CA TRP B 344 25.82 -18.34 -7.47
C TRP B 344 26.21 -17.32 -6.40
N ILE B 345 25.62 -17.38 -5.21
CA ILE B 345 26.10 -16.60 -4.07
C ILE B 345 26.51 -17.59 -2.98
N PRO B 346 27.77 -18.01 -2.94
CA PRO B 346 28.19 -19.00 -1.94
C PRO B 346 27.93 -18.49 -0.53
N ASN B 347 27.62 -19.42 0.38
CA ASN B 347 27.53 -19.15 1.80
C ASN B 347 26.66 -17.91 2.08
N ASN B 348 25.52 -17.83 1.41
CA ASN B 348 24.64 -16.67 1.49
C ASN B 348 23.69 -16.70 2.68
N VAL B 349 23.81 -17.70 3.55
CA VAL B 349 23.01 -17.79 4.76
C VAL B 349 23.93 -17.56 5.95
N LYS B 350 23.66 -16.49 6.71
CA LYS B 350 24.45 -16.12 7.87
C LYS B 350 23.55 -16.10 9.10
N THR B 351 24.00 -16.74 10.16
CA THR B 351 23.25 -16.84 11.40
C THR B 351 24.08 -16.32 12.56
N ALA B 352 23.43 -15.60 13.48
CA ALA B 352 24.07 -15.07 14.67
C ALA B 352 23.24 -15.41 15.90
N VAL B 353 23.92 -15.35 17.05
CA VAL B 353 23.24 -15.72 18.31
C VAL B 353 23.48 -14.63 19.36
N CYS B 354 22.48 -14.36 20.18
CA CYS B 354 22.54 -13.38 21.26
C CYS B 354 21.84 -13.96 22.47
N ASP B 355 22.55 -14.03 23.61
CA ASP B 355 22.02 -14.74 24.81
C ASP B 355 20.94 -13.96 25.56
N ILE B 356 20.56 -12.78 25.08
CA ILE B 356 19.53 -11.98 25.72
C ILE B 356 18.23 -12.21 24.96
N PRO B 357 17.26 -12.91 25.54
CA PRO B 357 15.99 -13.13 24.86
C PRO B 357 15.04 -11.98 25.10
N PRO B 358 13.96 -11.88 24.32
CA PRO B 358 12.96 -10.85 24.56
C PRO B 358 12.10 -11.20 25.78
N ARG B 359 11.33 -10.20 26.21
CA ARG B 359 10.53 -10.35 27.41
C ARG B 359 9.49 -11.46 27.24
N GLY B 360 9.46 -12.39 28.19
CA GLY B 360 8.45 -13.43 28.19
C GLY B 360 8.70 -14.60 27.27
N LEU B 361 9.96 -14.86 26.92
CA LEU B 361 10.29 -15.97 26.04
C LEU B 361 11.67 -16.49 26.39
N LYS B 362 11.78 -17.80 26.57
CA LYS B 362 13.07 -18.39 26.90
C LYS B 362 14.03 -18.39 25.73
N MET B 363 13.49 -18.43 24.51
CA MET B 363 14.35 -18.37 23.31
C MET B 363 13.50 -18.08 22.07
N SER B 364 14.07 -17.39 21.08
CA SER B 364 13.32 -17.03 19.89
C SER B 364 14.26 -16.98 18.70
N ALA B 365 13.68 -16.78 17.52
CA ALA B 365 14.46 -16.67 16.30
C ALA B 365 13.82 -15.64 15.38
N THR B 366 14.65 -14.81 14.76
CA THR B 366 14.19 -13.85 13.76
C THR B 366 15.04 -14.00 12.51
N PHE B 367 14.40 -13.75 11.36
CA PHE B 367 15.08 -14.01 10.08
C PHE B 367 14.68 -13.03 8.98
N ILE B 368 15.66 -12.43 8.31
CA ILE B 368 15.44 -11.61 7.12
C ILE B 368 15.86 -12.42 5.91
N GLY B 369 14.98 -12.43 4.91
CA GLY B 369 15.32 -13.04 3.65
C GLY B 369 15.23 -12.00 2.55
N ASN B 370 16.24 -11.97 1.70
CA ASN B 370 16.17 -11.26 0.43
C ASN B 370 15.79 -12.31 -0.62
N SER B 371 14.48 -12.44 -0.86
CA SER B 371 13.95 -13.52 -1.68
C SER B 371 13.19 -12.96 -2.87
N THR B 372 13.31 -13.65 -4.01
CA THR B 372 12.57 -13.26 -5.21
C THR B 372 11.07 -13.44 -5.03
N ALA B 373 10.64 -14.21 -4.03
CA ALA B 373 9.22 -14.40 -3.82
C ALA B 373 8.52 -13.11 -3.43
N ILE B 374 9.26 -12.09 -3.00
CA ILE B 374 8.70 -10.79 -2.65
C ILE B 374 7.94 -10.24 -3.85
N GLN B 375 8.29 -10.70 -5.04
CA GLN B 375 7.62 -10.21 -6.24
C GLN B 375 6.11 -10.44 -6.18
N GLU B 376 5.67 -11.49 -5.49
CA GLU B 376 4.24 -11.72 -5.34
C GLU B 376 3.55 -10.55 -4.66
N LEU B 377 4.19 -9.97 -3.65
CA LEU B 377 3.60 -8.80 -2.96
C LEU B 377 3.39 -7.69 -3.98
N PHE B 378 4.47 -7.24 -4.63
CA PHE B 378 4.34 -6.13 -5.56
C PHE B 378 3.35 -6.44 -6.68
N LYS B 379 3.25 -7.71 -7.08
CA LYS B 379 2.25 -8.08 -8.09
C LYS B 379 0.84 -7.86 -7.57
N ARG B 380 0.60 -8.24 -6.32
CA ARG B 380 -0.74 -8.09 -5.74
C ARG B 380 -1.15 -6.62 -5.69
N ILE B 381 -0.26 -5.75 -5.24
CA ILE B 381 -0.58 -4.32 -5.21
C ILE B 381 -0.74 -3.79 -6.63
N SER B 382 0.05 -4.31 -7.56
CA SER B 382 -0.02 -3.84 -8.94
C SER B 382 -1.36 -4.17 -9.58
N GLU B 383 -1.88 -5.37 -9.31
CA GLU B 383 -3.16 -5.76 -9.87
C GLU B 383 -4.29 -4.90 -9.36
N GLN B 384 -4.23 -4.49 -8.09
CA GLN B 384 -5.28 -3.64 -7.53
C GLN B 384 -5.15 -2.20 -8.02
N PHE B 385 -3.92 -1.70 -8.13
CA PHE B 385 -3.69 -0.42 -8.79
C PHE B 385 -4.33 -0.39 -10.17
N THR B 386 -4.09 -1.43 -10.96
CA THR B 386 -4.49 -1.39 -12.36
C THR B 386 -5.99 -1.47 -12.52
N ALA B 387 -6.66 -2.25 -11.66
CA ALA B 387 -8.11 -2.37 -11.78
C ALA B 387 -8.78 -1.02 -11.64
N MET B 388 -8.25 -0.16 -10.77
CA MET B 388 -8.80 1.17 -10.58
C MET B 388 -8.28 2.16 -11.62
N PHE B 389 -6.96 2.20 -11.80
CA PHE B 389 -6.37 3.16 -12.74
C PHE B 389 -6.90 2.94 -14.15
N ARG B 390 -7.14 1.68 -14.52
CA ARG B 390 -7.71 1.41 -15.84
C ARG B 390 -8.90 2.32 -16.13
N ARG B 391 -9.71 2.61 -15.12
CA ARG B 391 -10.89 3.47 -15.28
C ARG B 391 -10.70 4.84 -14.66
N LYS B 392 -9.50 5.16 -14.19
CA LYS B 392 -9.20 6.44 -13.57
C LYS B 392 -10.11 6.74 -12.39
N ALA B 393 -10.49 5.72 -11.63
CA ALA B 393 -11.41 5.88 -10.52
C ALA B 393 -10.69 6.49 -9.32
N PHE B 394 -11.35 7.43 -8.65
CA PHE B 394 -10.84 8.11 -7.47
C PHE B 394 -9.61 8.96 -7.79
N LEU B 395 -9.27 9.14 -9.07
CA LEU B 395 -8.11 9.95 -9.42
C LEU B 395 -8.29 11.41 -9.04
N HIS B 396 -9.54 11.89 -9.01
CA HIS B 396 -9.78 13.31 -8.74
C HIS B 396 -9.28 13.72 -7.36
N TRP B 397 -9.23 12.79 -6.41
CA TRP B 397 -8.70 13.11 -5.10
C TRP B 397 -7.23 13.51 -5.18
N TYR B 398 -6.52 13.09 -6.23
CA TYR B 398 -5.10 13.39 -6.41
C TYR B 398 -4.85 14.50 -7.40
N THR B 399 -5.58 14.52 -8.53
CA THR B 399 -5.39 15.59 -9.50
C THR B 399 -5.85 16.93 -8.95
N GLY B 400 -6.79 16.93 -8.01
CA GLY B 400 -7.18 18.16 -7.36
C GLY B 400 -6.12 18.74 -6.44
N GLU B 401 -5.03 18.02 -6.24
CA GLU B 401 -3.89 18.49 -5.45
C GLU B 401 -2.67 18.78 -6.32
N GLY B 402 -2.86 18.95 -7.62
CA GLY B 402 -1.80 19.34 -8.52
C GLY B 402 -1.14 18.19 -9.26
N MET B 403 -1.48 16.94 -8.92
CA MET B 403 -0.85 15.78 -9.54
C MET B 403 -1.42 15.52 -10.93
N ASP B 404 -0.57 14.96 -11.78
CA ASP B 404 -0.95 14.57 -13.13
CA ASP B 404 -0.91 14.57 -13.14
C ASP B 404 -0.99 13.05 -13.24
N GLU B 405 -1.70 12.58 -14.27
CA GLU B 405 -1.82 11.14 -14.48
C GLU B 405 -0.46 10.52 -14.77
N MET B 406 0.39 11.22 -15.52
CA MET B 406 1.70 10.68 -15.88
C MET B 406 2.47 10.19 -14.66
N GLU B 407 2.30 10.85 -13.52
CA GLU B 407 3.00 10.42 -12.32
C GLU B 407 2.57 9.02 -11.90
N PHE B 408 1.27 8.74 -11.95
CA PHE B 408 0.79 7.38 -11.70
C PHE B 408 1.37 6.41 -12.72
N THR B 409 1.21 6.72 -14.01
CA THR B 409 1.78 5.87 -15.06
C THR B 409 3.25 5.59 -14.78
N GLU B 410 4.01 6.63 -14.45
CA GLU B 410 5.43 6.43 -14.15
C GLU B 410 5.60 5.50 -12.95
N ALA B 411 4.82 5.71 -11.89
CA ALA B 411 5.02 4.94 -10.67
C ALA B 411 4.80 3.45 -10.90
N GLU B 412 3.75 3.10 -11.65
CA GLU B 412 3.44 1.69 -11.85
C GLU B 412 4.43 1.05 -12.82
N SER B 413 4.82 1.78 -13.88
CA SER B 413 5.81 1.24 -14.80
CA SER B 413 5.82 1.24 -14.80
C SER B 413 7.08 0.82 -14.06
N ASN B 414 7.48 1.61 -13.05
CA ASN B 414 8.71 1.28 -12.33
CA ASN B 414 8.70 1.29 -12.29
C ASN B 414 8.50 0.09 -11.39
N MET B 415 7.28 -0.14 -10.91
CA MET B 415 7.01 -1.28 -10.05
C MET B 415 6.92 -2.58 -10.83
N ASN B 416 6.43 -2.52 -12.07
CA ASN B 416 6.44 -3.71 -12.93
C ASN B 416 7.87 -4.08 -13.33
N ASP B 417 8.73 -3.08 -13.54
CA ASP B 417 10.14 -3.36 -13.76
C ASP B 417 10.73 -4.11 -12.56
N LEU B 418 10.49 -3.60 -11.36
CA LEU B 418 11.00 -4.26 -10.16
C LEU B 418 10.56 -5.72 -10.10
N VAL B 419 9.30 -6.00 -10.45
CA VAL B 419 8.84 -7.38 -10.52
C VAL B 419 9.66 -8.16 -11.54
N SER B 420 9.94 -7.52 -12.68
CA SER B 420 10.73 -8.20 -13.73
C SER B 420 12.13 -8.54 -13.23
N GLU B 421 12.82 -7.58 -12.61
CA GLU B 421 14.21 -7.82 -12.15
C GLU B 421 14.22 -9.01 -11.18
N TYR B 422 13.27 -9.05 -10.26
CA TYR B 422 13.19 -10.18 -9.31
C TYR B 422 13.01 -11.48 -10.12
N GLN B 423 12.10 -11.47 -11.09
CA GLN B 423 11.90 -12.67 -11.89
C GLN B 423 13.17 -13.08 -12.63
N GLN B 424 14.06 -12.12 -12.88
CA GLN B 424 15.24 -12.40 -13.70
C GLN B 424 16.24 -13.28 -12.96
N TYR B 425 16.32 -13.16 -11.64
CA TYR B 425 17.24 -13.97 -10.84
C TYR B 425 16.57 -15.22 -10.29
N GLN B 426 15.24 -15.31 -10.37
CA GLN B 426 14.56 -16.57 -10.07
C GLN B 426 14.94 -17.67 -11.05
N ASP B 427 15.47 -17.30 -12.21
CA ASP B 427 15.87 -18.25 -13.25
C ASP B 427 17.37 -18.10 -13.52
N ALA B 428 18.19 -18.46 -12.54
CA ALA B 428 19.64 -18.32 -12.65
C ALA B 428 20.38 -19.58 -12.20
N MET C 1 -12.57 21.50 17.18
CA MET C 1 -11.68 21.49 16.03
C MET C 1 -12.35 20.77 14.86
N ARG C 2 -12.00 21.19 13.64
CA ARG C 2 -12.68 20.74 12.43
C ARG C 2 -14.18 20.94 12.54
N GLU C 3 -14.56 22.22 12.59
CA GLU C 3 -15.95 22.59 12.77
C GLU C 3 -16.71 22.53 11.45
N CYS C 4 -17.98 22.14 11.54
CA CYS C 4 -18.91 22.18 10.42
C CYS C 4 -20.00 23.22 10.72
N ILE C 5 -20.26 24.09 9.76
CA ILE C 5 -21.39 25.00 9.82
C ILE C 5 -22.55 24.39 9.04
N SER C 6 -23.74 24.42 9.62
CA SER C 6 -24.94 23.92 8.98
C SER C 6 -25.79 25.08 8.50
N ILE C 7 -26.36 24.93 7.31
CA ILE C 7 -27.17 25.98 6.69
C ILE C 7 -28.49 25.34 6.28
N HIS C 8 -29.59 25.85 6.83
CA HIS C 8 -30.92 25.32 6.57
C HIS C 8 -31.72 26.34 5.78
N VAL C 9 -32.15 25.96 4.57
CA VAL C 9 -32.68 26.89 3.59
C VAL C 9 -34.13 26.50 3.28
N GLY C 10 -35.04 27.48 3.38
CA GLY C 10 -36.43 27.25 3.06
C GLY C 10 -37.18 26.46 4.13
N GLN C 11 -38.46 26.20 3.86
CA GLN C 11 -39.29 25.51 4.83
C GLN C 11 -38.70 24.14 5.19
N ALA C 12 -38.57 23.27 4.19
CA ALA C 12 -38.10 21.90 4.45
C ALA C 12 -36.74 21.92 5.15
N GLY C 13 -35.80 22.72 4.64
CA GLY C 13 -34.51 22.82 5.28
C GLY C 13 -34.58 23.32 6.72
N VAL C 14 -35.44 24.32 6.96
CA VAL C 14 -35.56 24.90 8.30
C VAL C 14 -36.20 23.89 9.25
N GLN C 15 -37.30 23.25 8.82
CA GLN C 15 -38.01 22.35 9.71
C GLN C 15 -37.21 21.08 9.99
N ILE C 16 -36.45 20.61 9.00
CA ILE C 16 -35.53 19.51 9.26
C ILE C 16 -34.41 19.95 10.19
N GLY C 17 -33.97 21.20 10.06
CA GLY C 17 -32.99 21.73 11.00
C GLY C 17 -33.51 21.68 12.43
N ASN C 18 -34.77 22.07 12.62
CA ASN C 18 -35.40 21.94 13.92
C ASN C 18 -35.22 20.53 14.47
N ALA C 19 -35.72 19.54 13.74
CA ALA C 19 -35.65 18.15 14.19
C ALA C 19 -34.22 17.75 14.53
N CYS C 20 -33.27 18.13 13.70
CA CYS C 20 -31.89 17.69 13.90
C CYS C 20 -31.30 18.26 15.19
N TRP C 21 -31.45 19.57 15.40
CA TRP C 21 -30.78 20.20 16.53
C TRP C 21 -31.45 19.81 17.85
N GLU C 22 -32.76 19.63 17.84
CA GLU C 22 -33.43 19.06 19.01
C GLU C 22 -32.84 17.69 19.34
N LEU C 23 -32.59 16.88 18.31
CA LEU C 23 -32.02 15.54 18.53
C LEU C 23 -30.57 15.64 18.99
N TYR C 24 -29.77 16.47 18.33
CA TYR C 24 -28.38 16.67 18.75
C TYR C 24 -28.32 16.99 20.24
N CYS C 25 -29.17 17.91 20.70
CA CYS C 25 -29.18 18.29 22.11
C CYS C 25 -29.46 17.09 23.00
N LEU C 26 -30.47 16.31 22.66
CA LEU C 26 -30.85 15.18 23.53
C LEU C 26 -29.75 14.11 23.47
N GLU C 27 -28.91 14.16 22.45
CA GLU C 27 -27.86 13.12 22.29
C GLU C 27 -26.63 13.53 23.08
N HIS C 28 -26.39 14.84 23.20
CA HIS C 28 -25.22 15.32 23.90
C HIS C 28 -25.50 15.79 25.32
N GLY C 29 -26.76 15.84 25.73
CA GLY C 29 -27.10 16.36 27.04
C GLY C 29 -27.18 17.86 27.13
N ILE C 30 -27.43 18.55 26.02
CA ILE C 30 -27.57 20.01 26.02
C ILE C 30 -29.03 20.35 26.28
N GLN C 31 -29.25 21.34 27.14
CA GLN C 31 -30.61 21.70 27.52
C GLN C 31 -31.16 22.78 26.60
N PRO C 32 -32.48 22.98 26.59
CA PRO C 32 -33.06 23.98 25.66
C PRO C 32 -32.57 25.40 25.92
N ASP C 33 -31.91 25.68 27.04
CA ASP C 33 -31.29 26.97 27.28
C ASP C 33 -29.79 26.97 26.96
N GLY C 34 -29.31 25.92 26.29
CA GLY C 34 -27.93 25.80 25.87
C GLY C 34 -26.94 25.38 26.93
N GLN C 35 -27.38 25.03 28.13
CA GLN C 35 -26.48 24.61 29.20
C GLN C 35 -26.21 23.12 29.11
N MET C 36 -24.95 22.74 29.30
CA MET C 36 -24.50 21.35 29.21
C MET C 36 -23.81 21.00 30.52
N PRO C 37 -24.55 20.52 31.52
CA PRO C 37 -23.94 20.25 32.82
C PRO C 37 -22.74 19.31 32.77
N SER C 38 -22.73 18.37 31.82
CA SER C 38 -21.61 17.44 31.71
C SER C 38 -20.33 18.10 31.21
N ASP C 39 -20.43 19.23 30.53
CA ASP C 39 -19.27 19.89 29.95
C ASP C 39 -18.52 20.63 31.05
N LYS C 40 -17.31 20.17 31.36
CA LYS C 40 -16.52 20.74 32.45
C LYS C 40 -15.57 21.84 31.98
N THR C 41 -15.51 22.13 30.68
CA THR C 41 -14.65 23.17 30.14
C THR C 41 -15.53 24.35 29.74
N ILE C 42 -15.46 25.44 30.50
CA ILE C 42 -16.34 26.59 30.32
C ILE C 42 -15.71 27.55 29.32
N GLY C 43 -16.50 27.98 28.32
CA GLY C 43 -16.06 28.95 27.36
C GLY C 43 -15.42 28.39 26.10
N GLY C 44 -15.12 27.09 26.07
CA GLY C 44 -14.50 26.51 24.88
C GLY C 44 -14.16 25.05 25.09
N GLY C 45 -13.08 24.63 24.43
CA GLY C 45 -12.67 23.23 24.45
C GLY C 45 -12.68 22.62 23.06
N ASP C 46 -11.99 21.49 22.89
CA ASP C 46 -11.85 20.82 21.60
C ASP C 46 -12.51 19.44 21.62
N ASP C 47 -13.64 19.34 22.32
CA ASP C 47 -14.38 18.08 22.36
C ASP C 47 -15.09 17.85 21.04
N SER C 48 -15.46 16.58 20.83
CA SER C 48 -15.96 16.19 19.52
C SER C 48 -17.26 16.91 19.19
N PHE C 49 -18.11 17.14 20.20
CA PHE C 49 -19.35 17.85 19.95
C PHE C 49 -19.12 19.32 19.62
N ASN C 50 -17.94 19.84 19.91
CA ASN C 50 -17.60 21.21 19.53
C ASN C 50 -17.48 21.39 18.03
N THR C 51 -17.43 20.31 17.25
CA THR C 51 -17.48 20.43 15.80
C THR C 51 -18.81 21.03 15.35
N PHE C 52 -19.85 20.88 16.15
CA PHE C 52 -21.17 21.40 15.84
C PHE C 52 -21.68 22.46 16.82
N PHE C 53 -21.05 22.59 17.99
CA PHE C 53 -21.51 23.54 19.00
C PHE C 53 -20.36 24.45 19.40
N SER C 54 -20.60 25.75 19.39
CA SER C 54 -19.67 26.70 19.98
C SER C 54 -20.06 26.95 21.43
N GLU C 55 -19.21 27.69 22.15
CA GLU C 55 -19.42 27.90 23.57
C GLU C 55 -19.19 29.36 23.93
N THR C 56 -20.11 29.92 24.70
CA THR C 56 -19.95 31.25 25.26
C THR C 56 -19.32 31.16 26.64
N GLY C 57 -18.90 32.31 27.17
CA GLY C 57 -18.35 32.36 28.50
C GLY C 57 -19.33 31.97 29.59
N ALA C 58 -20.63 32.11 29.33
CA ALA C 58 -21.67 31.76 30.28
C ALA C 58 -22.03 30.28 30.25
N GLY C 59 -21.27 29.47 29.52
CA GLY C 59 -21.51 28.05 29.36
C GLY C 59 -22.62 27.68 28.40
N LYS C 60 -23.06 28.60 27.55
CA LYS C 60 -24.06 28.26 26.53
C LYS C 60 -23.40 27.59 25.33
N HIS C 61 -24.06 26.56 24.82
CA HIS C 61 -23.62 25.82 23.64
C HIS C 61 -24.54 26.15 22.48
N VAL C 62 -24.01 26.83 21.47
CA VAL C 62 -24.79 27.45 20.41
C VAL C 62 -24.54 26.69 19.12
N PRO C 63 -25.59 26.24 18.42
CA PRO C 63 -25.36 25.51 17.17
C PRO C 63 -24.63 26.35 16.14
N ARG C 64 -23.65 25.74 15.48
CA ARG C 64 -22.95 26.36 14.36
C ARG C 64 -23.87 26.27 13.15
N ALA C 65 -24.91 27.11 13.16
CA ALA C 65 -25.98 26.94 12.18
C ALA C 65 -26.55 28.29 11.78
N VAL C 66 -26.98 28.38 10.53
CA VAL C 66 -27.72 29.52 10.01
C VAL C 66 -29.02 29.00 9.41
N PHE C 67 -30.13 29.59 9.83
CA PHE C 67 -31.44 29.33 9.22
C PHE C 67 -31.78 30.51 8.32
N VAL C 68 -32.22 30.22 7.10
CA VAL C 68 -32.56 31.26 6.13
CA VAL C 68 -32.58 31.27 6.15
C VAL C 68 -33.84 30.85 5.40
N ASP C 69 -34.74 31.81 5.23
CA ASP C 69 -35.97 31.62 4.47
C ASP C 69 -36.44 32.98 3.97
N LEU C 70 -37.00 33.02 2.77
CA LEU C 70 -37.45 34.28 2.13
C LEU C 70 -38.77 34.75 2.74
N GLU C 71 -39.31 34.06 3.76
CA GLU C 71 -40.48 34.52 4.48
C GLU C 71 -40.37 34.02 5.92
N PRO C 72 -41.10 34.64 6.86
CA PRO C 72 -40.78 34.45 8.28
C PRO C 72 -41.57 33.35 8.98
N THR C 73 -42.72 32.95 8.44
CA THR C 73 -43.67 32.15 9.21
C THR C 73 -43.02 30.87 9.77
N VAL C 74 -42.16 30.21 8.99
CA VAL C 74 -41.54 28.97 9.47
C VAL C 74 -40.45 29.26 10.49
N ILE C 75 -39.56 30.22 10.19
CA ILE C 75 -38.50 30.56 11.14
C ILE C 75 -39.09 31.22 12.38
N ASP C 76 -40.24 31.87 12.26
CA ASP C 76 -40.90 32.42 13.45
C ASP C 76 -41.19 31.35 14.48
N GLU C 77 -41.42 30.11 14.04
CA GLU C 77 -41.69 29.04 14.98
C GLU C 77 -40.44 28.63 15.75
N VAL C 78 -39.28 28.63 15.07
CA VAL C 78 -38.02 28.44 15.78
C VAL C 78 -37.80 29.56 16.77
N ARG C 79 -38.14 30.80 16.37
CA ARG C 79 -37.90 31.96 17.20
C ARG C 79 -38.73 31.94 18.47
N THR C 80 -39.84 31.20 18.50
CA THR C 80 -40.70 31.12 19.68
C THR C 80 -40.89 29.68 20.15
N GLY C 81 -40.10 28.73 19.64
CA GLY C 81 -40.28 27.34 19.96
C GLY C 81 -39.54 26.92 21.21
N THR C 82 -39.59 25.61 21.48
CA THR C 82 -38.97 25.06 22.68
C THR C 82 -37.51 25.43 22.79
N TYR C 83 -36.81 25.55 21.67
CA TYR C 83 -35.38 25.81 21.63
C TYR C 83 -35.05 27.23 21.17
N ARG C 84 -35.95 28.17 21.47
CA ARG C 84 -35.75 29.55 21.03
C ARG C 84 -34.49 30.15 21.66
N GLN C 85 -34.11 29.68 22.84
CA GLN C 85 -32.96 30.23 23.54
C GLN C 85 -31.63 29.61 23.10
N LEU C 86 -31.66 28.62 22.20
CA LEU C 86 -30.43 27.99 21.76
C LEU C 86 -29.66 28.87 20.78
N PHE C 87 -30.37 29.64 19.96
CA PHE C 87 -29.76 30.41 18.88
C PHE C 87 -29.75 31.89 19.21
N HIS C 88 -28.67 32.56 18.81
CA HIS C 88 -28.69 34.01 18.74
C HIS C 88 -29.63 34.45 17.61
N PRO C 89 -30.34 35.59 17.75
CA PRO C 89 -31.21 36.07 16.69
C PRO C 89 -30.52 36.23 15.33
N GLU C 90 -29.24 36.60 15.33
CA GLU C 90 -28.52 36.88 14.07
C GLU C 90 -28.39 35.59 13.24
N GLN C 91 -28.69 34.44 13.83
CA GLN C 91 -28.56 33.15 13.12
C GLN C 91 -29.87 32.83 12.39
N LEU C 92 -30.94 33.57 12.69
CA LEU C 92 -32.23 33.34 12.06
C LEU C 92 -32.55 34.50 11.15
N ILE C 93 -32.53 34.27 9.84
CA ILE C 93 -32.66 35.31 8.83
C ILE C 93 -33.91 35.03 7.99
N THR C 94 -34.75 36.04 7.82
CA THR C 94 -35.98 35.90 7.06
C THR C 94 -36.24 37.14 6.21
N GLY C 95 -36.81 36.93 5.02
CA GLY C 95 -37.32 38.01 4.20
C GLY C 95 -38.80 38.24 4.46
N LYS C 96 -39.44 38.95 3.53
CA LYS C 96 -40.86 39.26 3.65
C LYS C 96 -41.72 38.64 2.56
N GLU C 97 -41.11 38.08 1.51
CA GLU C 97 -41.80 37.56 0.35
C GLU C 97 -40.99 36.39 -0.19
N ASP C 98 -41.62 35.22 -0.27
CA ASP C 98 -40.91 34.00 -0.64
C ASP C 98 -40.85 33.87 -2.16
N ALA C 99 -40.36 32.72 -2.63
CA ALA C 99 -40.10 32.51 -4.05
C ALA C 99 -41.32 32.07 -4.84
N ALA C 100 -42.44 31.80 -4.19
CA ALA C 100 -43.67 31.40 -4.88
C ALA C 100 -43.44 30.14 -5.74
N ASN C 101 -42.71 29.18 -5.17
CA ASN C 101 -42.42 27.91 -5.85
C ASN C 101 -41.69 28.13 -7.17
N ASN C 102 -40.98 29.25 -7.29
CA ASN C 102 -40.35 29.66 -8.55
C ASN C 102 -38.84 29.76 -8.34
N TYR C 103 -38.09 28.90 -9.03
CA TYR C 103 -36.64 28.95 -9.00
C TYR C 103 -36.12 30.34 -9.35
N ALA C 104 -36.71 30.97 -10.37
CA ALA C 104 -36.21 32.28 -10.82
C ALA C 104 -36.28 33.31 -9.71
N ARG C 105 -37.34 33.31 -8.91
CA ARG C 105 -37.45 34.27 -7.82
C ARG C 105 -36.47 33.94 -6.69
N GLY C 106 -36.24 32.65 -6.43
CA GLY C 106 -35.31 32.28 -5.38
C GLY C 106 -33.88 32.60 -5.73
N HIS C 107 -33.50 32.40 -7.00
CA HIS C 107 -32.14 32.62 -7.42
C HIS C 107 -31.87 34.09 -7.77
N TYR C 108 -32.87 34.84 -8.20
CA TYR C 108 -32.65 36.19 -8.70
C TYR C 108 -33.53 37.24 -8.03
N THR C 109 -34.82 37.29 -8.43
CA THR C 109 -35.67 38.42 -8.08
C THR C 109 -35.67 38.70 -6.58
N ILE C 110 -36.03 37.70 -5.78
CA ILE C 110 -36.09 37.90 -4.33
C ILE C 110 -34.75 37.56 -3.66
N GLY C 111 -34.12 36.47 -4.08
CA GLY C 111 -32.91 36.02 -3.40
C GLY C 111 -31.81 37.05 -3.42
N LYS C 112 -31.67 37.79 -4.52
CA LYS C 112 -30.57 38.73 -4.64
C LYS C 112 -30.65 39.84 -3.61
N GLU C 113 -31.81 40.03 -2.97
CA GLU C 113 -31.97 41.07 -1.96
C GLU C 113 -31.42 40.68 -0.59
N ILE C 114 -31.07 39.42 -0.37
CA ILE C 114 -30.77 38.91 0.96
C ILE C 114 -29.48 38.09 0.97
N ILE C 115 -28.91 37.86 -0.22
CA ILE C 115 -27.76 36.97 -0.31
C ILE C 115 -26.57 37.53 0.47
N ASP C 116 -26.24 38.80 0.26
CA ASP C 116 -25.11 39.41 0.95
C ASP C 116 -25.24 39.26 2.45
N LEU C 117 -26.42 39.55 2.99
CA LEU C 117 -26.62 39.47 4.43
C LEU C 117 -26.43 38.04 4.93
N VAL C 118 -26.91 37.06 4.18
CA VAL C 118 -26.74 35.66 4.58
C VAL C 118 -25.26 35.28 4.60
N LEU C 119 -24.50 35.69 3.58
CA LEU C 119 -23.07 35.38 3.55
C LEU C 119 -22.33 36.09 4.68
N ASP C 120 -22.71 37.34 4.98
CA ASP C 120 -22.09 38.03 6.10
CA ASP C 120 -22.08 38.04 6.10
C ASP C 120 -22.25 37.25 7.40
N ARG C 121 -23.45 36.70 7.62
CA ARG C 121 -23.68 35.93 8.85
C ARG C 121 -22.84 34.66 8.86
N ILE C 122 -22.78 33.95 7.72
CA ILE C 122 -21.93 32.77 7.64
C ILE C 122 -20.49 33.12 7.95
N ARG C 123 -20.00 34.24 7.40
CA ARG C 123 -18.65 34.67 7.68
C ARG C 123 -18.41 34.80 9.18
N LYS C 124 -19.33 35.48 9.88
CA LYS C 124 -19.24 35.59 11.33
C LYS C 124 -19.01 34.23 11.97
N LEU C 125 -19.83 33.24 11.59
CA LEU C 125 -19.65 31.90 12.12
C LEU C 125 -18.28 31.33 11.76
N ALA C 126 -17.86 31.49 10.51
CA ALA C 126 -16.58 30.92 10.08
C ALA C 126 -15.42 31.50 10.87
N ASP C 127 -15.45 32.81 11.14
CA ASP C 127 -14.34 33.44 11.85
C ASP C 127 -14.14 32.86 13.25
N GLN C 128 -15.15 32.20 13.81
CA GLN C 128 -15.04 31.58 15.12
C GLN C 128 -14.49 30.16 15.07
N CYS C 129 -14.12 29.67 13.88
CA CYS C 129 -13.60 28.32 13.73
C CYS C 129 -12.09 28.33 13.71
N THR C 130 -11.48 27.36 14.40
CA THR C 130 -10.04 27.17 14.33
C THR C 130 -9.62 26.34 13.13
N GLY C 131 -10.52 25.53 12.58
CA GLY C 131 -10.22 24.74 11.40
C GLY C 131 -11.47 24.32 10.67
N LEU C 132 -12.12 25.27 10.00
CA LEU C 132 -13.38 24.98 9.33
C LEU C 132 -13.23 23.84 8.33
N GLN C 133 -14.10 22.85 8.45
CA GLN C 133 -14.04 21.67 7.60
C GLN C 133 -14.92 21.78 6.37
N GLY C 134 -16.06 22.46 6.47
CA GLY C 134 -16.98 22.55 5.36
C GLY C 134 -18.38 22.86 5.86
N PHE C 135 -19.34 22.78 4.93
CA PHE C 135 -20.71 23.18 5.17
C PHE C 135 -21.65 22.02 4.92
N LEU C 136 -22.72 21.96 5.71
CA LEU C 136 -23.85 21.07 5.48
C LEU C 136 -25.06 21.91 5.11
N VAL C 137 -25.63 21.65 3.95
CA VAL C 137 -26.70 22.46 3.38
C VAL C 137 -27.96 21.61 3.30
N PHE C 138 -29.02 22.08 3.96
CA PHE C 138 -30.30 21.38 4.01
C PHE C 138 -31.32 22.19 3.22
N HIS C 139 -31.96 21.54 2.24
CA HIS C 139 -32.93 22.24 1.41
C HIS C 139 -33.79 21.21 0.68
N SER C 140 -34.90 21.69 0.14
CA SER C 140 -35.76 20.88 -0.71
C SER C 140 -35.43 21.13 -2.17
N PHE C 141 -35.80 20.16 -3.02
CA PHE C 141 -35.63 20.33 -4.45
C PHE C 141 -36.75 21.16 -5.06
N GLY C 142 -37.97 20.99 -4.56
CA GLY C 142 -39.15 21.51 -5.22
C GLY C 142 -39.54 22.94 -4.90
N GLY C 143 -39.14 23.45 -3.74
CA GLY C 143 -39.48 24.80 -3.35
C GLY C 143 -38.72 25.85 -4.15
N GLY C 144 -39.24 27.08 -4.11
CA GLY C 144 -38.60 28.22 -4.73
C GLY C 144 -37.34 28.67 -4.02
N THR C 145 -37.38 28.70 -2.69
CA THR C 145 -36.19 29.02 -1.91
C THR C 145 -35.24 27.82 -1.84
N GLY C 146 -35.78 26.62 -1.58
CA GLY C 146 -34.93 25.46 -1.42
C GLY C 146 -34.07 25.15 -2.63
N SER C 147 -34.57 25.45 -3.83
CA SER C 147 -33.83 25.28 -5.08
C SER C 147 -33.14 26.57 -5.54
N GLY C 148 -33.91 27.65 -5.69
CA GLY C 148 -33.35 28.86 -6.28
C GLY C 148 -32.32 29.51 -5.38
N PHE C 149 -32.68 29.75 -4.13
CA PHE C 149 -31.76 30.44 -3.24
C PHE C 149 -30.58 29.54 -2.87
N THR C 150 -30.82 28.25 -2.72
CA THR C 150 -29.74 27.33 -2.39
C THR C 150 -28.67 27.33 -3.49
N SER C 151 -29.11 27.26 -4.75
CA SER C 151 -28.18 27.34 -5.87
CA SER C 151 -28.18 27.34 -5.87
C SER C 151 -27.36 28.63 -5.79
N LEU C 152 -28.04 29.76 -5.63
CA LEU C 152 -27.34 31.04 -5.49
C LEU C 152 -26.34 31.00 -4.36
N LEU C 153 -26.75 30.46 -3.21
CA LEU C 153 -25.85 30.38 -2.06
C LEU C 153 -24.70 29.42 -2.34
N MET C 154 -24.98 28.27 -2.96
CA MET C 154 -23.91 27.34 -3.32
C MET C 154 -22.86 28.04 -4.18
N GLU C 155 -23.29 28.79 -5.19
CA GLU C 155 -22.36 29.46 -6.08
C GLU C 155 -21.52 30.50 -5.32
N ARG C 156 -22.16 31.27 -4.44
CA ARG C 156 -21.43 32.27 -3.67
C ARG C 156 -20.46 31.61 -2.70
N LEU C 157 -20.83 30.46 -2.13
CA LEU C 157 -19.96 29.81 -1.17
C LEU C 157 -18.67 29.32 -1.83
N SER C 158 -18.77 28.83 -3.07
CA SER C 158 -17.57 28.43 -3.79
C SER C 158 -16.64 29.62 -4.03
N VAL C 159 -17.19 30.82 -4.22
CA VAL C 159 -16.35 31.99 -4.47
C VAL C 159 -15.63 32.41 -3.19
N ASP C 160 -16.35 32.44 -2.08
CA ASP C 160 -15.79 32.94 -0.83
C ASP C 160 -14.94 31.92 -0.09
N TYR C 161 -15.16 30.62 -0.31
CA TYR C 161 -14.48 29.58 0.44
C TYR C 161 -13.73 28.58 -0.44
N GLY C 162 -13.65 28.85 -1.74
CA GLY C 162 -12.86 27.99 -2.61
C GLY C 162 -13.40 26.57 -2.62
N LYS C 163 -12.50 25.60 -2.47
CA LYS C 163 -12.85 24.19 -2.59
C LYS C 163 -13.24 23.56 -1.27
N LYS C 164 -13.33 24.34 -0.19
CA LYS C 164 -13.89 23.84 1.07
C LYS C 164 -15.16 23.06 0.78
N SER C 165 -15.29 21.90 1.40
CA SER C 165 -16.28 20.92 0.98
C SER C 165 -17.68 21.31 1.41
N LYS C 166 -18.65 21.07 0.53
CA LYS C 166 -20.06 21.38 0.78
C LYS C 166 -20.87 20.11 0.57
N LEU C 167 -21.58 19.67 1.61
CA LEU C 167 -22.44 18.51 1.56
C LEU C 167 -23.90 18.95 1.54
N GLU C 168 -24.74 18.18 0.84
CA GLU C 168 -26.14 18.48 0.71
C GLU C 168 -27.00 17.41 1.37
N PHE C 169 -28.03 17.85 2.09
CA PHE C 169 -29.03 16.91 2.61
C PHE C 169 -30.29 17.38 1.89
N SER C 170 -30.58 16.79 0.73
CA SER C 170 -31.67 17.32 -0.13
C SER C 170 -32.98 16.53 -0.03
N ILE C 171 -34.10 17.20 -0.23
CA ILE C 171 -35.43 16.54 -0.21
C ILE C 171 -35.93 16.40 -1.64
N TYR C 172 -36.11 15.16 -2.09
CA TYR C 172 -36.57 14.85 -3.44
C TYR C 172 -38.10 14.83 -3.48
N PRO C 173 -38.73 15.46 -4.47
CA PRO C 173 -40.19 15.65 -4.39
C PRO C 173 -40.95 14.36 -4.62
N ALA C 174 -42.00 14.16 -3.82
CA ALA C 174 -42.95 13.07 -3.92
C ALA C 174 -44.37 13.61 -4.02
N PRO C 175 -45.24 12.97 -4.82
CA PRO C 175 -46.58 13.55 -5.06
C PRO C 175 -47.46 13.58 -3.81
N GLN C 176 -47.39 12.55 -2.97
CA GLN C 176 -48.24 12.50 -1.78
C GLN C 176 -48.11 13.74 -0.93
N VAL C 177 -46.97 14.43 -0.99
CA VAL C 177 -46.73 15.60 -0.15
C VAL C 177 -46.34 16.82 -0.97
N SER C 178 -46.20 16.71 -2.28
CA SER C 178 -45.81 17.84 -3.11
C SER C 178 -46.79 19.00 -2.93
N THR C 179 -46.25 20.22 -2.95
CA THR C 179 -47.05 21.43 -2.78
C THR C 179 -47.07 22.30 -4.03
N ALA C 180 -46.37 21.91 -5.10
CA ALA C 180 -46.30 22.72 -6.30
C ALA C 180 -46.29 21.82 -7.53
N VAL C 181 -46.94 22.28 -8.60
CA VAL C 181 -46.95 21.50 -9.84
C VAL C 181 -45.59 21.56 -10.53
N VAL C 182 -44.83 22.64 -10.32
CA VAL C 182 -43.63 22.90 -11.11
C VAL C 182 -42.40 22.38 -10.39
N GLU C 183 -42.58 21.42 -9.50
CA GLU C 183 -41.45 21.01 -8.67
C GLU C 183 -40.41 20.25 -9.48
N PRO C 184 -40.81 19.52 -10.52
CA PRO C 184 -39.79 18.93 -11.42
C PRO C 184 -38.89 19.98 -12.05
N TYR C 185 -39.47 21.10 -12.50
CA TYR C 185 -38.67 22.20 -13.04
C TYR C 185 -37.62 22.65 -12.03
N ASN C 186 -38.08 23.08 -10.86
CA ASN C 186 -37.15 23.55 -9.83
C ASN C 186 -36.12 22.50 -9.49
N SER C 187 -36.53 21.23 -9.46
CA SER C 187 -35.59 20.16 -9.12
C SER C 187 -34.45 20.09 -10.12
N ILE C 188 -34.78 20.03 -11.42
CA ILE C 188 -33.75 19.91 -12.45
C ILE C 188 -32.88 21.16 -12.49
N LEU C 189 -33.48 22.34 -12.28
CA LEU C 189 -32.71 23.58 -12.35
C LEU C 189 -31.66 23.64 -11.25
N THR C 190 -32.03 23.27 -10.03
CA THR C 190 -31.09 23.36 -8.92
C THR C 190 -30.04 22.25 -9.01
N THR C 191 -30.44 21.07 -9.47
CA THR C 191 -29.49 19.97 -9.60
C THR C 191 -28.40 20.31 -10.60
N HIS C 192 -28.80 20.87 -11.75
CA HIS C 192 -27.82 21.26 -12.76
C HIS C 192 -26.91 22.37 -12.24
N THR C 193 -27.46 23.28 -11.43
CA THR C 193 -26.69 24.45 -11.02
C THR C 193 -25.74 24.16 -9.87
N THR C 194 -26.06 23.17 -9.04
CA THR C 194 -25.19 22.77 -7.90
CA THR C 194 -25.18 22.78 -7.91
C THR C 194 -24.16 21.63 -8.09
N LEU C 195 -24.39 20.85 -9.16
CA LEU C 195 -23.51 19.68 -9.40
C LEU C 195 -22.03 20.04 -9.23
N GLU C 196 -21.59 21.12 -9.86
CA GLU C 196 -20.16 21.39 -9.81
CA GLU C 196 -20.16 21.36 -9.80
C GLU C 196 -19.73 22.11 -8.54
N HIS C 197 -20.65 22.47 -7.65
CA HIS C 197 -20.32 23.15 -6.41
C HIS C 197 -20.49 22.28 -5.17
N SER C 198 -20.96 21.04 -5.33
CA SER C 198 -21.26 20.17 -4.21
C SER C 198 -20.42 18.90 -4.30
N ASP C 199 -19.77 18.55 -3.19
CA ASP C 199 -18.90 17.38 -3.14
C ASP C 199 -19.65 16.10 -2.79
N CYS C 200 -20.82 16.20 -2.17
CA CYS C 200 -21.61 15.04 -1.79
C CYS C 200 -23.04 15.45 -1.41
N ALA C 201 -24.05 14.76 -1.92
CA ALA C 201 -25.44 15.09 -1.65
C ALA C 201 -26.20 13.84 -1.22
N PHE C 202 -26.88 13.92 -0.09
CA PHE C 202 -27.70 12.82 0.42
C PHE C 202 -29.16 13.13 0.11
N MET C 203 -29.72 12.44 -0.88
CA MET C 203 -31.11 12.67 -1.30
C MET C 203 -32.06 11.85 -0.45
N VAL C 204 -33.13 12.47 0.03
CA VAL C 204 -34.19 11.83 0.80
C VAL C 204 -35.46 11.93 -0.04
N ASP C 205 -35.93 10.79 -0.54
CA ASP C 205 -37.14 10.72 -1.34
C ASP C 205 -38.34 10.79 -0.41
N ASN C 206 -39.11 11.88 -0.50
CA ASN C 206 -40.25 12.04 0.39
C ASN C 206 -41.23 10.88 0.29
N GLU C 207 -41.31 10.23 -0.88
CA GLU C 207 -42.19 9.07 -1.00
C GLU C 207 -41.64 7.87 -0.25
N ALA C 208 -40.32 7.65 -0.32
CA ALA C 208 -39.71 6.57 0.45
C ALA C 208 -39.98 6.74 1.94
N ILE C 209 -39.70 7.94 2.45
CA ILE C 209 -39.90 8.25 3.89
C ILE C 209 -41.38 8.07 4.21
N TYR C 210 -42.29 8.56 3.38
CA TYR C 210 -43.76 8.46 3.65
C TYR C 210 -44.17 6.99 3.76
N ASP C 211 -43.73 6.16 2.81
CA ASP C 211 -44.16 4.74 2.79
C ASP C 211 -43.55 3.98 3.98
N ILE C 212 -42.31 4.30 4.36
CA ILE C 212 -41.70 3.65 5.56
C ILE C 212 -42.52 4.03 6.80
N CYS C 213 -42.80 5.32 6.99
CA CYS C 213 -43.62 5.71 8.13
C CYS C 213 -44.96 4.98 8.14
N ARG C 214 -45.50 4.69 6.97
CA ARG C 214 -46.81 4.05 6.87
C ARG C 214 -46.73 2.56 7.18
N ARG C 215 -45.80 1.84 6.54
CA ARG C 215 -45.69 0.41 6.75
C ARG C 215 -45.08 0.10 8.11
N ASN C 216 -43.94 0.73 8.42
CA ASN C 216 -43.11 0.32 9.54
C ASN C 216 -43.53 0.97 10.85
N LEU C 217 -44.08 2.18 10.82
CA LEU C 217 -44.48 2.86 12.03
C LEU C 217 -45.99 2.88 12.28
N ASP C 218 -46.78 2.35 11.34
CA ASP C 218 -48.23 2.26 11.51
C ASP C 218 -48.88 3.64 11.65
N ILE C 219 -48.44 4.57 10.80
CA ILE C 219 -48.96 5.93 10.81
C ILE C 219 -49.89 6.05 9.61
N GLU C 220 -51.19 6.22 9.89
CA GLU C 220 -52.19 6.25 8.83
C GLU C 220 -51.86 7.29 7.76
N ARG C 221 -51.61 8.53 8.18
CA ARG C 221 -51.41 9.64 7.25
C ARG C 221 -50.23 10.48 7.74
N PRO C 222 -49.01 10.08 7.39
CA PRO C 222 -47.83 10.78 7.91
C PRO C 222 -47.85 12.26 7.53
N THR C 223 -47.34 13.09 8.44
CA THR C 223 -47.19 14.52 8.23
C THR C 223 -45.70 14.86 8.21
N TYR C 224 -45.41 16.14 7.98
CA TYR C 224 -44.02 16.58 7.97
C TYR C 224 -43.32 16.22 9.28
N THR C 225 -44.05 16.32 10.39
CA THR C 225 -43.45 15.97 11.68
C THR C 225 -42.99 14.53 11.70
N ASN C 226 -43.80 13.62 11.15
CA ASN C 226 -43.39 12.21 11.09
C ASN C 226 -42.17 12.04 10.19
N LEU C 227 -42.23 12.57 8.98
CA LEU C 227 -41.10 12.44 8.05
C LEU C 227 -39.83 13.04 8.63
N ASN C 228 -39.93 14.19 9.31
CA ASN C 228 -38.75 14.91 9.73
C ASN C 228 -38.06 14.21 10.90
N ARG C 229 -38.84 13.65 11.83
CA ARG C 229 -38.23 12.90 12.93
C ARG C 229 -37.42 11.71 12.43
N LEU C 230 -37.88 11.04 11.37
CA LEU C 230 -37.14 9.92 10.83
C LEU C 230 -35.93 10.36 10.01
N ILE C 231 -36.05 11.49 9.32
CA ILE C 231 -34.91 12.02 8.56
C ILE C 231 -33.77 12.40 9.50
N SER C 232 -34.09 13.09 10.60
CA SER C 232 -33.05 13.50 11.53
C SER C 232 -32.29 12.30 12.08
N GLN C 233 -32.94 11.14 12.17
CA GLN C 233 -32.23 9.92 12.56
C GLN C 233 -31.15 9.57 11.55
N ILE C 234 -31.48 9.63 10.26
CA ILE C 234 -30.49 9.40 9.22
C ILE C 234 -29.36 10.42 9.31
N VAL C 235 -29.73 11.70 9.46
CA VAL C 235 -28.74 12.75 9.56
C VAL C 235 -27.88 12.57 10.81
N SER C 236 -28.51 12.20 11.93
CA SER C 236 -27.76 11.97 13.16
C SER C 236 -26.76 10.84 12.99
N SER C 237 -27.14 9.79 12.25
CA SER C 237 -26.22 8.68 12.00
C SER C 237 -25.04 9.10 11.15
N ILE C 238 -25.28 9.95 10.14
CA ILE C 238 -24.20 10.33 9.22
C ILE C 238 -23.22 11.26 9.91
N THR C 239 -23.73 12.21 10.69
CA THR C 239 -22.86 13.24 11.32
C THR C 239 -22.26 12.77 12.64
N ALA C 240 -22.78 11.69 13.22
CA ALA C 240 -22.32 11.21 14.54
C ALA C 240 -20.82 10.99 14.52
N SER C 241 -20.30 10.50 13.39
CA SER C 241 -18.85 10.26 13.25
C SER C 241 -18.06 11.53 13.60
N LEU C 242 -18.65 12.70 13.41
CA LEU C 242 -17.92 13.97 13.63
C LEU C 242 -18.25 14.55 15.00
N ARG C 243 -19.35 14.11 15.62
CA ARG C 243 -19.78 14.71 16.91
C ARG C 243 -19.42 13.80 18.08
N PHE C 244 -19.04 12.56 17.79
CA PHE C 244 -18.63 11.64 18.84
C PHE C 244 -17.24 11.09 18.53
N ASP C 245 -16.65 10.43 19.52
CA ASP C 245 -15.38 9.76 19.34
C ASP C 245 -15.50 8.31 19.83
N GLY C 246 -14.54 7.49 19.41
CA GLY C 246 -14.51 6.11 19.82
C GLY C 246 -13.42 5.33 19.12
N ALA C 247 -12.97 4.24 19.74
CA ALA C 247 -11.88 3.46 19.16
C ALA C 247 -12.22 2.99 17.74
N LEU C 248 -13.49 2.70 17.49
CA LEU C 248 -13.93 2.14 16.22
C LEU C 248 -14.68 3.15 15.36
N ASN C 249 -14.71 4.42 15.75
CA ASN C 249 -15.46 5.43 15.03
C ASN C 249 -14.65 5.94 13.84
N VAL C 250 -15.28 5.97 12.67
CA VAL C 250 -14.63 6.35 11.43
C VAL C 250 -15.18 7.70 10.99
N ASP C 251 -14.30 8.60 10.57
CA ASP C 251 -14.69 9.93 10.13
C ASP C 251 -15.46 9.87 8.82
N LEU C 252 -16.42 10.78 8.64
CA LEU C 252 -17.25 10.79 7.41
C LEU C 252 -16.37 11.12 6.20
N THR C 253 -15.29 11.87 6.44
CA THR C 253 -14.38 12.29 5.33
C THR C 253 -13.68 11.04 4.79
N GLU C 254 -13.53 10.02 5.61
CA GLU C 254 -12.93 8.74 5.15
C GLU C 254 -13.95 8.03 4.25
N PHE C 255 -15.19 7.90 4.72
CA PHE C 255 -16.22 7.36 3.83
C PHE C 255 -16.33 8.18 2.55
N GLN C 256 -16.16 9.50 2.66
CA GLN C 256 -16.30 10.37 1.50
C GLN C 256 -15.34 9.96 0.39
N THR C 257 -14.12 9.55 0.76
CA THR C 257 -13.17 9.13 -0.25
C THR C 257 -13.59 7.82 -0.90
N ASN C 258 -14.29 6.96 -0.16
CA ASN C 258 -14.77 5.70 -0.71
C ASN C 258 -16.08 5.84 -1.47
N LEU C 259 -16.86 6.89 -1.19
CA LEU C 259 -18.20 7.03 -1.75
C LEU C 259 -18.23 7.77 -3.07
N VAL C 260 -17.19 8.53 -3.39
CA VAL C 260 -17.22 9.38 -4.59
C VAL C 260 -16.10 8.97 -5.54
N PRO C 261 -16.35 8.07 -6.49
CA PRO C 261 -15.26 7.65 -7.40
C PRO C 261 -14.96 8.66 -8.49
N TYR C 262 -15.93 9.48 -8.87
CA TYR C 262 -15.75 10.57 -9.82
C TYR C 262 -16.54 11.76 -9.32
N PRO C 263 -16.12 12.99 -9.67
CA PRO C 263 -16.79 14.19 -9.12
C PRO C 263 -18.30 14.19 -9.26
N ARG C 264 -18.82 13.89 -10.45
CA ARG C 264 -20.26 13.97 -10.68
C ARG C 264 -21.03 12.83 -10.00
N ILE C 265 -20.37 11.70 -9.74
CA ILE C 265 -21.03 10.56 -9.13
C ILE C 265 -20.94 10.68 -7.61
N HIS C 266 -21.64 11.66 -7.04
CA HIS C 266 -21.53 11.94 -5.61
C HIS C 266 -22.89 11.91 -4.93
N PHE C 267 -23.74 10.96 -5.30
CA PHE C 267 -25.07 10.80 -4.70
C PHE C 267 -25.19 9.44 -4.06
N PRO C 268 -24.82 9.30 -2.78
CA PRO C 268 -24.94 8.00 -2.11
C PRO C 268 -26.37 7.69 -1.72
N LEU C 269 -26.66 6.39 -1.65
CA LEU C 269 -27.97 5.89 -1.22
C LEU C 269 -27.92 5.51 0.25
N ALA C 270 -28.86 6.02 1.03
CA ALA C 270 -28.89 5.78 2.47
C ALA C 270 -30.02 4.82 2.84
N THR C 271 -29.71 3.87 3.71
CA THR C 271 -30.69 3.00 4.31
C THR C 271 -30.55 3.06 5.83
N TYR C 272 -31.67 2.90 6.53
CA TYR C 272 -31.66 2.96 7.98
C TYR C 272 -32.48 1.82 8.55
N ALA C 273 -32.00 1.24 9.63
CA ALA C 273 -32.69 0.15 10.31
C ALA C 273 -32.23 0.09 11.76
N PRO C 274 -33.11 -0.27 12.69
CA PRO C 274 -34.51 -0.66 12.51
C PRO C 274 -35.46 0.53 12.63
N VAL C 275 -36.46 0.61 11.77
CA VAL C 275 -37.54 1.59 11.91
C VAL C 275 -38.75 0.80 12.41
N ILE C 276 -39.00 0.86 13.72
CA ILE C 276 -39.96 -0.01 14.38
C ILE C 276 -40.78 0.82 15.36
N SER C 277 -42.05 0.45 15.53
CA SER C 277 -42.88 1.13 16.49
C SER C 277 -42.71 0.50 17.88
N ALA C 278 -43.02 1.29 18.91
CA ALA C 278 -42.91 0.78 20.28
C ALA C 278 -43.75 -0.47 20.47
N GLU C 279 -44.98 -0.48 19.93
CA GLU C 279 -45.84 -1.64 20.10
C GLU C 279 -45.19 -2.90 19.56
N LYS C 280 -44.34 -2.78 18.54
CA LYS C 280 -43.68 -3.92 17.94
C LYS C 280 -42.27 -4.15 18.50
N ALA C 281 -41.55 -3.07 18.82
CA ALA C 281 -40.24 -3.21 19.44
C ALA C 281 -40.34 -4.02 20.72
N TYR C 282 -41.24 -3.62 21.62
CA TYR C 282 -41.63 -4.48 22.73
C TYR C 282 -42.00 -5.86 22.18
N HIS C 283 -41.37 -6.89 22.75
CA HIS C 283 -41.33 -8.26 22.24
C HIS C 283 -39.95 -8.64 21.70
N GLU C 284 -39.73 -8.30 20.44
CA GLU C 284 -38.59 -8.79 19.69
C GLU C 284 -37.44 -7.79 19.80
N GLN C 285 -36.31 -8.26 20.32
CA GLN C 285 -35.07 -7.52 20.16
C GLN C 285 -34.47 -7.83 18.80
N LEU C 286 -33.73 -6.87 18.25
CA LEU C 286 -33.23 -6.97 16.90
C LEU C 286 -31.71 -7.07 16.91
N SER C 287 -31.20 -8.20 16.43
CA SER C 287 -29.77 -8.45 16.47
C SER C 287 -29.05 -7.64 15.41
N VAL C 288 -27.72 -7.68 15.45
CA VAL C 288 -26.90 -7.04 14.42
C VAL C 288 -27.22 -7.64 13.06
N ALA C 289 -27.31 -8.97 12.99
CA ALA C 289 -27.61 -9.63 11.73
C ALA C 289 -28.97 -9.18 11.19
N GLU C 290 -29.96 -9.04 12.06
CA GLU C 290 -31.30 -8.68 11.61
C GLU C 290 -31.32 -7.27 11.02
N ILE C 291 -30.70 -6.31 11.72
CA ILE C 291 -30.73 -4.94 11.22
C ILE C 291 -29.84 -4.79 9.99
N THR C 292 -28.75 -5.55 9.92
CA THR C 292 -27.89 -5.49 8.74
C THR C 292 -28.62 -6.00 7.50
N ASN C 293 -29.31 -7.13 7.63
CA ASN C 293 -30.07 -7.64 6.50
CA ASN C 293 -30.09 -7.65 6.51
C ASN C 293 -31.11 -6.62 6.03
N ALA C 294 -31.78 -5.94 6.97
CA ALA C 294 -32.77 -4.92 6.61
C ALA C 294 -32.17 -3.84 5.72
N CYS C 295 -30.85 -3.63 5.77
CA CYS C 295 -30.20 -2.61 4.97
CA CYS C 295 -30.27 -2.57 4.96
C CYS C 295 -30.26 -2.92 3.47
N PHE C 296 -30.44 -4.19 3.11
CA PHE C 296 -30.49 -4.60 1.71
C PHE C 296 -31.92 -4.89 1.24
N GLU C 297 -32.91 -4.55 2.05
CA GLU C 297 -34.30 -4.60 1.59
C GLU C 297 -34.62 -3.31 0.85
N PRO C 298 -35.05 -3.38 -0.42
CA PRO C 298 -35.39 -2.14 -1.13
C PRO C 298 -36.39 -1.26 -0.39
N ALA C 299 -37.28 -1.86 0.41
CA ALA C 299 -38.32 -1.10 1.09
C ALA C 299 -37.79 -0.20 2.19
N ASN C 300 -36.54 -0.35 2.60
CA ASN C 300 -35.97 0.45 3.67
C ASN C 300 -35.08 1.58 3.18
N GLN C 301 -35.14 1.92 1.89
CA GLN C 301 -34.20 2.87 1.32
C GLN C 301 -34.78 4.28 1.30
N MET C 302 -33.88 5.27 1.45
CA MET C 302 -34.29 6.67 1.48
C MET C 302 -34.74 7.16 0.11
N VAL C 303 -34.29 6.50 -0.96
CA VAL C 303 -34.70 6.83 -2.32
C VAL C 303 -35.28 5.57 -2.95
N LYS C 304 -36.39 5.73 -3.67
CA LYS C 304 -37.03 4.61 -4.33
C LYS C 304 -36.24 4.22 -5.58
N CYS C 305 -35.73 3.00 -5.59
CA CYS C 305 -34.94 2.41 -6.66
C CYS C 305 -34.63 0.97 -6.27
N ASP C 306 -34.32 0.15 -7.27
CA ASP C 306 -34.05 -1.26 -7.01
C ASP C 306 -32.55 -1.52 -7.14
N PRO C 307 -31.81 -1.60 -6.04
CA PRO C 307 -30.35 -1.74 -6.15
C PRO C 307 -29.90 -3.06 -6.75
N ARG C 308 -30.74 -4.09 -6.79
CA ARG C 308 -30.29 -5.31 -7.45
C ARG C 308 -30.29 -5.18 -8.96
N HIS C 309 -30.90 -4.14 -9.51
CA HIS C 309 -30.83 -3.84 -10.93
C HIS C 309 -29.65 -2.94 -11.29
N GLY C 310 -28.78 -2.66 -10.33
CA GLY C 310 -27.59 -1.85 -10.57
C GLY C 310 -26.34 -2.51 -10.04
N LYS C 311 -25.25 -1.74 -9.94
CA LYS C 311 -23.98 -2.24 -9.44
C LYS C 311 -23.47 -1.33 -8.34
N TYR C 312 -22.88 -1.94 -7.31
CA TYR C 312 -22.29 -1.18 -6.22
C TYR C 312 -20.89 -0.71 -6.57
N MET C 313 -20.55 0.49 -6.13
CA MET C 313 -19.18 0.98 -6.16
C MET C 313 -18.62 1.27 -4.78
N ALA C 314 -19.47 1.22 -3.74
CA ALA C 314 -19.03 1.43 -2.37
C ALA C 314 -20.18 1.09 -1.45
N CYS C 315 -19.85 0.52 -0.30
CA CYS C 315 -20.82 0.14 0.72
CA CYS C 315 -20.82 0.16 0.72
C CYS C 315 -20.22 0.45 2.09
N CYS C 316 -20.77 1.43 2.79
CA CYS C 316 -20.34 1.79 4.13
C CYS C 316 -21.45 1.50 5.12
N LEU C 317 -21.09 0.85 6.23
CA LEU C 317 -22.04 0.53 7.28
C LEU C 317 -21.66 1.29 8.54
N LEU C 318 -22.56 2.16 8.99
CA LEU C 318 -22.32 3.02 10.16
C LEU C 318 -23.17 2.52 11.32
N TYR C 319 -22.66 1.56 12.08
CA TYR C 319 -23.37 0.99 13.25
C TYR C 319 -23.33 1.99 14.40
N ARG C 320 -24.27 1.89 15.34
CA ARG C 320 -24.34 2.81 16.51
C ARG C 320 -24.96 2.04 17.69
N GLY C 321 -24.29 2.03 18.84
CA GLY C 321 -24.85 1.42 20.06
C GLY C 321 -24.23 0.09 20.42
N ASP C 322 -25.05 -0.89 20.81
CA ASP C 322 -24.57 -2.18 21.32
C ASP C 322 -24.20 -3.09 20.15
N VAL C 323 -22.97 -2.91 19.66
CA VAL C 323 -22.49 -3.59 18.46
C VAL C 323 -20.99 -3.83 18.62
N VAL C 324 -20.58 -5.08 18.43
CA VAL C 324 -19.17 -5.46 18.48
C VAL C 324 -18.75 -5.98 17.11
N PRO C 325 -17.49 -5.80 16.71
CA PRO C 325 -17.09 -6.17 15.34
C PRO C 325 -17.36 -7.62 14.99
N LYS C 326 -17.17 -8.55 15.93
CA LYS C 326 -17.42 -9.96 15.63
C LYS C 326 -18.80 -10.17 15.03
N ASP C 327 -19.81 -9.49 15.58
CA ASP C 327 -21.17 -9.64 15.06
C ASP C 327 -21.27 -9.09 13.64
N VAL C 328 -20.69 -7.90 13.39
CA VAL C 328 -20.75 -7.30 12.06
C VAL C 328 -20.15 -8.23 11.03
N ASN C 329 -18.97 -8.81 11.34
CA ASN C 329 -18.31 -9.69 10.38
C ASN C 329 -19.18 -10.90 10.06
N ALA C 330 -19.76 -11.52 11.09
CA ALA C 330 -20.65 -12.64 10.85
C ALA C 330 -21.81 -12.24 9.94
N ALA C 331 -22.42 -11.09 10.21
CA ALA C 331 -23.58 -10.67 9.43
C ALA C 331 -23.22 -10.51 7.95
N ILE C 332 -22.14 -9.77 7.67
CA ILE C 332 -21.76 -9.54 6.28
C ILE C 332 -21.48 -10.85 5.56
N ALA C 333 -20.78 -11.76 6.22
CA ALA C 333 -20.47 -13.06 5.61
C ALA C 333 -21.72 -13.71 5.05
N THR C 334 -22.77 -13.82 5.86
CA THR C 334 -24.02 -14.42 5.40
C THR C 334 -24.69 -13.55 4.34
N ILE C 335 -24.76 -12.24 4.58
CA ILE C 335 -25.31 -11.32 3.57
C ILE C 335 -24.62 -11.54 2.23
N LYS C 336 -23.28 -11.54 2.25
CA LYS C 336 -22.52 -11.72 1.02
C LYS C 336 -23.03 -12.91 0.20
N THR C 337 -23.57 -13.91 0.89
CA THR C 337 -24.02 -15.13 0.18
C THR C 337 -25.50 -15.06 -0.18
N LYS C 338 -26.37 -14.95 0.81
CA LYS C 338 -27.84 -14.99 0.55
C LYS C 338 -28.31 -13.79 -0.27
N ARG C 339 -27.40 -12.88 -0.64
CA ARG C 339 -27.86 -11.65 -1.35
C ARG C 339 -27.11 -11.48 -2.67
N SER C 340 -27.51 -10.49 -3.47
CA SER C 340 -26.90 -10.31 -4.80
C SER C 340 -26.15 -8.98 -4.85
N ILE C 341 -25.17 -8.81 -3.96
CA ILE C 341 -24.36 -7.57 -3.98
C ILE C 341 -23.42 -7.64 -5.19
N GLN C 342 -23.73 -6.92 -6.27
CA GLN C 342 -22.87 -6.91 -7.47
C GLN C 342 -22.04 -5.63 -7.51
N PHE C 343 -20.72 -5.75 -7.46
CA PHE C 343 -19.82 -4.61 -7.51
C PHE C 343 -19.31 -4.42 -8.93
N VAL C 344 -19.03 -3.17 -9.28
CA VAL C 344 -18.32 -2.92 -10.53
C VAL C 344 -16.97 -3.61 -10.47
N ASP C 345 -16.41 -3.89 -11.64
CA ASP C 345 -15.17 -4.64 -11.71
C ASP C 345 -13.94 -3.81 -11.35
N TRP C 346 -14.05 -2.49 -11.26
CA TRP C 346 -12.90 -1.63 -11.08
C TRP C 346 -12.69 -1.20 -9.63
N CYS C 347 -13.43 -1.76 -8.69
CA CYS C 347 -13.24 -1.38 -7.31
C CYS C 347 -13.40 -2.61 -6.43
N PRO C 348 -12.72 -2.65 -5.28
CA PRO C 348 -12.81 -3.83 -4.41
C PRO C 348 -14.21 -4.04 -3.88
N THR C 349 -14.59 -5.31 -3.74
CA THR C 349 -15.90 -5.68 -3.19
C THR C 349 -15.74 -5.87 -1.69
N GLY C 350 -15.81 -4.76 -0.95
CA GLY C 350 -15.72 -4.82 0.51
C GLY C 350 -16.71 -3.86 1.14
N PHE C 351 -16.85 -4.01 2.45
CA PHE C 351 -17.77 -3.21 3.25
C PHE C 351 -16.96 -2.43 4.28
N LYS C 352 -16.96 -1.11 4.17
CA LYS C 352 -16.31 -0.25 5.14
C LYS C 352 -17.24 -0.04 6.34
N VAL C 353 -16.74 -0.35 7.54
CA VAL C 353 -17.55 -0.39 8.75
C VAL C 353 -17.05 0.65 9.74
N GLY C 354 -17.99 1.33 10.37
CA GLY C 354 -17.69 2.16 11.53
C GLY C 354 -18.69 1.87 12.63
N ILE C 355 -18.22 1.85 13.87
CA ILE C 355 -19.10 1.52 15.02
C ILE C 355 -19.01 2.63 16.06
N ASN C 356 -20.04 3.45 16.17
CA ASN C 356 -20.14 4.45 17.26
C ASN C 356 -20.75 3.68 18.41
N TYR C 357 -20.47 4.05 19.65
CA TYR C 357 -20.92 3.27 20.82
C TYR C 357 -21.99 4.07 21.56
N GLN C 358 -22.21 5.32 21.18
CA GLN C 358 -23.30 6.07 21.79
C GLN C 358 -24.62 5.61 21.18
N PRO C 359 -25.53 5.03 21.97
CA PRO C 359 -26.74 4.43 21.40
C PRO C 359 -27.67 5.48 20.84
N PRO C 360 -28.64 5.08 20.02
CA PRO C 360 -29.54 6.06 19.41
C PRO C 360 -30.50 6.66 20.43
N THR C 361 -30.97 7.86 20.11
CA THR C 361 -31.91 8.58 20.95
C THR C 361 -33.23 8.74 20.20
N VAL C 362 -34.31 8.93 20.98
CA VAL C 362 -35.62 9.24 20.42
C VAL C 362 -36.15 10.49 21.11
N VAL C 363 -36.74 11.38 20.33
CA VAL C 363 -37.39 12.56 20.93
C VAL C 363 -38.61 12.10 21.71
N PRO C 364 -38.89 12.67 22.88
CA PRO C 364 -40.14 12.33 23.57
C PRO C 364 -41.34 12.60 22.68
N GLY C 365 -42.29 11.67 22.70
CA GLY C 365 -43.47 11.75 21.87
C GLY C 365 -43.27 11.37 20.41
N GLY C 366 -42.06 10.97 20.02
CA GLY C 366 -41.84 10.46 18.69
C GLY C 366 -42.51 9.11 18.49
N ASP C 367 -42.45 8.63 17.25
CA ASP C 367 -43.07 7.37 16.87
C ASP C 367 -42.09 6.21 16.79
N LEU C 368 -40.79 6.47 16.78
CA LEU C 368 -39.80 5.40 16.76
C LEU C 368 -39.62 4.80 18.15
N ALA C 369 -39.44 3.48 18.19
CA ALA C 369 -39.13 2.80 19.44
C ALA C 369 -37.66 3.00 19.79
N LYS C 370 -37.38 3.01 21.08
CA LYS C 370 -36.00 3.07 21.54
C LYS C 370 -35.35 1.70 21.39
N VAL C 371 -34.23 1.64 20.68
CA VAL C 371 -33.53 0.39 20.42
C VAL C 371 -32.11 0.49 20.98
N GLN C 372 -31.49 -0.68 21.19
CA GLN C 372 -30.14 -0.73 21.71
C GLN C 372 -29.07 -0.60 20.64
N ARG C 373 -29.41 -0.82 19.37
CA ARG C 373 -28.45 -0.76 18.29
C ARG C 373 -29.16 -0.40 16.99
N ALA C 374 -28.44 0.32 16.13
CA ALA C 374 -28.99 0.77 14.86
C ALA C 374 -27.86 0.83 13.83
N VAL C 375 -28.26 0.96 12.56
CA VAL C 375 -27.28 1.02 11.47
C VAL C 375 -27.85 1.89 10.37
N CYS C 376 -26.97 2.73 9.80
CA CYS C 376 -27.23 3.44 8.56
C CYS C 376 -26.20 2.99 7.54
N MET C 377 -26.67 2.52 6.39
CA MET C 377 -25.79 2.07 5.32
C MET C 377 -25.71 3.11 4.23
N LEU C 378 -24.50 3.53 3.90
CA LEU C 378 -24.24 4.48 2.82
C LEU C 378 -23.56 3.74 1.69
N SER C 379 -24.21 3.69 0.53
CA SER C 379 -23.68 2.94 -0.60
C SER C 379 -23.83 3.75 -1.88
N ASN C 380 -22.83 3.64 -2.75
CA ASN C 380 -22.88 4.24 -4.08
C ASN C 380 -23.26 3.15 -5.09
N THR C 381 -24.50 3.19 -5.55
CA THR C 381 -24.99 2.22 -6.52
C THR C 381 -25.54 2.95 -7.73
N THR C 382 -25.26 2.41 -8.93
CA THR C 382 -25.82 2.97 -10.15
C THR C 382 -27.34 2.96 -10.15
N ALA C 383 -27.97 2.23 -9.23
CA ALA C 383 -29.42 2.15 -9.21
C ALA C 383 -30.06 3.50 -8.92
N ILE C 384 -29.40 4.37 -8.17
CA ILE C 384 -29.99 5.66 -7.88
C ILE C 384 -30.33 6.45 -9.15
N ALA C 385 -29.77 6.08 -10.31
CA ALA C 385 -30.11 6.80 -11.53
C ALA C 385 -31.60 6.72 -11.82
N GLU C 386 -32.27 5.69 -11.31
CA GLU C 386 -33.72 5.58 -11.51
C GLU C 386 -34.44 6.84 -11.02
N ALA C 387 -34.02 7.38 -9.87
CA ALA C 387 -34.62 8.60 -9.37
C ALA C 387 -34.41 9.76 -10.33
N TRP C 388 -33.24 9.81 -10.96
CA TRP C 388 -33.01 10.82 -12.00
C TRP C 388 -33.95 10.62 -13.17
N ALA C 389 -34.10 9.38 -13.64
CA ALA C 389 -34.96 9.11 -14.78
C ALA C 389 -36.40 9.56 -14.51
N ARG C 390 -36.94 9.17 -13.36
CA ARG C 390 -38.33 9.53 -13.04
C ARG C 390 -38.50 11.04 -13.03
N LEU C 391 -37.62 11.74 -12.31
CA LEU C 391 -37.71 13.20 -12.26
C LEU C 391 -37.55 13.81 -13.64
N ASP C 392 -36.60 13.29 -14.43
CA ASP C 392 -36.37 13.84 -15.76
C ASP C 392 -37.59 13.67 -16.65
N HIS C 393 -38.30 12.55 -16.51
CA HIS C 393 -39.44 12.29 -17.40
C HIS C 393 -40.59 13.26 -17.14
N LYS C 394 -40.91 13.51 -15.86
CA LYS C 394 -41.92 14.50 -15.55
C LYS C 394 -41.55 15.86 -16.13
N PHE C 395 -40.26 16.21 -16.06
CA PHE C 395 -39.78 17.44 -16.69
C PHE C 395 -40.10 17.44 -18.17
N ASP C 396 -39.77 16.35 -18.86
CA ASP C 396 -39.98 16.30 -20.31
C ASP C 396 -41.44 16.50 -20.66
N LEU C 397 -42.34 15.88 -19.89
CA LEU C 397 -43.76 15.96 -20.22
C LEU C 397 -44.24 17.41 -20.25
N MET C 398 -43.81 18.20 -19.26
CA MET C 398 -44.27 19.59 -19.19
C MET C 398 -43.53 20.46 -20.21
N TYR C 399 -42.20 20.34 -20.25
CA TYR C 399 -41.42 21.24 -21.10
C TYR C 399 -41.77 21.09 -22.57
N ALA C 400 -42.17 19.89 -23.00
CA ALA C 400 -42.56 19.71 -24.40
C ALA C 400 -43.63 20.72 -24.81
N LYS C 401 -44.57 21.01 -23.91
CA LYS C 401 -45.60 22.00 -24.15
C LYS C 401 -45.23 23.39 -23.62
N ARG C 402 -44.04 23.53 -23.03
CA ARG C 402 -43.61 24.80 -22.43
C ARG C 402 -44.57 25.25 -21.33
N ALA C 403 -45.25 24.30 -20.70
CA ALA C 403 -46.19 24.63 -19.65
C ALA C 403 -45.50 25.31 -18.49
N PHE C 404 -46.12 26.38 -17.98
CA PHE C 404 -45.62 27.08 -16.80
C PHE C 404 -44.30 27.81 -17.03
N VAL C 405 -43.68 27.63 -18.20
CA VAL C 405 -42.37 28.22 -18.46
C VAL C 405 -42.43 29.74 -18.42
N HIS C 406 -43.60 30.34 -18.62
CA HIS C 406 -43.69 31.79 -18.64
C HIS C 406 -43.50 32.42 -17.26
N TRP C 407 -43.74 31.65 -16.19
CA TRP C 407 -43.49 32.19 -14.86
C TRP C 407 -42.00 32.38 -14.60
N TYR C 408 -41.17 31.57 -15.25
CA TYR C 408 -39.72 31.67 -15.12
C TYR C 408 -39.14 32.72 -16.08
N VAL C 409 -39.59 32.71 -17.33
CA VAL C 409 -39.11 33.69 -18.31
C VAL C 409 -39.50 35.09 -17.88
N GLY C 410 -40.69 35.24 -17.30
CA GLY C 410 -41.12 36.55 -16.83
C GLY C 410 -40.26 37.10 -15.72
N GLU C 411 -39.55 36.24 -15.01
CA GLU C 411 -38.66 36.67 -13.95
C GLU C 411 -37.23 36.94 -14.43
N GLY C 412 -36.91 36.65 -15.70
CA GLY C 412 -35.57 36.94 -16.17
C GLY C 412 -34.89 35.76 -16.83
N MET C 413 -35.37 34.55 -16.55
CA MET C 413 -34.75 33.36 -17.09
C MET C 413 -35.00 33.24 -18.59
N GLU C 414 -34.11 32.49 -19.25
CA GLU C 414 -34.22 32.19 -20.67
C GLU C 414 -34.54 30.72 -20.86
N GLU C 415 -35.25 30.41 -21.95
CA GLU C 415 -35.50 29.01 -22.29
C GLU C 415 -34.20 28.22 -22.37
N GLY C 416 -33.11 28.87 -22.79
CA GLY C 416 -31.84 28.15 -22.92
C GLY C 416 -31.38 27.52 -21.62
N GLU C 417 -31.69 28.15 -20.49
N GLU C 417 -31.68 28.14 -20.48
CA GLU C 417 -31.29 27.60 -19.20
CA GLU C 417 -31.27 27.55 -19.21
C GLU C 417 -32.05 26.34 -18.84
C GLU C 417 -32.00 26.25 -18.93
N PHE C 418 -33.19 26.08 -19.49
CA PHE C 418 -33.93 24.84 -19.29
C PHE C 418 -33.29 23.70 -20.05
N SER C 419 -33.11 23.89 -21.36
CA SER C 419 -32.45 22.84 -22.15
C SER C 419 -31.05 22.56 -21.64
N GLU C 420 -30.34 23.61 -21.21
CA GLU C 420 -29.02 23.40 -20.62
C GLU C 420 -29.10 22.52 -19.37
N ALA C 421 -29.99 22.88 -18.43
CA ALA C 421 -30.17 22.06 -17.24
C ALA C 421 -30.56 20.63 -17.61
N ARG C 422 -31.43 20.48 -18.61
CA ARG C 422 -31.86 19.15 -19.01
C ARG C 422 -30.74 18.37 -19.70
N GLU C 423 -29.99 19.03 -20.59
CA GLU C 423 -28.86 18.37 -21.22
C GLU C 423 -27.91 17.80 -20.17
N ASP C 424 -27.62 18.59 -19.13
CA ASP C 424 -26.80 18.12 -18.02
C ASP C 424 -27.40 16.86 -17.41
N MET C 425 -28.68 16.93 -17.03
CA MET C 425 -29.35 15.74 -16.50
C MET C 425 -29.16 14.55 -17.44
N ALA C 426 -29.26 14.78 -18.75
CA ALA C 426 -29.11 13.69 -19.71
C ALA C 426 -27.71 13.10 -19.64
N ALA C 427 -26.69 13.95 -19.55
CA ALA C 427 -25.32 13.46 -19.43
C ALA C 427 -25.13 12.69 -18.12
N LEU C 428 -25.71 13.20 -17.02
CA LEU C 428 -25.61 12.50 -15.75
C LEU C 428 -26.17 11.09 -15.84
N GLU C 429 -27.29 10.92 -16.55
CA GLU C 429 -27.85 9.57 -16.70
C GLU C 429 -26.92 8.68 -17.50
N LYS C 430 -26.30 9.23 -18.55
CA LYS C 430 -25.33 8.44 -19.33
C LYS C 430 -24.11 8.14 -18.47
N ASP C 431 -23.70 9.11 -17.64
CA ASP C 431 -22.55 8.90 -16.78
C ASP C 431 -22.75 7.69 -15.87
N TYR C 432 -23.96 7.52 -15.33
CA TYR C 432 -24.24 6.38 -14.48
C TYR C 432 -24.26 5.09 -15.29
N GLU C 433 -24.75 5.16 -16.53
CA GLU C 433 -24.66 4.04 -17.44
C GLU C 433 -23.21 3.56 -17.58
N GLU C 434 -22.29 4.50 -17.81
CA GLU C 434 -20.94 4.14 -18.21
C GLU C 434 -20.13 3.53 -17.06
N VAL C 435 -20.29 4.07 -15.84
CA VAL C 435 -19.52 3.56 -14.71
C VAL C 435 -19.85 2.10 -14.45
N GLY C 436 -21.06 1.68 -14.83
CA GLY C 436 -21.49 0.30 -14.61
C GLY C 436 -20.99 -0.68 -15.65
N VAL C 437 -20.58 -0.20 -16.82
CA VAL C 437 -20.11 -1.11 -17.86
C VAL C 437 -18.80 -1.77 -17.42
N ASP C 438 -18.60 -3.01 -17.87
CA ASP C 438 -17.38 -3.74 -17.54
C ASP C 438 -16.21 -3.23 -18.37
N SER C 439 -15.01 -3.57 -17.92
CA SER C 439 -13.80 -3.08 -18.55
C SER C 439 -13.43 -3.94 -19.75
N VAL C 440 -12.50 -3.43 -20.55
CA VAL C 440 -12.04 -4.13 -21.75
C VAL C 440 -11.09 -5.26 -21.37
N MET D 1 -48.62 39.48 6.89
CA MET D 1 -48.11 40.62 6.12
C MET D 1 -48.11 40.31 4.63
N ARG D 2 -49.07 39.51 4.20
CA ARG D 2 -49.34 39.24 2.79
C ARG D 2 -50.67 39.92 2.46
N GLU D 3 -50.64 41.24 2.36
CA GLU D 3 -51.87 42.02 2.29
C GLU D 3 -52.46 42.02 0.88
N ILE D 4 -53.78 41.91 0.81
CA ILE D 4 -54.54 42.05 -0.42
C ILE D 4 -55.37 43.32 -0.33
N VAL D 5 -55.48 44.04 -1.45
CA VAL D 5 -56.32 45.22 -1.53
C VAL D 5 -57.56 44.87 -2.35
N HIS D 6 -58.72 45.04 -1.75
CA HIS D 6 -59.98 44.63 -2.37
C HIS D 6 -60.68 45.84 -2.98
N ILE D 7 -61.22 45.64 -4.18
CA ILE D 7 -61.93 46.69 -4.90
C ILE D 7 -63.28 46.15 -5.35
N GLN D 8 -64.34 46.91 -5.09
CA GLN D 8 -65.68 46.60 -5.58
C GLN D 8 -66.15 47.74 -6.48
N ALA D 9 -66.69 47.40 -7.65
CA ALA D 9 -67.12 48.40 -8.62
C ALA D 9 -68.49 48.02 -9.18
N GLY D 10 -69.42 48.97 -9.12
CA GLY D 10 -70.74 48.81 -9.68
C GLY D 10 -71.70 48.06 -8.76
N GLN D 11 -72.94 47.94 -9.22
CA GLN D 11 -73.99 47.27 -8.46
C GLN D 11 -73.54 45.88 -8.06
N CYS D 12 -73.45 44.97 -9.03
CA CYS D 12 -72.99 43.62 -8.77
C CYS D 12 -71.71 43.62 -7.96
N GLY D 13 -70.73 44.42 -8.38
CA GLY D 13 -69.47 44.48 -7.67
C GLY D 13 -69.63 44.75 -6.19
N ASN D 14 -70.46 45.74 -5.84
CA ASN D 14 -70.67 46.07 -4.44
C ASN D 14 -71.65 45.12 -3.76
N GLN D 15 -72.59 44.56 -4.52
CA GLN D 15 -73.53 43.60 -3.95
C GLN D 15 -72.78 42.38 -3.43
N ILE D 16 -72.22 41.59 -4.35
CA ILE D 16 -71.44 40.42 -3.93
C ILE D 16 -70.26 40.84 -3.09
N GLY D 17 -69.72 42.04 -3.30
CA GLY D 17 -68.65 42.52 -2.46
C GLY D 17 -69.06 42.70 -1.02
N ALA D 18 -70.28 43.22 -0.80
CA ALA D 18 -70.76 43.40 0.56
C ALA D 18 -70.97 42.07 1.26
N LYS D 19 -71.58 41.10 0.56
CA LYS D 19 -71.83 39.79 1.15
C LYS D 19 -70.51 39.07 1.48
N PHE D 20 -69.49 39.26 0.64
CA PHE D 20 -68.19 38.67 0.92
C PHE D 20 -67.69 39.08 2.31
N TRP D 21 -67.69 40.39 2.59
CA TRP D 21 -67.19 40.87 3.87
C TRP D 21 -68.06 40.43 5.03
N GLU D 22 -69.38 40.32 4.82
CA GLU D 22 -70.25 39.74 5.83
C GLU D 22 -69.78 38.35 6.24
N VAL D 23 -69.50 37.50 5.24
CA VAL D 23 -69.29 36.08 5.48
C VAL D 23 -67.93 35.81 6.11
N ILE D 24 -66.87 36.38 5.55
CA ILE D 24 -65.55 36.13 6.14
C ILE D 24 -65.40 36.87 7.46
N SER D 25 -66.15 37.96 7.65
CA SER D 25 -66.16 38.61 8.95
C SER D 25 -66.71 37.67 10.02
N ASP D 26 -67.82 37.00 9.73
CA ASP D 26 -68.40 36.05 10.68
C ASP D 26 -67.48 34.86 10.91
N GLU D 27 -66.67 34.48 9.91
CA GLU D 27 -65.74 33.38 10.07
C GLU D 27 -64.54 33.73 10.94
N HIS D 28 -64.07 34.98 10.88
CA HIS D 28 -62.92 35.42 11.66
C HIS D 28 -63.29 36.07 12.98
N GLY D 29 -64.58 36.16 13.29
CA GLY D 29 -65.01 36.73 14.54
C GLY D 29 -64.87 38.24 14.63
N ILE D 30 -65.44 38.95 13.66
CA ILE D 30 -65.47 40.41 13.65
C ILE D 30 -66.93 40.84 13.53
N ASP D 31 -67.37 41.72 14.44
CA ASP D 31 -68.74 42.19 14.40
C ASP D 31 -68.86 43.40 13.48
N PRO D 32 -70.07 43.94 13.28
CA PRO D 32 -70.22 45.10 12.39
C PRO D 32 -69.43 46.32 12.82
N THR D 33 -68.97 46.37 14.08
CA THR D 33 -68.16 47.50 14.53
C THR D 33 -66.66 47.25 14.40
N GLY D 34 -66.25 46.01 14.14
CA GLY D 34 -64.84 45.71 13.94
C GLY D 34 -64.11 45.14 15.13
N SER D 35 -64.80 44.86 16.23
CA SER D 35 -64.16 44.23 17.38
C SER D 35 -64.07 42.72 17.18
N TYR D 36 -63.03 42.13 17.75
CA TYR D 36 -62.87 40.68 17.68
C TYR D 36 -63.67 40.03 18.80
N HIS D 37 -64.60 39.16 18.43
CA HIS D 37 -65.43 38.45 19.41
C HIS D 37 -65.40 36.94 19.16
N GLY D 38 -64.28 36.44 18.63
CA GLY D 38 -64.15 35.04 18.31
C GLY D 38 -63.60 34.22 19.47
N ASP D 39 -63.43 32.92 19.20
CA ASP D 39 -62.98 31.97 20.20
C ASP D 39 -61.73 31.20 19.84
N SER D 40 -61.32 31.21 18.58
CA SER D 40 -60.15 30.44 18.13
C SER D 40 -59.04 31.39 17.68
N ASP D 41 -57.81 31.06 18.07
CA ASP D 41 -56.66 31.84 17.63
C ASP D 41 -56.44 31.73 16.13
N LEU D 42 -56.99 30.70 15.48
CA LEU D 42 -56.80 30.53 14.05
C LEU D 42 -57.49 31.63 13.26
N GLN D 43 -58.41 32.37 13.86
CA GLN D 43 -59.15 33.41 13.16
C GLN D 43 -58.34 34.69 12.98
N LEU D 44 -57.36 34.94 13.83
CA LEU D 44 -56.57 36.16 13.78
C LEU D 44 -55.17 35.95 13.23
N GLU D 45 -54.80 34.72 12.88
CA GLU D 45 -53.43 34.46 12.45
C GLU D 45 -53.11 35.16 11.14
N ARG D 46 -54.02 35.07 10.16
CA ARG D 46 -53.85 35.75 8.88
C ARG D 46 -54.86 36.87 8.68
N ILE D 47 -55.35 37.46 9.78
CA ILE D 47 -56.39 38.53 9.68
C ILE D 47 -55.82 39.69 8.88
N ASN D 48 -54.50 39.82 8.84
CA ASN D 48 -53.86 40.98 8.17
C ASN D 48 -54.07 40.92 6.66
N VAL D 49 -54.34 39.74 6.12
CA VAL D 49 -54.44 39.59 4.63
C VAL D 49 -55.58 40.45 4.12
N TYR D 50 -56.68 40.53 4.87
CA TYR D 50 -57.84 41.25 4.39
C TYR D 50 -58.25 42.42 5.27
N TYR D 51 -57.71 42.54 6.47
CA TYR D 51 -58.13 43.59 7.40
C TYR D 51 -56.93 44.41 7.86
N ASN D 52 -57.15 45.71 7.98
CA ASN D 52 -56.17 46.58 8.61
C ASN D 52 -56.43 46.65 10.11
N GLU D 53 -55.37 46.86 10.87
CA GLU D 53 -55.51 47.13 12.29
C GLU D 53 -55.88 48.60 12.46
N ALA D 54 -56.92 48.85 13.24
CA ALA D 54 -57.36 50.20 13.59
C ALA D 54 -57.15 50.42 15.08
N THR D 55 -56.56 51.57 15.42
CA THR D 55 -56.29 51.92 16.82
C THR D 55 -57.46 51.54 17.71
N GLY D 56 -57.17 50.79 18.76
CA GLY D 56 -58.19 50.34 19.69
C GLY D 56 -58.73 48.95 19.44
N ASN D 57 -57.99 48.10 18.74
CA ASN D 57 -58.38 46.72 18.47
C ASN D 57 -59.57 46.66 17.52
N LYS D 58 -59.68 47.63 16.62
CA LYS D 58 -60.68 47.56 15.56
C LYS D 58 -60.06 46.95 14.31
N TYR D 59 -60.86 46.17 13.58
CA TYR D 59 -60.41 45.52 12.36
C TYR D 59 -61.22 46.08 11.19
N VAL D 60 -60.58 46.90 10.37
CA VAL D 60 -61.24 47.55 9.23
C VAL D 60 -60.88 46.77 7.97
N PRO D 61 -61.84 46.47 7.11
CA PRO D 61 -61.49 45.81 5.85
C PRO D 61 -60.62 46.71 4.98
N ARG D 62 -59.78 46.09 4.16
CA ARG D 62 -58.95 46.82 3.21
C ARG D 62 -59.64 46.84 1.84
N ALA D 63 -60.82 47.46 1.82
CA ALA D 63 -61.70 47.46 0.66
C ALA D 63 -61.94 48.88 0.17
N ILE D 64 -62.05 49.03 -1.16
CA ILE D 64 -62.38 50.28 -1.80
C ILE D 64 -63.71 50.10 -2.52
N LEU D 65 -64.67 50.97 -2.23
CA LEU D 65 -66.00 50.90 -2.81
C LEU D 65 -66.14 51.94 -3.90
N VAL D 66 -66.47 51.50 -5.12
CA VAL D 66 -66.48 52.44 -6.27
C VAL D 66 -67.73 52.22 -7.13
N ASP D 67 -68.30 53.31 -7.68
CA ASP D 67 -69.49 53.22 -8.58
C ASP D 67 -69.76 54.61 -9.19
N LEU D 68 -70.12 54.66 -10.46
CA LEU D 68 -70.38 55.95 -11.14
C LEU D 68 -71.73 56.52 -10.68
N GLU D 69 -72.31 55.96 -9.63
CA GLU D 69 -73.65 56.40 -9.15
C GLU D 69 -73.76 56.11 -7.64
N PRO D 70 -74.48 56.92 -6.85
CA PRO D 70 -74.53 56.76 -5.39
C PRO D 70 -75.55 55.73 -4.88
N GLY D 71 -76.44 55.26 -5.75
CA GLY D 71 -77.46 54.31 -5.35
C GLY D 71 -76.97 53.17 -4.49
N THR D 72 -76.17 52.28 -5.07
CA THR D 72 -75.76 51.08 -4.29
C THR D 72 -74.91 51.48 -3.09
N MET D 73 -74.08 52.51 -3.23
CA MET D 73 -73.18 52.84 -2.13
C MET D 73 -73.92 53.35 -0.90
N ASP D 74 -75.05 54.02 -1.09
CA ASP D 74 -75.90 54.36 0.06
C ASP D 74 -76.41 53.10 0.74
N SER D 75 -76.75 52.08 -0.04
CA SER D 75 -77.36 50.88 0.51
C SER D 75 -76.34 50.01 1.24
N VAL D 76 -75.18 49.78 0.64
CA VAL D 76 -74.15 48.99 1.31
C VAL D 76 -73.79 49.63 2.64
N ARG D 77 -73.91 50.96 2.73
CA ARG D 77 -73.63 51.67 3.96
C ARG D 77 -74.72 51.51 5.01
N SER D 78 -75.88 50.95 4.64
CA SER D 78 -77.00 50.80 5.56
C SER D 78 -77.36 49.35 5.84
N GLY D 79 -76.58 48.43 5.25
CA GLY D 79 -76.83 46.99 5.48
C GLY D 79 -76.01 46.48 6.65
N PRO D 80 -75.94 45.16 6.88
CA PRO D 80 -75.10 44.63 7.94
C PRO D 80 -73.63 44.93 7.64
N PHE D 81 -72.87 45.37 8.64
CA PHE D 81 -71.41 45.63 8.45
C PHE D 81 -71.20 46.83 7.53
N GLY D 82 -72.18 47.74 7.44
CA GLY D 82 -72.00 48.96 6.65
C GLY D 82 -71.06 49.93 7.36
N GLN D 83 -71.14 49.97 8.69
CA GLN D 83 -70.26 50.83 9.46
C GLN D 83 -68.84 50.30 9.60
N ILE D 84 -68.57 49.08 9.10
CA ILE D 84 -67.23 48.52 9.23
C ILE D 84 -66.27 49.20 8.28
N PHE D 85 -66.74 49.57 7.09
CA PHE D 85 -65.85 50.11 6.07
C PHE D 85 -65.40 51.52 6.41
N ARG D 86 -64.22 51.87 5.91
CA ARG D 86 -63.69 53.22 6.03
C ARG D 86 -64.51 54.16 5.17
N PRO D 87 -65.14 55.19 5.75
CA PRO D 87 -65.90 56.13 4.91
C PRO D 87 -65.03 56.87 3.91
N ASP D 88 -63.72 56.95 4.13
CA ASP D 88 -62.84 57.56 3.14
C ASP D 88 -62.77 56.73 1.87
N ASN D 89 -62.90 55.41 1.98
CA ASN D 89 -62.75 54.50 0.84
C ASN D 89 -64.06 54.30 0.06
N PHE D 90 -65.05 55.16 0.29
CA PHE D 90 -66.20 55.29 -0.61
C PHE D 90 -65.88 56.32 -1.68
N VAL D 91 -65.99 55.93 -2.95
CA VAL D 91 -65.64 56.77 -4.09
C VAL D 91 -66.75 56.56 -5.11
N PHE D 92 -67.77 57.42 -5.06
CA PHE D 92 -68.92 57.33 -5.94
C PHE D 92 -69.05 58.60 -6.74
N GLY D 93 -69.57 58.46 -7.96
CA GLY D 93 -69.93 59.60 -8.77
C GLY D 93 -71.44 59.84 -8.74
N GLN D 94 -71.93 60.44 -9.82
CA GLN D 94 -73.36 60.74 -9.94
C GLN D 94 -73.94 60.56 -11.34
N SER D 95 -73.15 60.69 -12.41
CA SER D 95 -73.70 60.64 -13.76
C SER D 95 -74.19 59.24 -14.14
N GLY D 96 -73.70 58.20 -13.46
CA GLY D 96 -74.06 56.84 -13.81
C GLY D 96 -73.48 56.42 -15.14
N ALA D 97 -73.55 55.13 -15.44
CA ALA D 97 -72.99 54.60 -16.68
C ALA D 97 -74.03 54.10 -17.67
N GLY D 98 -75.30 54.03 -17.28
CA GLY D 98 -76.31 53.56 -18.20
C GLY D 98 -76.05 52.19 -18.78
N ASN D 99 -75.35 51.32 -18.05
CA ASN D 99 -75.06 49.96 -18.52
C ASN D 99 -74.33 49.97 -19.86
N ASN D 100 -73.49 50.98 -20.06
CA ASN D 100 -72.76 51.19 -21.31
C ASN D 100 -71.27 51.07 -21.01
N TRP D 101 -70.64 50.01 -21.53
CA TRP D 101 -69.23 49.77 -21.28
C TRP D 101 -68.38 50.97 -21.70
N ALA D 102 -68.69 51.57 -22.85
CA ALA D 102 -67.89 52.70 -23.33
C ALA D 102 -67.87 53.86 -22.34
N LYS D 103 -68.98 54.09 -21.63
CA LYS D 103 -69.02 55.21 -20.70
C LYS D 103 -68.14 54.97 -19.48
N GLY D 104 -68.03 53.71 -19.04
CA GLY D 104 -67.22 53.41 -17.89
C GLY D 104 -65.74 53.27 -18.17
N HIS D 105 -65.37 53.05 -19.43
CA HIS D 105 -63.97 52.83 -19.78
C HIS D 105 -63.29 54.07 -20.36
N TYR D 106 -64.03 54.91 -21.08
CA TYR D 106 -63.40 56.03 -21.81
C TYR D 106 -63.84 57.40 -21.33
N THR D 107 -65.11 57.65 -21.02
CA THR D 107 -65.62 58.99 -20.76
C THR D 107 -65.96 59.18 -19.28
N GLU D 108 -67.08 58.63 -18.82
CA GLU D 108 -67.50 58.88 -17.44
C GLU D 108 -66.53 58.25 -16.44
N GLY D 109 -66.24 56.95 -16.60
CA GLY D 109 -65.30 56.30 -15.71
C GLY D 109 -63.93 56.97 -15.68
N ALA D 110 -63.56 57.64 -16.77
CA ALA D 110 -62.28 58.34 -16.81
C ALA D 110 -62.25 59.51 -15.82
N GLU D 111 -63.33 60.28 -15.76
CA GLU D 111 -63.37 61.43 -14.88
C GLU D 111 -63.12 61.04 -13.42
N LEU D 112 -63.50 59.82 -13.05
CA LEU D 112 -63.47 59.36 -11.67
C LEU D 112 -62.30 58.43 -11.37
N VAL D 113 -61.54 58.00 -12.38
CA VAL D 113 -60.50 57.00 -12.19
C VAL D 113 -59.29 57.51 -11.41
N ASP D 114 -59.14 58.83 -11.28
CA ASP D 114 -58.05 59.36 -10.46
C ASP D 114 -58.38 59.35 -8.98
N SER D 115 -59.61 59.73 -8.62
CA SER D 115 -60.01 59.67 -7.23
C SER D 115 -59.84 58.27 -6.67
N VAL D 116 -60.25 57.26 -7.43
CA VAL D 116 -60.14 55.88 -6.97
C VAL D 116 -58.68 55.50 -6.82
N LEU D 117 -57.81 56.04 -7.69
CA LEU D 117 -56.39 55.67 -7.62
C LEU D 117 -55.74 56.20 -6.36
N ASP D 118 -56.09 57.42 -5.93
CA ASP D 118 -55.48 57.97 -4.72
C ASP D 118 -55.78 57.10 -3.51
N VAL D 119 -56.98 56.53 -3.45
CA VAL D 119 -57.33 55.65 -2.33
C VAL D 119 -56.56 54.34 -2.43
N VAL D 120 -56.38 53.82 -3.64
CA VAL D 120 -55.59 52.61 -3.83
C VAL D 120 -54.17 52.84 -3.33
N ARG D 121 -53.55 53.95 -3.74
CA ARG D 121 -52.18 54.22 -3.31
C ARG D 121 -52.12 54.38 -1.80
N LYS D 122 -53.12 55.03 -1.21
CA LYS D 122 -53.13 55.20 0.24
C LYS D 122 -53.19 53.84 0.93
N GLU D 123 -54.06 52.96 0.44
CA GLU D 123 -54.15 51.62 1.03
C GLU D 123 -52.92 50.80 0.71
N SER D 124 -52.46 50.84 -0.54
CA SER D 124 -51.29 50.05 -0.93
C SER D 124 -50.05 50.47 -0.16
N GLU D 125 -49.81 51.77 -0.05
CA GLU D 125 -48.62 52.25 0.62
C GLU D 125 -48.59 51.81 2.09
N SER D 126 -49.76 51.60 2.68
CA SER D 126 -49.85 51.22 4.08
C SER D 126 -49.72 49.71 4.29
N CYS D 127 -49.13 48.99 3.34
CA CYS D 127 -49.04 47.54 3.38
C CYS D 127 -47.62 47.12 3.70
N ASP D 128 -47.46 46.27 4.73
CA ASP D 128 -46.15 45.77 5.07
C ASP D 128 -45.50 45.08 3.88
N CYS D 129 -46.27 44.29 3.14
CA CYS D 129 -45.77 43.62 1.95
C CYS D 129 -46.93 43.31 1.02
N LEU D 130 -47.33 44.29 0.22
CA LEU D 130 -48.50 44.13 -0.64
C LEU D 130 -48.37 42.90 -1.50
N GLN D 131 -49.49 42.20 -1.67
CA GLN D 131 -49.58 40.94 -2.38
C GLN D 131 -50.20 41.05 -3.76
N GLY D 132 -51.24 41.86 -3.89
CA GLY D 132 -52.00 41.92 -5.12
C GLY D 132 -53.36 42.56 -4.87
N PHE D 133 -54.19 42.51 -5.91
CA PHE D 133 -55.51 43.11 -5.87
C PHE D 133 -56.55 42.08 -6.29
N GLN D 134 -57.71 42.11 -5.64
CA GLN D 134 -58.86 41.31 -6.05
C GLN D 134 -60.04 42.25 -6.26
N LEU D 135 -60.65 42.14 -7.43
CA LEU D 135 -61.73 43.02 -7.85
C LEU D 135 -63.00 42.22 -8.10
N THR D 136 -64.10 42.65 -7.50
CA THR D 136 -65.42 42.06 -7.73
C THR D 136 -66.22 43.00 -8.63
N HIS D 137 -66.71 42.49 -9.74
CA HIS D 137 -67.40 43.32 -10.73
C HIS D 137 -68.28 42.43 -11.61
N SER D 138 -68.90 43.04 -12.62
CA SER D 138 -69.71 42.33 -13.58
C SER D 138 -69.22 42.68 -14.98
N LEU D 139 -69.43 41.76 -15.91
CA LEU D 139 -69.01 41.99 -17.28
C LEU D 139 -70.12 42.53 -18.17
N GLY D 140 -71.34 42.61 -17.67
CA GLY D 140 -72.47 42.98 -18.49
C GLY D 140 -72.91 44.42 -18.35
N GLY D 141 -72.63 45.02 -17.19
CA GLY D 141 -73.03 46.38 -16.92
C GLY D 141 -72.13 47.40 -17.59
N GLY D 142 -72.15 48.61 -17.05
CA GLY D 142 -71.33 49.67 -17.60
C GLY D 142 -70.18 50.07 -16.69
N THR D 143 -70.46 50.22 -15.39
CA THR D 143 -69.44 50.69 -14.46
C THR D 143 -68.42 49.59 -14.17
N GLY D 144 -68.86 48.52 -13.53
CA GLY D 144 -67.93 47.44 -13.22
C GLY D 144 -67.33 46.79 -14.45
N SER D 145 -68.07 46.80 -15.56
CA SER D 145 -67.56 46.23 -16.81
C SER D 145 -66.57 47.18 -17.48
N GLY D 146 -66.98 48.42 -17.72
CA GLY D 146 -66.11 49.37 -18.42
C GLY D 146 -65.04 49.98 -17.54
N MET D 147 -65.45 50.48 -16.36
CA MET D 147 -64.50 51.17 -15.49
C MET D 147 -63.72 50.19 -14.63
N GLY D 148 -64.30 49.02 -14.34
CA GLY D 148 -63.55 47.99 -13.65
C GLY D 148 -62.29 47.59 -14.42
N THR D 149 -62.45 47.35 -15.72
CA THR D 149 -61.29 47.01 -16.55
C THR D 149 -60.37 48.21 -16.74
N LEU D 150 -60.92 49.43 -16.69
CA LEU D 150 -60.06 50.60 -16.75
C LEU D 150 -59.20 50.72 -15.50
N LEU D 151 -59.79 50.41 -14.34
CA LEU D 151 -59.01 50.41 -13.11
C LEU D 151 -57.89 49.37 -13.16
N ILE D 152 -58.23 48.13 -13.51
CA ILE D 152 -57.22 47.08 -13.64
C ILE D 152 -56.04 47.58 -14.46
N SER D 153 -56.33 48.17 -15.60
CA SER D 153 -55.25 48.71 -16.46
CA SER D 153 -55.24 48.74 -16.45
C SER D 153 -54.38 49.86 -15.80
N LYS D 154 -55.09 50.70 -15.04
CA LYS D 154 -54.36 51.77 -14.36
C LYS D 154 -53.52 51.23 -13.21
N ILE D 155 -54.09 50.34 -12.40
CA ILE D 155 -53.34 49.78 -11.27
C ILE D 155 -52.13 49.00 -11.77
N ARG D 156 -52.30 48.24 -12.85
CA ARG D 156 -51.20 47.46 -13.39
C ARG D 156 -50.03 48.35 -13.80
N GLU D 157 -50.31 49.58 -14.24
CA GLU D 157 -49.23 50.47 -14.65
C GLU D 157 -48.33 50.84 -13.48
N GLU D 158 -48.92 51.03 -12.30
CA GLU D 158 -48.15 51.41 -11.11
C GLU D 158 -47.69 50.22 -10.28
N TYR D 159 -48.32 49.05 -10.44
CA TYR D 159 -47.96 47.85 -9.69
C TYR D 159 -47.82 46.68 -10.65
N PRO D 160 -46.87 46.77 -11.60
CA PRO D 160 -46.84 45.80 -12.69
C PRO D 160 -46.40 44.40 -12.29
N ASP D 161 -45.85 44.23 -11.08
CA ASP D 161 -45.37 42.92 -10.66
C ASP D 161 -46.18 42.35 -9.50
N ARG D 162 -47.37 42.88 -9.25
CA ARG D 162 -48.30 42.33 -8.27
C ARG D 162 -49.35 41.49 -8.98
N ILE D 163 -50.12 40.73 -8.21
CA ILE D 163 -51.12 39.82 -8.77
C ILE D 163 -52.45 40.56 -8.94
N MET D 164 -53.09 40.32 -10.07
CA MET D 164 -54.37 40.92 -10.43
C MET D 164 -55.41 39.80 -10.47
N ASN D 165 -56.33 39.79 -9.51
CA ASN D 165 -57.33 38.74 -9.38
C ASN D 165 -58.71 39.37 -9.45
N THR D 166 -59.60 38.78 -10.25
CA THR D 166 -60.95 39.29 -10.44
C THR D 166 -61.98 38.20 -10.16
N PHE D 167 -63.09 38.60 -9.57
CA PHE D 167 -64.31 37.79 -9.54
C PHE D 167 -65.24 38.41 -10.58
N SER D 168 -65.21 37.87 -11.80
CA SER D 168 -65.93 38.44 -12.93
C SER D 168 -67.21 37.65 -13.16
N VAL D 169 -68.34 38.35 -13.15
CA VAL D 169 -69.65 37.74 -13.26
C VAL D 169 -70.09 37.80 -14.71
N MET D 170 -70.43 36.65 -15.28
CA MET D 170 -70.84 36.54 -16.67
C MET D 170 -72.33 36.79 -16.82
N PRO D 171 -72.74 37.44 -17.90
CA PRO D 171 -74.17 37.72 -18.10
C PRO D 171 -74.93 36.53 -18.69
N SER D 172 -76.12 36.29 -18.16
CA SER D 172 -77.04 35.32 -18.70
C SER D 172 -78.38 35.96 -18.98
N PRO D 173 -79.03 35.63 -20.11
CA PRO D 173 -80.35 36.20 -20.38
C PRO D 173 -81.42 35.76 -19.39
N LYS D 174 -81.19 34.67 -18.65
CA LYS D 174 -82.16 34.26 -17.63
C LYS D 174 -82.19 35.25 -16.46
N VAL D 175 -81.14 36.03 -16.27
CA VAL D 175 -81.09 37.10 -15.27
C VAL D 175 -80.89 38.45 -15.94
N SER D 176 -81.22 38.54 -17.23
CA SER D 176 -80.86 39.68 -18.07
C SER D 176 -81.16 41.00 -17.37
N ASP D 177 -80.15 41.87 -17.35
CA ASP D 177 -80.29 43.25 -16.91
C ASP D 177 -80.58 44.20 -18.07
N THR D 178 -79.92 43.98 -19.21
CA THR D 178 -80.03 44.84 -20.38
C THR D 178 -79.77 44.00 -21.61
N VAL D 179 -80.19 44.52 -22.76
CA VAL D 179 -80.04 43.74 -24.00
C VAL D 179 -78.60 43.80 -24.49
N VAL D 180 -77.88 44.87 -24.19
CA VAL D 180 -76.56 45.09 -24.77
C VAL D 180 -75.50 44.36 -23.96
N GLU D 181 -75.92 43.45 -23.09
CA GLU D 181 -74.95 42.78 -22.22
C GLU D 181 -73.91 41.94 -22.96
N PRO D 182 -74.20 41.32 -24.10
CA PRO D 182 -73.13 40.59 -24.81
C PRO D 182 -72.02 41.49 -25.32
N TYR D 183 -72.33 42.72 -25.71
CA TYR D 183 -71.29 43.67 -26.09
C TYR D 183 -70.37 43.95 -24.90
N ASN D 184 -70.95 44.41 -23.79
CA ASN D 184 -70.15 44.72 -22.61
C ASN D 184 -69.30 43.53 -22.17
N ALA D 185 -69.85 42.32 -22.26
CA ALA D 185 -69.11 41.14 -21.83
C ALA D 185 -67.90 40.91 -22.72
N THR D 186 -68.09 40.92 -24.04
CA THR D 186 -66.97 40.68 -24.95
C THR D 186 -65.89 41.73 -24.77
N LEU D 187 -66.28 43.01 -24.75
CA LEU D 187 -65.31 44.08 -24.55
C LEU D 187 -64.55 43.90 -23.24
N SER D 188 -65.16 43.23 -22.27
CA SER D 188 -64.49 43.04 -20.98
C SER D 188 -63.58 41.82 -21.01
N VAL D 189 -64.08 40.69 -21.53
CA VAL D 189 -63.27 39.49 -21.64
C VAL D 189 -61.96 39.80 -22.38
N HIS D 190 -62.01 40.73 -23.33
CA HIS D 190 -60.80 41.11 -24.07
C HIS D 190 -59.81 41.81 -23.15
N GLN D 191 -60.30 42.59 -22.19
CA GLN D 191 -59.41 43.22 -21.22
C GLN D 191 -58.87 42.19 -20.23
N LEU D 192 -59.72 41.25 -19.80
CA LEU D 192 -59.31 40.30 -18.78
C LEU D 192 -58.28 39.31 -19.30
N VAL D 193 -58.38 38.92 -20.57
CA VAL D 193 -57.42 38.00 -21.16
C VAL D 193 -56.01 38.57 -21.15
N GLU D 194 -55.87 39.90 -21.10
CA GLU D 194 -54.58 40.56 -21.24
C GLU D 194 -54.03 41.20 -19.98
N ASN D 195 -54.90 41.63 -19.05
CA ASN D 195 -54.47 42.48 -17.95
C ASN D 195 -54.66 41.87 -16.56
N THR D 196 -55.15 40.64 -16.45
CA THR D 196 -55.32 40.00 -15.16
C THR D 196 -54.57 38.67 -15.13
N ASP D 197 -54.11 38.30 -13.94
CA ASP D 197 -53.36 37.06 -13.75
C ASP D 197 -54.24 35.85 -13.49
N GLU D 198 -55.38 36.05 -12.81
CA GLU D 198 -56.31 34.95 -12.52
C GLU D 198 -57.71 35.52 -12.34
N THR D 199 -58.68 34.95 -13.06
CA THR D 199 -60.06 35.40 -13.05
C THR D 199 -60.98 34.23 -12.72
N TYR D 200 -61.76 34.38 -11.66
CA TYR D 200 -62.82 33.43 -11.36
C TYR D 200 -64.04 33.78 -12.18
N CYS D 201 -64.57 32.79 -12.90
CA CYS D 201 -65.71 32.99 -13.80
C CYS D 201 -66.98 32.59 -13.04
N ILE D 202 -67.60 33.58 -12.41
CA ILE D 202 -68.89 33.38 -11.74
C ILE D 202 -69.98 33.71 -12.76
N ASP D 203 -70.70 32.68 -13.19
CA ASP D 203 -71.60 32.76 -14.34
C ASP D 203 -73.05 32.83 -13.87
N ASN D 204 -73.73 33.93 -14.22
CA ASN D 204 -75.11 34.11 -13.79
C ASN D 204 -76.01 33.00 -14.31
N GLU D 205 -75.70 32.43 -15.48
CA GLU D 205 -76.51 31.33 -16.00
C GLU D 205 -76.39 30.09 -15.12
N ALA D 206 -75.18 29.73 -14.72
CA ALA D 206 -74.99 28.60 -13.81
C ALA D 206 -75.66 28.85 -12.46
N LEU D 207 -75.59 30.09 -11.98
CA LEU D 207 -76.20 30.41 -10.68
C LEU D 207 -77.72 30.29 -10.75
N TYR D 208 -78.33 30.87 -11.79
CA TYR D 208 -79.77 30.76 -11.95
C TYR D 208 -80.22 29.31 -12.03
N ASP D 209 -79.44 28.47 -12.72
CA ASP D 209 -79.83 27.08 -12.92
C ASP D 209 -79.80 26.29 -11.61
N ILE D 210 -78.76 26.51 -10.79
CA ILE D 210 -78.71 25.86 -9.48
C ILE D 210 -79.96 26.19 -8.68
N CYS D 211 -80.32 27.47 -8.60
CA CYS D 211 -81.46 27.88 -7.79
C CYS D 211 -82.75 27.24 -8.29
N PHE D 212 -82.95 27.22 -9.61
CA PHE D 212 -84.19 26.67 -10.17
C PHE D 212 -84.22 25.15 -10.02
N ARG D 213 -83.21 24.47 -10.54
CA ARG D 213 -83.23 23.01 -10.58
C ARG D 213 -82.94 22.40 -9.22
N THR D 214 -81.74 22.67 -8.68
CA THR D 214 -81.33 22.00 -7.45
C THR D 214 -82.03 22.57 -6.22
N LEU D 215 -81.95 23.88 -6.02
CA LEU D 215 -82.57 24.51 -4.86
C LEU D 215 -84.09 24.66 -5.01
N LYS D 216 -84.63 24.35 -6.19
CA LYS D 216 -86.06 24.43 -6.44
C LYS D 216 -86.62 25.80 -6.05
N LEU D 217 -86.10 26.83 -6.72
CA LEU D 217 -86.49 28.20 -6.49
C LEU D 217 -87.10 28.74 -7.78
N THR D 218 -88.43 28.84 -7.80
CA THR D 218 -89.13 29.25 -9.02
C THR D 218 -88.76 30.67 -9.43
N THR D 219 -88.78 31.59 -8.48
CA THR D 219 -88.45 32.99 -8.76
CA THR D 219 -88.44 32.98 -8.76
C THR D 219 -87.14 33.36 -8.07
N PRO D 220 -86.00 32.92 -8.60
CA PRO D 220 -84.71 33.25 -7.96
C PRO D 220 -84.37 34.73 -8.15
N THR D 221 -84.16 35.42 -7.03
CA THR D 221 -83.80 36.83 -7.05
C THR D 221 -82.27 36.98 -7.06
N TYR D 222 -81.82 38.24 -7.08
CA TYR D 222 -80.38 38.49 -6.97
C TYR D 222 -79.85 38.07 -5.60
N GLY D 223 -80.71 38.09 -4.58
CA GLY D 223 -80.28 37.66 -3.27
C GLY D 223 -79.98 36.17 -3.22
N ASP D 224 -80.79 35.36 -3.91
CA ASP D 224 -80.54 33.93 -3.96
C ASP D 224 -79.29 33.61 -4.77
N LEU D 225 -79.14 34.25 -5.94
CA LEU D 225 -77.92 34.07 -6.73
C LEU D 225 -76.68 34.39 -5.91
N ASN D 226 -76.78 35.39 -5.03
CA ASN D 226 -75.59 35.89 -4.34
C ASN D 226 -75.20 35.02 -3.15
N HIS D 227 -76.15 34.31 -2.53
CA HIS D 227 -75.77 33.35 -1.51
C HIS D 227 -74.84 32.29 -2.07
N LEU D 228 -75.01 31.94 -3.35
CA LEU D 228 -74.11 31.01 -4.00
C LEU D 228 -72.75 31.65 -4.24
N VAL D 229 -72.73 32.90 -4.71
CA VAL D 229 -71.47 33.60 -4.95
C VAL D 229 -70.68 33.72 -3.66
N SER D 230 -71.36 34.13 -2.57
CA SER D 230 -70.65 34.33 -1.31
C SER D 230 -70.10 33.02 -0.78
N ALA D 231 -70.82 31.92 -0.93
CA ALA D 231 -70.29 30.62 -0.52
C ALA D 231 -69.05 30.26 -1.32
N THR D 232 -69.03 30.62 -2.61
CA THR D 232 -67.87 30.33 -3.44
C THR D 232 -66.68 31.21 -3.05
N MET D 233 -66.90 32.51 -2.96
CA MET D 233 -65.83 33.42 -2.57
C MET D 233 -65.25 33.04 -1.22
N SER D 234 -66.10 32.50 -0.32
CA SER D 234 -65.62 32.08 0.98
C SER D 234 -64.64 30.92 0.86
N GLY D 235 -65.03 29.86 0.15
CA GLY D 235 -64.15 28.72 0.00
C GLY D 235 -62.93 29.01 -0.85
N VAL D 236 -63.11 29.72 -1.97
CA VAL D 236 -62.02 30.04 -2.89
C VAL D 236 -60.96 30.93 -2.25
N THR D 237 -61.24 31.52 -1.10
CA THR D 237 -60.25 32.32 -0.38
C THR D 237 -59.88 31.71 0.97
N THR D 238 -60.24 30.45 1.21
CA THR D 238 -59.98 29.85 2.52
C THR D 238 -58.49 29.67 2.78
N CYS D 239 -57.76 29.13 1.79
CA CYS D 239 -56.33 28.90 1.94
C CYS D 239 -55.52 30.20 2.03
N LEU D 240 -56.15 31.34 1.73
CA LEU D 240 -55.50 32.63 1.94
C LEU D 240 -55.70 33.19 3.35
N ARG D 241 -56.75 32.76 4.07
CA ARG D 241 -57.16 33.40 5.31
C ARG D 241 -56.82 32.60 6.56
N PHE D 242 -56.49 31.32 6.44
CA PHE D 242 -56.28 30.47 7.60
C PHE D 242 -54.91 29.81 7.51
N PRO D 243 -54.34 29.46 8.66
CA PRO D 243 -53.02 28.81 8.67
C PRO D 243 -52.99 27.59 7.76
N GLY D 244 -51.81 27.30 7.21
CA GLY D 244 -51.64 26.23 6.25
C GLY D 244 -50.94 26.72 5.00
N GLN D 245 -50.25 25.79 4.33
CA GLN D 245 -49.51 26.14 3.11
C GLN D 245 -50.31 25.61 1.92
N LEU D 246 -49.70 25.55 0.73
CA LEU D 246 -50.46 25.14 -0.49
C LEU D 246 -51.40 26.28 -0.88
N ASN D 247 -51.07 27.01 -1.94
CA ASN D 247 -51.90 28.18 -2.37
C ASN D 247 -52.09 29.13 -1.18
N ALA D 248 -51.08 29.25 -0.32
CA ALA D 248 -51.15 30.18 0.79
C ALA D 248 -51.28 31.64 0.34
N ASP D 249 -51.02 31.93 -0.94
CA ASP D 249 -51.11 33.29 -1.44
C ASP D 249 -51.49 33.27 -2.93
N LEU D 250 -51.71 34.47 -3.48
CA LEU D 250 -52.23 34.59 -4.85
C LEU D 250 -51.21 34.16 -5.89
N ARG D 251 -49.92 34.41 -5.63
CA ARG D 251 -48.89 34.11 -6.62
C ARG D 251 -48.62 32.62 -6.72
N LYS D 252 -48.61 31.91 -5.58
CA LYS D 252 -48.44 30.47 -5.62
C LYS D 252 -49.64 29.79 -6.29
N LEU D 253 -50.83 30.36 -6.12
CA LEU D 253 -51.99 29.87 -6.87
C LEU D 253 -51.82 30.13 -8.35
N ALA D 254 -51.35 31.32 -8.74
CA ALA D 254 -51.15 31.62 -10.14
C ALA D 254 -50.12 30.69 -10.78
N VAL D 255 -49.02 30.43 -10.07
CA VAL D 255 -47.96 29.60 -10.64
C VAL D 255 -48.44 28.17 -10.85
N ASN D 256 -49.30 27.68 -9.96
CA ASN D 256 -49.70 26.26 -9.99
C ASN D 256 -50.98 26.02 -10.78
N MET D 257 -51.70 27.07 -11.20
CA MET D 257 -52.92 26.90 -11.95
C MET D 257 -52.87 27.43 -13.37
N VAL D 258 -51.89 28.25 -13.72
CA VAL D 258 -51.83 28.92 -15.02
C VAL D 258 -50.62 28.39 -15.76
N PRO D 259 -50.80 27.38 -16.63
CA PRO D 259 -49.65 26.87 -17.39
C PRO D 259 -49.31 27.68 -18.62
N PHE D 260 -50.20 28.58 -19.06
CA PHE D 260 -49.95 29.49 -20.17
C PHE D 260 -50.67 30.78 -19.83
N PRO D 261 -50.05 31.94 -20.07
CA PRO D 261 -50.58 33.18 -19.47
C PRO D 261 -52.04 33.48 -19.79
N ARG D 262 -52.48 33.22 -21.03
CA ARG D 262 -53.83 33.62 -21.39
C ARG D 262 -54.88 32.72 -20.75
N LEU D 263 -54.55 31.45 -20.52
CA LEU D 263 -55.52 30.49 -19.98
C LEU D 263 -55.55 30.58 -18.45
N HIS D 264 -56.13 31.68 -17.98
CA HIS D 264 -56.18 32.00 -16.55
C HIS D 264 -57.61 32.29 -16.10
N PHE D 265 -58.58 31.53 -16.62
CA PHE D 265 -59.97 31.69 -16.26
C PHE D 265 -60.45 30.40 -15.58
N PHE D 266 -60.81 30.51 -14.31
CA PHE D 266 -61.08 29.33 -13.48
C PHE D 266 -62.57 29.03 -13.39
N MET D 267 -62.89 27.75 -13.28
CA MET D 267 -64.25 27.29 -13.10
CA MET D 267 -64.25 27.29 -13.10
C MET D 267 -64.44 26.89 -11.64
N PRO D 268 -65.19 27.64 -10.84
CA PRO D 268 -65.37 27.29 -9.43
C PRO D 268 -66.49 26.28 -9.23
N GLY D 269 -66.33 25.48 -8.17
CA GLY D 269 -67.33 24.50 -7.81
C GLY D 269 -67.52 24.46 -6.31
N PHE D 270 -68.72 24.04 -5.90
CA PHE D 270 -69.04 24.00 -4.48
C PHE D 270 -69.90 22.78 -4.16
N ALA D 271 -69.71 22.28 -2.94
CA ALA D 271 -70.52 21.18 -2.40
C ALA D 271 -70.43 21.26 -0.89
N PRO D 272 -71.54 21.00 -0.16
CA PRO D 272 -72.87 20.63 -0.64
C PRO D 272 -73.63 21.84 -1.17
N LEU D 273 -74.21 21.71 -2.36
CA LEU D 273 -74.90 22.89 -2.96
C LEU D 273 -76.22 23.12 -2.22
N THR D 274 -76.89 22.04 -1.81
CA THR D 274 -78.15 22.17 -1.03
C THR D 274 -77.89 23.07 0.18
N SER D 275 -77.98 24.39 -0.01
CA SER D 275 -77.69 25.34 1.10
C SER D 275 -78.89 25.41 2.03
N ARG D 276 -80.10 25.22 1.50
CA ARG D 276 -81.34 25.33 2.32
C ARG D 276 -82.52 24.71 1.56
N GLY D 277 -82.28 23.58 0.89
CA GLY D 277 -83.38 22.89 0.17
C GLY D 277 -84.37 22.27 1.13
N SER D 278 -84.83 21.06 0.85
CA SER D 278 -85.86 20.42 1.71
C SER D 278 -85.67 18.90 1.69
N GLN D 279 -84.50 18.44 1.25
CA GLN D 279 -84.21 16.99 1.27
C GLN D 279 -83.13 16.74 2.33
N GLN D 280 -83.51 16.17 3.47
CA GLN D 280 -82.56 15.91 4.57
C GLN D 280 -81.74 14.66 4.22
N TYR D 281 -81.58 13.74 5.18
CA TYR D 281 -80.85 12.48 4.89
C TYR D 281 -79.46 12.81 4.35
N ARG D 282 -79.11 14.10 4.30
CA ARG D 282 -77.80 14.54 3.73
C ARG D 282 -76.72 13.51 4.06
N ALA D 283 -76.38 13.36 5.35
CA ALA D 283 -75.33 12.44 5.76
C ALA D 283 -74.11 12.57 4.83
N LEU D 284 -73.58 13.78 4.78
CA LEU D 284 -72.48 14.09 3.88
C LEU D 284 -71.19 13.39 4.31
N THR D 285 -70.56 12.68 3.38
CA THR D 285 -69.31 12.00 3.67
C THR D 285 -68.24 12.48 2.70
N VAL D 286 -66.98 12.19 3.03
CA VAL D 286 -65.89 12.54 2.13
C VAL D 286 -66.13 11.98 0.75
N PRO D 287 -66.57 10.72 0.56
CA PRO D 287 -66.80 10.25 -0.83
C PRO D 287 -67.82 11.06 -1.61
N GLU D 288 -68.97 11.37 -0.99
CA GLU D 288 -70.01 12.11 -1.70
C GLU D 288 -69.55 13.53 -2.03
N LEU D 289 -68.85 14.19 -1.11
CA LEU D 289 -68.34 15.52 -1.40
C LEU D 289 -67.49 15.51 -2.67
N THR D 290 -66.54 14.57 -2.75
CA THR D 290 -65.68 14.47 -3.93
C THR D 290 -66.50 14.23 -5.20
N GLN D 291 -67.37 13.23 -5.16
CA GLN D 291 -68.24 12.94 -6.30
C GLN D 291 -68.95 14.20 -6.78
N GLN D 292 -69.77 14.79 -5.91
CA GLN D 292 -70.54 15.99 -6.28
C GLN D 292 -69.62 17.08 -6.83
N MET D 293 -68.51 17.33 -6.14
CA MET D 293 -67.65 18.46 -6.49
C MET D 293 -67.22 18.44 -7.94
N PHE D 294 -67.13 17.24 -8.51
CA PHE D 294 -66.71 17.11 -9.93
C PHE D 294 -67.91 16.85 -10.84
N ASP D 295 -69.11 17.29 -10.43
CA ASP D 295 -70.32 17.12 -11.28
C ASP D 295 -70.69 18.48 -11.89
N SER D 296 -71.16 18.48 -13.13
CA SER D 296 -71.49 19.76 -13.82
C SER D 296 -72.55 20.51 -13.05
N LYS D 297 -73.36 19.80 -12.25
CA LYS D 297 -74.47 20.47 -11.53
C LYS D 297 -73.90 21.35 -10.40
N ASN D 298 -72.65 21.15 -10.01
CA ASN D 298 -72.11 21.91 -8.90
C ASN D 298 -71.13 22.99 -9.34
N MET D 299 -71.12 23.31 -10.63
CA MET D 299 -70.15 24.31 -11.14
C MET D 299 -70.80 25.69 -11.22
N MET D 300 -70.13 26.73 -10.71
CA MET D 300 -70.65 28.11 -10.77
C MET D 300 -70.44 28.64 -12.19
N ALA D 301 -70.14 27.75 -13.13
CA ALA D 301 -70.01 28.16 -14.54
C ALA D 301 -70.80 27.17 -15.40
N ALA D 302 -71.55 27.67 -16.38
CA ALA D 302 -72.42 26.80 -17.20
C ALA D 302 -71.57 26.01 -18.20
N CYS D 303 -70.67 25.18 -17.69
CA CYS D 303 -69.84 24.34 -18.58
C CYS D 303 -69.82 22.91 -18.01
N ASP D 304 -69.86 21.91 -18.87
CA ASP D 304 -69.76 20.51 -18.39
C ASP D 304 -68.30 20.08 -18.45
N PRO D 305 -67.64 19.83 -17.30
CA PRO D 305 -66.21 19.49 -17.32
C PRO D 305 -65.90 18.26 -18.17
N ARG D 306 -66.87 17.37 -18.34
CA ARG D 306 -66.69 16.18 -19.19
C ARG D 306 -66.78 16.51 -20.68
N HIS D 307 -66.89 17.79 -21.03
CA HIS D 307 -66.80 18.23 -22.40
C HIS D 307 -65.42 18.81 -22.72
N GLY D 308 -64.48 18.70 -21.81
CA GLY D 308 -63.13 19.19 -22.00
C GLY D 308 -62.22 18.40 -21.11
N ARG D 309 -61.09 19.00 -20.74
CA ARG D 309 -60.10 18.34 -19.89
C ARG D 309 -59.49 19.34 -18.92
N TYR D 310 -59.19 18.86 -17.71
CA TYR D 310 -58.58 19.67 -16.67
C TYR D 310 -57.09 19.83 -16.95
N LEU D 311 -56.64 21.08 -17.11
CA LEU D 311 -55.21 21.35 -17.10
C LEU D 311 -54.67 21.28 -15.68
N THR D 312 -55.37 21.92 -14.74
CA THR D 312 -54.99 21.92 -13.33
C THR D 312 -56.26 22.04 -12.50
N VAL D 313 -56.19 21.54 -11.26
CA VAL D 313 -57.34 21.56 -10.36
C VAL D 313 -56.84 21.78 -8.94
N ALA D 314 -57.55 22.63 -8.20
CA ALA D 314 -57.31 22.85 -6.79
C ALA D 314 -58.61 22.61 -6.03
N ALA D 315 -58.54 21.75 -5.01
CA ALA D 315 -59.70 21.45 -4.18
C ALA D 315 -59.32 21.67 -2.72
N ILE D 316 -60.26 22.22 -1.95
CA ILE D 316 -60.04 22.46 -0.53
C ILE D 316 -61.25 21.95 0.25
N PHE D 317 -60.99 21.11 1.25
CA PHE D 317 -62.03 20.58 2.10
C PHE D 317 -61.98 21.30 3.45
N ARG D 318 -63.15 21.69 3.96
CA ARG D 318 -63.25 22.37 5.23
C ARG D 318 -64.14 21.57 6.17
N GLY D 319 -63.71 21.46 7.41
CA GLY D 319 -64.42 20.73 8.44
C GLY D 319 -63.57 19.62 9.02
N ARG D 320 -64.20 18.80 9.85
CA ARG D 320 -63.52 17.70 10.53
C ARG D 320 -63.72 16.42 9.73
N MET D 321 -62.67 15.98 9.05
CA MET D 321 -62.67 14.72 8.31
C MET D 321 -61.32 14.04 8.51
N SER D 322 -61.26 12.77 8.12
CA SER D 322 -59.99 12.05 8.12
C SER D 322 -59.21 12.42 6.88
N MET D 323 -57.96 12.87 7.07
CA MET D 323 -57.13 13.25 5.94
C MET D 323 -56.91 12.08 5.00
N LYS D 324 -56.68 10.89 5.55
CA LYS D 324 -56.45 9.71 4.71
C LYS D 324 -57.64 9.42 3.80
N GLU D 325 -58.86 9.70 4.25
CA GLU D 325 -60.02 9.47 3.39
C GLU D 325 -60.06 10.46 2.24
N VAL D 326 -59.83 11.75 2.53
CA VAL D 326 -59.72 12.74 1.48
C VAL D 326 -58.69 12.32 0.45
N ASP D 327 -57.49 11.96 0.91
CA ASP D 327 -56.44 11.50 0.00
C ASP D 327 -56.93 10.36 -0.87
N GLU D 328 -57.53 9.34 -0.26
CA GLU D 328 -57.98 8.18 -1.02
C GLU D 328 -59.09 8.55 -1.98
N GLN D 329 -60.04 9.38 -1.54
CA GLN D 329 -61.14 9.77 -2.42
C GLN D 329 -60.63 10.63 -3.57
N MET D 330 -59.73 11.58 -3.29
CA MET D 330 -59.20 12.43 -4.35
C MET D 330 -58.47 11.59 -5.40
N LEU D 331 -57.80 10.52 -4.96
CA LEU D 331 -57.12 9.63 -5.88
C LEU D 331 -58.11 8.85 -6.72
N ASN D 332 -59.20 8.42 -6.10
CA ASN D 332 -60.23 7.60 -6.77
C ASN D 332 -60.89 8.39 -7.91
N VAL D 333 -61.04 9.70 -7.77
CA VAL D 333 -61.67 10.53 -8.81
C VAL D 333 -60.74 10.65 -10.01
N GLN D 334 -59.47 10.96 -9.78
CA GLN D 334 -58.52 11.06 -10.88
C GLN D 334 -58.43 9.75 -11.65
N ASN D 335 -58.31 8.63 -10.93
CA ASN D 335 -58.21 7.33 -11.59
C ASN D 335 -59.47 7.03 -12.38
N LYS D 336 -60.65 7.17 -11.74
CA LYS D 336 -61.90 6.86 -12.42
C LYS D 336 -62.15 7.79 -13.59
N ASN D 337 -61.62 9.02 -13.54
CA ASN D 337 -61.87 10.02 -14.56
C ASN D 337 -60.60 10.44 -15.28
N SER D 338 -59.67 9.51 -15.41
CA SER D 338 -58.35 9.85 -15.94
C SER D 338 -58.45 10.48 -17.32
N SER D 339 -59.40 10.02 -18.13
CA SER D 339 -59.52 10.51 -19.50
C SER D 339 -59.73 12.01 -19.57
N TYR D 340 -60.15 12.65 -18.49
CA TYR D 340 -60.45 14.08 -18.47
C TYR D 340 -59.36 14.91 -17.81
N PHE D 341 -58.15 14.37 -17.70
CA PHE D 341 -57.01 15.10 -17.17
C PHE D 341 -55.86 14.99 -18.17
N VAL D 342 -55.30 16.13 -18.57
CA VAL D 342 -54.16 16.11 -19.48
C VAL D 342 -53.04 15.29 -18.85
N GLU D 343 -52.44 14.41 -19.66
CA GLU D 343 -51.36 13.57 -19.16
C GLU D 343 -50.02 14.30 -19.06
N TRP D 344 -49.87 15.39 -19.82
CA TRP D 344 -48.56 16.09 -19.90
C TRP D 344 -48.33 17.04 -18.72
N ILE D 345 -49.32 17.25 -17.88
CA ILE D 345 -49.06 18.05 -16.63
C ILE D 345 -49.20 17.07 -15.47
N PRO D 346 -48.09 16.43 -15.04
CA PRO D 346 -48.14 15.43 -13.98
C PRO D 346 -48.55 16.00 -12.62
N ASN D 347 -49.27 15.21 -11.82
CA ASN D 347 -49.69 15.65 -10.46
C ASN D 347 -50.33 17.03 -10.57
N ASN D 348 -51.37 17.16 -11.39
CA ASN D 348 -52.01 18.44 -11.62
C ASN D 348 -53.25 18.65 -10.76
N VAL D 349 -53.46 17.86 -9.72
CA VAL D 349 -54.55 18.07 -8.78
C VAL D 349 -53.94 18.16 -7.38
N LYS D 350 -54.12 19.31 -6.74
CA LYS D 350 -53.68 19.52 -5.37
C LYS D 350 -54.89 19.66 -4.46
N THR D 351 -54.74 19.20 -3.21
CA THR D 351 -55.83 19.19 -2.25
C THR D 351 -55.38 19.86 -0.96
N ALA D 352 -56.23 20.74 -0.44
CA ALA D 352 -55.98 21.41 0.84
C ALA D 352 -57.10 21.07 1.81
N VAL D 353 -56.78 21.15 3.09
CA VAL D 353 -57.74 20.91 4.16
C VAL D 353 -57.66 22.06 5.16
N CYS D 354 -58.83 22.51 5.63
CA CYS D 354 -58.92 23.50 6.68
C CYS D 354 -59.88 23.00 7.75
N ASP D 355 -59.53 23.22 9.02
CA ASP D 355 -60.37 22.74 10.11
C ASP D 355 -61.63 23.57 10.27
N ILE D 356 -61.58 24.84 9.87
CA ILE D 356 -62.67 25.78 10.14
C ILE D 356 -63.70 25.63 9.02
N PRO D 357 -64.87 25.04 9.29
CA PRO D 357 -65.90 24.94 8.26
C PRO D 357 -66.65 26.26 8.10
N PRO D 358 -67.45 26.39 7.05
CA PRO D 358 -68.24 27.62 6.86
C PRO D 358 -69.43 27.66 7.82
N ARG D 359 -69.99 28.85 7.94
CA ARG D 359 -71.11 29.06 8.85
C ARG D 359 -72.26 28.11 8.53
N GLY D 360 -72.57 27.23 9.47
CA GLY D 360 -73.72 26.36 9.35
C GLY D 360 -73.53 25.12 8.48
N LEU D 361 -72.32 24.55 8.46
CA LEU D 361 -72.05 23.38 7.64
C LEU D 361 -71.03 22.51 8.36
N LYS D 362 -71.38 21.25 8.60
CA LYS D 362 -70.45 20.34 9.25
C LYS D 362 -69.19 20.15 8.41
N MET D 363 -69.33 20.14 7.09
CA MET D 363 -68.18 20.06 6.21
C MET D 363 -68.59 20.46 4.80
N SER D 364 -67.66 21.11 4.10
CA SER D 364 -67.89 21.61 2.75
C SER D 364 -66.67 21.28 1.89
N ALA D 365 -66.81 21.52 0.58
CA ALA D 365 -65.73 21.25 -0.35
C ALA D 365 -65.82 22.25 -1.49
N THR D 366 -64.75 23.00 -1.70
CA THR D 366 -64.67 23.97 -2.79
C THR D 366 -63.64 23.52 -3.81
N PHE D 367 -63.93 23.83 -5.08
CA PHE D 367 -63.19 23.30 -6.22
C PHE D 367 -62.87 24.44 -7.17
N ILE D 368 -61.63 24.47 -7.67
CA ILE D 368 -61.19 25.46 -8.65
C ILE D 368 -60.49 24.71 -9.77
N GLY D 369 -61.08 24.73 -10.96
CA GLY D 369 -60.56 23.99 -12.09
C GLY D 369 -60.16 24.89 -13.24
N ASN D 370 -59.04 24.58 -13.87
CA ASN D 370 -58.66 25.18 -15.15
C ASN D 370 -58.93 24.12 -16.22
N SER D 371 -60.10 24.21 -16.86
CA SER D 371 -60.58 23.22 -17.79
C SER D 371 -60.81 23.82 -19.16
N THR D 372 -60.46 23.07 -20.21
CA THR D 372 -60.73 23.52 -21.57
C THR D 372 -62.22 23.62 -21.85
N ALA D 373 -63.05 22.95 -21.04
CA ALA D 373 -64.50 23.04 -21.23
C ALA D 373 -65.02 24.46 -21.07
N ILE D 374 -64.23 25.35 -20.46
CA ILE D 374 -64.67 26.73 -20.27
CA ILE D 374 -64.67 26.73 -20.28
C ILE D 374 -64.95 27.41 -21.61
N GLN D 375 -64.39 26.90 -22.70
CA GLN D 375 -64.70 27.48 -24.01
C GLN D 375 -66.19 27.45 -24.30
N GLU D 376 -66.95 26.60 -23.59
CA GLU D 376 -68.40 26.63 -23.71
C GLU D 376 -68.96 27.97 -23.26
N LEU D 377 -68.41 28.53 -22.19
CA LEU D 377 -68.90 29.80 -21.68
C LEU D 377 -68.57 30.95 -22.63
N PHE D 378 -67.33 30.97 -23.12
CA PHE D 378 -66.92 32.00 -24.07
C PHE D 378 -67.65 31.85 -25.41
N LYS D 379 -67.96 30.61 -25.81
CA LYS D 379 -68.70 30.40 -27.05
C LYS D 379 -70.09 30.98 -26.95
N ARG D 380 -70.73 30.87 -25.79
CA ARG D 380 -72.08 31.40 -25.63
C ARG D 380 -72.11 32.92 -25.74
N ILE D 381 -71.13 33.59 -25.13
CA ILE D 381 -71.02 35.04 -25.26
C ILE D 381 -70.78 35.42 -26.73
N SER D 382 -69.86 34.71 -27.37
CA SER D 382 -69.46 35.06 -28.73
C SER D 382 -70.64 35.03 -29.68
N GLU D 383 -71.43 33.96 -29.65
CA GLU D 383 -72.52 33.83 -30.61
C GLU D 383 -73.68 34.79 -30.31
N GLN D 384 -73.85 35.16 -29.03
CA GLN D 384 -74.81 36.21 -28.71
C GLN D 384 -74.30 37.56 -29.18
N PHE D 385 -73.02 37.84 -28.92
CA PHE D 385 -72.37 39.02 -29.49
C PHE D 385 -72.56 39.05 -31.01
N THR D 386 -72.19 37.95 -31.68
CA THR D 386 -72.27 37.92 -33.14
C THR D 386 -73.70 38.13 -33.64
N ALA D 387 -74.69 37.71 -32.86
CA ALA D 387 -76.08 37.90 -33.27
C ALA D 387 -76.41 39.39 -33.40
N MET D 388 -75.83 40.22 -32.52
CA MET D 388 -76.07 41.66 -32.57
C MET D 388 -75.15 42.34 -33.57
N PHE D 389 -73.83 42.17 -33.39
CA PHE D 389 -72.87 42.87 -34.23
C PHE D 389 -73.11 42.60 -35.71
N ARG D 390 -73.52 41.38 -36.04
CA ARG D 390 -73.80 41.03 -37.44
C ARG D 390 -74.76 42.02 -38.08
N ARG D 391 -75.74 42.49 -37.32
CA ARG D 391 -76.71 43.46 -37.81
C ARG D 391 -76.37 44.89 -37.39
N LYS D 392 -75.22 45.11 -36.74
CA LYS D 392 -74.82 46.44 -36.30
C LYS D 392 -75.81 47.04 -35.32
N ALA D 393 -76.44 46.19 -34.51
CA ALA D 393 -77.43 46.64 -33.54
C ALA D 393 -76.79 47.42 -32.41
N PHE D 394 -77.41 48.55 -32.05
CA PHE D 394 -77.05 49.31 -30.85
C PHE D 394 -75.62 49.81 -30.86
N LEU D 395 -74.96 49.82 -32.03
CA LEU D 395 -73.59 50.30 -32.09
C LEU D 395 -73.49 51.77 -31.76
N HIS D 396 -74.51 52.56 -32.10
CA HIS D 396 -74.44 54.00 -31.88
C HIS D 396 -74.27 54.34 -30.39
N TRP D 397 -74.81 53.49 -29.50
CA TRP D 397 -74.55 53.66 -28.08
C TRP D 397 -73.06 53.85 -27.81
N TYR D 398 -72.22 53.05 -28.47
CA TYR D 398 -70.77 53.00 -28.24
C TYR D 398 -70.00 53.96 -29.15
N THR D 399 -70.40 54.06 -30.42
CA THR D 399 -69.74 55.00 -31.33
C THR D 399 -69.94 56.45 -30.89
N GLY D 400 -71.08 56.75 -30.26
CA GLY D 400 -71.31 58.10 -29.79
C GLY D 400 -70.34 58.51 -28.70
N GLU D 401 -69.80 57.52 -27.96
CA GLU D 401 -68.79 57.80 -26.97
C GLU D 401 -67.39 57.92 -27.57
N GLY D 402 -67.23 57.64 -28.86
CA GLY D 402 -65.94 57.74 -29.53
C GLY D 402 -65.36 56.43 -30.06
N MET D 403 -65.90 55.32 -29.58
CA MET D 403 -65.41 53.97 -29.97
C MET D 403 -65.60 53.78 -31.47
N ASP D 404 -64.84 52.89 -32.08
CA ASP D 404 -64.95 52.58 -33.52
C ASP D 404 -65.26 51.09 -33.67
N GLU D 405 -65.69 50.66 -34.85
CA GLU D 405 -66.11 49.25 -35.07
C GLU D 405 -64.90 48.33 -34.94
N MET D 406 -63.71 48.82 -35.25
CA MET D 406 -62.45 48.03 -35.15
C MET D 406 -62.28 47.56 -33.71
N GLU D 407 -62.71 48.34 -32.71
CA GLU D 407 -62.53 47.98 -31.29
C GLU D 407 -63.42 46.78 -31.01
N PHE D 408 -64.61 46.71 -31.61
CA PHE D 408 -65.52 45.58 -31.41
C PHE D 408 -64.95 44.31 -32.05
N THR D 409 -64.63 44.37 -33.35
CA THR D 409 -64.10 43.20 -34.03
C THR D 409 -62.75 42.77 -33.45
N GLU D 410 -62.00 43.68 -32.83
CA GLU D 410 -60.78 43.29 -32.14
C GLU D 410 -61.10 42.40 -30.95
N ALA D 411 -61.85 42.93 -29.98
CA ALA D 411 -62.30 42.09 -28.86
C ALA D 411 -62.95 40.82 -29.35
N GLU D 412 -63.71 40.89 -30.46
CA GLU D 412 -64.35 39.70 -31.01
C GLU D 412 -63.31 38.66 -31.39
N SER D 413 -62.35 39.05 -32.24
CA SER D 413 -61.37 38.08 -32.74
C SER D 413 -60.47 37.56 -31.63
N ASN D 414 -60.22 38.37 -30.60
CA ASN D 414 -59.37 37.91 -29.50
C ASN D 414 -60.03 36.77 -28.75
N MET D 415 -61.31 36.93 -28.41
CA MET D 415 -62.03 35.89 -27.70
C MET D 415 -62.26 34.66 -28.57
N ASN D 416 -62.27 34.82 -29.90
CA ASN D 416 -62.28 33.65 -30.78
C ASN D 416 -61.00 32.85 -30.63
N ASP D 417 -59.86 33.54 -30.53
CA ASP D 417 -58.58 32.86 -30.31
C ASP D 417 -58.54 32.17 -28.96
N LEU D 418 -59.07 32.82 -27.92
CA LEU D 418 -59.11 32.21 -26.60
C LEU D 418 -59.77 30.83 -26.66
N VAL D 419 -60.95 30.76 -27.30
CA VAL D 419 -61.59 29.47 -27.50
C VAL D 419 -60.67 28.54 -28.29
N SER D 420 -60.02 29.07 -29.33
CA SER D 420 -59.13 28.26 -30.14
C SER D 420 -57.99 27.68 -29.31
N GLU D 421 -57.45 28.47 -28.38
CA GLU D 421 -56.32 28.03 -27.52
C GLU D 421 -56.79 26.87 -26.66
N TYR D 422 -57.89 27.03 -25.92
CA TYR D 422 -58.40 25.97 -25.07
C TYR D 422 -58.59 24.67 -25.85
N GLN D 423 -59.09 24.77 -27.08
CA GLN D 423 -59.26 23.57 -27.90
C GLN D 423 -57.91 22.98 -28.29
N GLN D 424 -56.93 23.84 -28.59
CA GLN D 424 -55.61 23.35 -28.98
C GLN D 424 -55.04 22.43 -27.91
N TYR D 425 -55.12 22.85 -26.65
CA TYR D 425 -54.55 22.05 -25.57
C TYR D 425 -55.45 20.89 -25.15
N GLN D 426 -56.74 20.97 -25.45
CA GLN D 426 -57.62 19.84 -25.20
C GLN D 426 -57.24 18.65 -26.06
N ASP D 427 -56.79 18.91 -27.29
CA ASP D 427 -56.39 17.86 -28.23
C ASP D 427 -54.91 17.50 -28.13
N ALA D 428 -54.11 18.30 -27.43
CA ALA D 428 -52.70 17.96 -27.25
C ALA D 428 -52.57 16.64 -26.51
N THR D 429 -51.60 15.82 -26.95
CA THR D 429 -51.30 14.55 -26.33
C THR D 429 -49.88 14.57 -25.77
N ALA D 430 -49.57 13.57 -24.95
CA ALA D 430 -48.27 13.46 -24.32
C ALA D 430 -47.30 12.60 -25.12
N ASP D 431 -47.74 12.05 -26.25
CA ASP D 431 -46.89 11.24 -27.09
C ASP D 431 -47.04 11.64 -28.56
N MET E 1 72.13 -39.88 2.26
CA MET E 1 71.97 -38.73 3.14
C MET E 1 73.32 -38.16 3.58
N GLU E 2 73.40 -36.83 3.62
CA GLU E 2 74.58 -36.15 4.14
C GLU E 2 74.16 -34.87 4.84
N VAL E 3 74.77 -34.62 5.99
CA VAL E 3 74.50 -33.41 6.78
C VAL E 3 75.57 -32.38 6.46
N ILE E 4 75.14 -31.13 6.23
CA ILE E 4 76.05 -30.07 5.81
C ILE E 4 75.73 -28.79 6.57
N GLU E 5 76.70 -27.89 6.60
CA GLU E 5 76.55 -26.55 7.17
C GLU E 5 75.91 -26.61 8.56
N LEU E 6 76.42 -27.51 9.38
CA LEU E 6 75.97 -27.63 10.77
C LEU E 6 76.46 -26.43 11.58
N ASN E 7 75.52 -25.68 12.15
CA ASN E 7 75.83 -24.52 12.98
C ASN E 7 75.32 -24.77 14.38
N LYS E 8 76.23 -24.66 15.36
CA LYS E 8 75.87 -24.77 16.77
C LYS E 8 75.98 -23.40 17.42
N CYS E 9 74.86 -22.91 17.95
CA CYS E 9 74.83 -21.74 18.81
C CYS E 9 74.48 -22.19 20.24
N THR E 10 74.18 -21.23 21.10
CA THR E 10 73.89 -21.58 22.48
C THR E 10 72.41 -21.85 22.73
N SER E 11 71.53 -21.29 21.90
CA SER E 11 70.10 -21.55 22.02
C SER E 11 69.64 -22.74 21.19
N GLY E 12 70.46 -23.23 20.27
CA GLY E 12 70.08 -24.36 19.45
C GLY E 12 71.13 -24.63 18.42
N GLN E 13 70.74 -25.34 17.36
CA GLN E 13 71.66 -25.60 16.26
C GLN E 13 70.83 -25.88 15.01
N SER E 14 71.49 -25.77 13.86
CA SER E 14 70.84 -25.94 12.57
C SER E 14 71.76 -26.68 11.62
N PHE E 15 71.17 -27.36 10.66
CA PHE E 15 71.93 -28.12 9.67
C PHE E 15 71.02 -28.45 8.49
N GLU E 16 71.64 -28.88 7.40
CA GLU E 16 70.94 -29.21 6.17
C GLU E 16 71.25 -30.65 5.79
N VAL E 17 70.22 -31.46 5.58
CA VAL E 17 70.36 -32.83 5.13
C VAL E 17 69.83 -32.92 3.71
N ILE E 18 70.71 -33.30 2.78
CA ILE E 18 70.35 -33.42 1.37
C ILE E 18 70.17 -34.90 1.05
N LEU E 19 69.01 -35.25 0.51
CA LEU E 19 68.69 -36.63 0.17
C LEU E 19 68.93 -36.96 -1.29
N LYS E 20 69.12 -35.95 -2.15
CA LYS E 20 69.30 -36.18 -3.57
C LYS E 20 69.69 -34.88 -4.27
N PRO E 21 70.68 -34.92 -5.17
CA PRO E 21 71.02 -33.73 -5.95
C PRO E 21 69.93 -33.43 -6.96
N PRO E 22 69.86 -32.20 -7.46
CA PRO E 22 68.83 -31.84 -8.44
C PRO E 22 69.25 -32.14 -9.87
N SER E 23 68.29 -32.00 -10.78
CA SER E 23 68.54 -32.22 -12.21
C SER E 23 69.03 -30.94 -12.89
N ASP E 24 57.31 -1.86 -9.72
CA ASP E 24 57.76 -1.00 -8.63
C ASP E 24 57.34 0.45 -8.87
N PRO E 25 56.10 0.79 -8.51
CA PRO E 25 55.61 2.14 -8.72
C PRO E 25 56.10 3.11 -7.66
N SER E 26 55.98 4.39 -7.96
CA SER E 26 56.38 5.45 -7.05
C SER E 26 55.14 6.06 -6.41
N LEU E 27 55.33 7.15 -5.66
CA LEU E 27 54.22 7.80 -4.98
C LEU E 27 53.23 8.42 -5.98
N GLU E 28 53.71 8.81 -7.16
CA GLU E 28 52.87 9.58 -8.08
C GLU E 28 51.70 8.75 -8.60
N GLU E 29 51.94 7.48 -8.95
CA GLU E 29 50.85 6.64 -9.44
C GLU E 29 49.90 6.20 -8.33
N ILE E 30 50.42 5.99 -7.11
CA ILE E 30 49.53 5.67 -5.99
C ILE E 30 48.55 6.80 -5.74
N GLN E 31 49.04 8.05 -5.80
CA GLN E 31 48.16 9.20 -5.60
C GLN E 31 47.22 9.38 -6.79
N LYS E 32 47.72 9.20 -8.01
CA LYS E 32 46.86 9.26 -9.18
C LYS E 32 45.75 8.22 -9.09
N LYS E 33 46.08 7.00 -8.65
CA LYS E 33 45.06 5.97 -8.50
C LYS E 33 44.02 6.38 -7.47
N LEU E 34 44.46 6.92 -6.34
CA LEU E 34 43.53 7.29 -5.29
C LEU E 34 42.65 8.47 -5.72
N GLU E 35 43.27 9.50 -6.30
CA GLU E 35 42.52 10.68 -6.71
C GLU E 35 41.54 10.34 -7.84
N ALA E 36 41.92 9.43 -8.73
CA ALA E 36 40.99 8.99 -9.75
C ALA E 36 39.71 8.46 -9.11
N ALA E 37 39.84 7.66 -8.07
CA ALA E 37 38.66 7.09 -7.40
C ALA E 37 37.83 8.18 -6.73
N GLU E 38 38.49 9.19 -6.16
CA GLU E 38 37.74 10.23 -5.46
C GLU E 38 36.91 11.07 -6.43
N GLU E 39 37.47 11.35 -7.62
CA GLU E 39 36.67 12.04 -8.64
C GLU E 39 35.44 11.23 -9.01
N ARG E 40 35.63 9.93 -9.27
CA ARG E 40 34.50 9.07 -9.60
C ARG E 40 33.43 9.13 -8.51
N ARG E 41 33.85 9.15 -7.24
CA ARG E 41 32.88 9.28 -6.15
C ARG E 41 32.17 10.63 -6.22
N LYS E 42 32.92 11.74 -6.22
CA LYS E 42 32.30 13.05 -6.24
C LYS E 42 31.37 13.21 -7.43
N TYR E 43 31.77 12.68 -8.60
CA TYR E 43 30.88 12.69 -9.75
C TYR E 43 29.60 11.93 -9.45
N GLN E 44 29.73 10.74 -8.85
CA GLN E 44 28.57 9.93 -8.53
C GLN E 44 27.63 10.67 -7.57
N GLU E 45 28.20 11.36 -6.58
CA GLU E 45 27.38 12.13 -5.65
C GLU E 45 26.72 13.32 -6.33
N ALA E 46 27.39 13.93 -7.32
CA ALA E 46 26.80 15.06 -8.04
C ALA E 46 25.55 14.64 -8.81
N GLU E 47 25.62 13.51 -9.52
CA GLU E 47 24.43 13.03 -10.24
C GLU E 47 23.27 12.78 -9.29
N LEU E 48 23.56 12.37 -8.05
CA LEU E 48 22.50 12.15 -7.08
C LEU E 48 21.88 13.47 -6.63
N LEU E 49 22.71 14.43 -6.22
CA LEU E 49 22.21 15.73 -5.81
C LEU E 49 21.52 16.46 -6.96
N LYS E 50 21.98 16.23 -8.19
CA LYS E 50 21.30 16.81 -9.35
C LYS E 50 19.92 16.22 -9.52
N HIS E 51 19.79 14.89 -9.39
CA HIS E 51 18.49 14.25 -9.47
C HIS E 51 17.58 14.70 -8.34
N LEU E 52 18.15 15.00 -7.16
CA LEU E 52 17.32 15.42 -6.04
C LEU E 52 16.82 16.86 -6.22
N ALA E 53 17.62 17.72 -6.84
CA ALA E 53 17.16 19.05 -7.17
C ALA E 53 16.01 19.02 -8.17
N GLU E 54 16.00 18.05 -9.07
CA GLU E 54 14.89 17.90 -10.00
C GLU E 54 13.61 17.54 -9.24
N LYS E 55 13.72 16.69 -8.22
CA LYS E 55 12.57 16.41 -7.38
C LYS E 55 12.03 17.68 -6.74
N ARG E 56 12.91 18.52 -6.21
CA ARG E 56 12.47 19.77 -5.57
C ARG E 56 11.75 20.68 -6.56
N GLU E 57 12.19 20.67 -7.83
CA GLU E 57 11.52 21.49 -8.83
C GLU E 57 10.12 20.97 -9.12
N HIS E 58 9.97 19.66 -9.29
CA HIS E 58 8.65 19.08 -9.54
C HIS E 58 7.72 19.33 -8.36
N GLU E 59 8.22 19.20 -7.14
CA GLU E 59 7.40 19.46 -5.97
C GLU E 59 6.91 20.90 -5.95
N ARG E 60 7.77 21.84 -6.34
CA ARG E 60 7.33 23.22 -6.51
C ARG E 60 6.21 23.31 -7.53
N GLU E 61 6.38 22.64 -8.67
CA GLU E 61 5.38 22.74 -9.74
C GLU E 61 4.02 22.21 -9.27
N VAL E 62 4.01 21.11 -8.52
CA VAL E 62 2.75 20.48 -8.17
C VAL E 62 1.92 21.38 -7.27
N ILE E 63 2.56 22.00 -6.27
CA ILE E 63 1.82 22.85 -5.34
C ILE E 63 1.31 24.10 -6.05
N GLN E 64 2.11 24.65 -6.97
CA GLN E 64 1.66 25.82 -7.71
CA GLN E 64 1.65 25.83 -7.71
C GLN E 64 0.54 25.47 -8.69
N LYS E 65 0.54 24.23 -9.20
CA LYS E 65 -0.59 23.78 -10.00
C LYS E 65 -1.85 23.67 -9.15
N ALA E 66 -1.71 23.11 -7.95
CA ALA E 66 -2.84 23.05 -7.03
C ALA E 66 -3.41 24.43 -6.79
N ILE E 67 -2.54 25.41 -6.53
CA ILE E 67 -3.02 26.77 -6.30
C ILE E 67 -3.75 27.31 -7.53
N GLU E 68 -3.15 27.12 -8.70
CA GLU E 68 -3.75 27.63 -9.93
C GLU E 68 -5.10 26.98 -10.20
N GLU E 69 -5.27 25.71 -9.85
CA GLU E 69 -6.53 25.05 -10.14
C GLU E 69 -7.64 25.52 -9.22
N ASN E 70 -7.35 25.74 -7.93
CA ASN E 70 -8.35 26.31 -7.04
C ASN E 70 -8.67 27.76 -7.42
N ASN E 71 -7.67 28.50 -7.90
CA ASN E 71 -7.89 29.89 -8.26
C ASN E 71 -8.79 30.02 -9.48
N ASN E 72 -8.66 29.11 -10.44
CA ASN E 72 -9.52 29.16 -11.63
C ASN E 72 -10.96 28.76 -11.29
N PHE E 73 -11.14 27.81 -10.36
CA PHE E 73 -12.48 27.48 -9.90
C PHE E 73 -13.18 28.71 -9.36
N ILE E 74 -12.55 29.42 -8.41
CA ILE E 74 -13.11 30.67 -7.89
C ILE E 74 -13.35 31.66 -9.01
N LYS E 75 -12.39 31.77 -9.93
CA LYS E 75 -12.52 32.71 -11.04
C LYS E 75 -13.74 32.38 -11.89
N MET E 76 -13.88 31.12 -12.30
CA MET E 76 -14.98 30.73 -13.17
C MET E 76 -16.33 30.93 -12.48
N ALA E 77 -16.45 30.48 -11.23
CA ALA E 77 -17.70 30.67 -10.50
C ALA E 77 -18.05 32.14 -10.38
N LYS E 78 -17.09 32.95 -9.94
CA LYS E 78 -17.34 34.39 -9.80
C LYS E 78 -17.84 35.00 -11.10
N GLU E 79 -17.23 34.62 -12.22
CA GLU E 79 -17.59 35.24 -13.49
C GLU E 79 -18.92 34.72 -14.00
N LYS E 80 -19.14 33.41 -13.93
CA LYS E 80 -20.42 32.83 -14.35
C LYS E 80 -21.57 33.47 -13.59
N LEU E 81 -21.41 33.59 -12.27
CA LEU E 81 -22.45 34.22 -11.46
C LEU E 81 -22.71 35.65 -11.93
N ALA E 82 -21.65 36.41 -12.18
CA ALA E 82 -21.82 37.80 -12.60
C ALA E 82 -22.58 37.90 -13.91
N GLN E 83 -22.26 37.05 -14.88
CA GLN E 83 -22.95 37.11 -16.17
C GLN E 83 -24.43 36.78 -16.01
N LYS E 84 -24.75 35.77 -15.20
CA LYS E 84 -26.14 35.36 -15.06
C LYS E 84 -26.96 36.45 -14.40
N MET E 85 -26.47 37.00 -13.28
CA MET E 85 -27.20 38.07 -12.61
CA MET E 85 -27.20 38.07 -12.61
C MET E 85 -27.38 39.28 -13.51
N GLU E 86 -26.46 39.48 -14.47
CA GLU E 86 -26.60 40.60 -15.41
C GLU E 86 -27.70 40.31 -16.44
N SER E 87 -27.71 39.10 -17.00
CA SER E 87 -28.72 38.75 -17.98
C SER E 87 -30.12 38.80 -17.37
N ASN E 88 -30.30 38.18 -16.21
CA ASN E 88 -31.61 38.16 -15.57
C ASN E 88 -32.12 39.57 -15.32
N LYS E 89 -31.25 40.45 -14.84
CA LYS E 89 -31.64 41.84 -14.60
C LYS E 89 -32.07 42.51 -15.91
N GLU E 90 -31.26 42.35 -16.97
CA GLU E 90 -31.61 42.93 -18.26
C GLU E 90 -32.88 42.32 -18.81
N ASN E 91 -33.06 41.02 -18.63
CA ASN E 91 -34.23 40.34 -19.20
C ASN E 91 -35.50 40.71 -18.45
N ARG E 92 -35.47 40.62 -17.11
CA ARG E 92 -36.66 40.94 -16.34
C ARG E 92 -37.11 42.38 -16.58
N GLU E 93 -36.15 43.29 -16.78
CA GLU E 93 -36.52 44.67 -17.07
C GLU E 93 -37.10 44.80 -18.47
N ALA E 94 -36.55 44.07 -19.44
CA ALA E 94 -37.12 44.07 -20.77
C ALA E 94 -38.55 43.56 -20.75
N HIS E 95 -38.81 42.49 -19.98
CA HIS E 95 -40.17 42.00 -19.81
C HIS E 95 -41.07 43.08 -19.23
N LEU E 96 -40.59 43.81 -18.24
CA LEU E 96 -41.44 44.82 -17.59
C LEU E 96 -41.64 46.02 -18.50
N ALA E 97 -40.59 46.46 -19.20
CA ALA E 97 -40.73 47.62 -20.08
C ALA E 97 -41.72 47.33 -21.20
N ALA E 98 -41.73 46.09 -21.69
CA ALA E 98 -42.65 45.72 -22.76
C ALA E 98 -44.10 45.82 -22.29
N MET E 99 -44.39 45.23 -21.13
CA MET E 99 -45.73 45.31 -20.58
C MET E 99 -46.17 46.77 -20.41
N LEU E 100 -45.29 47.60 -19.86
CA LEU E 100 -45.63 49.01 -19.66
C LEU E 100 -45.85 49.72 -20.99
N GLU E 101 -45.14 49.31 -22.04
CA GLU E 101 -45.37 49.88 -23.36
C GLU E 101 -46.77 49.54 -23.85
N ARG E 102 -47.17 48.27 -23.70
CA ARG E 102 -48.51 47.87 -24.10
C ARG E 102 -49.58 48.62 -23.31
N LEU E 103 -49.39 48.72 -21.99
CA LEU E 103 -50.34 49.47 -21.16
C LEU E 103 -50.42 50.92 -21.59
N GLN E 104 -49.32 51.51 -22.07
CA GLN E 104 -49.32 52.92 -22.40
C GLN E 104 -49.91 53.18 -23.78
N GLU E 105 -49.75 52.24 -24.72
CA GLU E 105 -50.46 52.36 -25.99
C GLU E 105 -51.96 52.44 -25.77
N LYS E 106 -52.48 51.64 -24.83
CA LYS E 106 -53.90 51.69 -24.52
C LYS E 106 -54.31 53.03 -23.95
N ASP E 107 -53.42 53.68 -23.18
CA ASP E 107 -53.70 55.02 -22.69
C ASP E 107 -53.81 56.02 -23.85
N LYS E 108 -52.82 55.99 -24.75
CA LYS E 108 -52.85 56.87 -25.91
C LYS E 108 -54.15 56.71 -26.69
N HIS E 109 -54.67 55.48 -26.77
CA HIS E 109 -55.88 55.24 -27.52
C HIS E 109 -57.13 55.76 -26.80
N ALA E 110 -57.09 55.85 -25.47
CA ALA E 110 -58.22 56.44 -24.76
C ALA E 110 -58.30 57.94 -25.00
N GLU E 111 -57.16 58.60 -25.22
CA GLU E 111 -57.18 60.00 -25.63
C GLU E 111 -57.82 60.17 -27.00
N GLU E 112 -57.64 59.18 -27.89
CA GLU E 112 -58.26 59.24 -29.20
C GLU E 112 -59.77 59.06 -29.11
N VAL E 113 -60.23 58.14 -28.26
CA VAL E 113 -61.67 57.94 -28.09
C VAL E 113 -62.32 59.20 -27.53
N ARG E 114 -61.65 59.85 -26.57
CA ARG E 114 -62.24 61.02 -25.93
C ARG E 114 -62.20 62.23 -26.87
N LYS E 115 -61.05 62.46 -27.52
CA LYS E 115 -61.00 63.53 -28.53
C LYS E 115 -61.91 63.21 -29.71
N ASN E 116 -62.11 61.92 -30.00
CA ASN E 116 -62.97 61.55 -31.11
C ASN E 116 -64.43 61.89 -30.82
N LYS E 117 -64.88 61.66 -29.57
CA LYS E 117 -66.22 62.09 -29.20
C LYS E 117 -66.33 63.60 -29.08
N GLU E 118 -65.20 64.29 -28.91
CA GLU E 118 -65.22 65.76 -28.90
C GLU E 118 -65.52 66.30 -30.29
N LEU E 119 -64.87 65.76 -31.32
CA LEU E 119 -65.06 66.18 -32.70
C LEU E 119 -66.35 65.62 -33.31
N LYS E 120 -67.18 64.96 -32.52
CA LYS E 120 -68.49 64.49 -32.98
C LYS E 120 -69.63 65.39 -32.52
N GLU E 121 -69.41 66.23 -31.52
CA GLU E 121 -70.45 67.10 -30.97
C GLU E 121 -70.70 68.29 -31.90
N MET F 1 17.71 -37.29 4.56
CA MET F 1 17.74 -37.23 3.09
C MET F 1 19.11 -36.81 2.59
N TYR F 2 19.79 -37.73 1.93
CA TYR F 2 21.10 -37.45 1.37
C TYR F 2 20.96 -36.83 -0.02
N THR F 3 22.05 -36.23 -0.48
CA THR F 3 22.05 -35.45 -1.71
C THR F 3 23.25 -35.83 -2.57
N PHE F 4 23.04 -35.84 -3.89
CA PHE F 4 24.11 -36.21 -4.82
C PHE F 4 23.94 -35.45 -6.12
N VAL F 5 25.04 -35.34 -6.86
CA VAL F 5 25.10 -34.66 -8.15
C VAL F 5 25.73 -35.60 -9.16
N VAL F 6 25.38 -35.40 -10.43
CA VAL F 6 25.84 -36.26 -11.53
C VAL F 6 26.62 -35.38 -12.50
N ARG F 7 27.92 -35.64 -12.62
CA ARG F 7 28.79 -34.84 -13.48
C ARG F 7 29.40 -35.64 -14.62
N ASP F 8 28.95 -36.88 -14.84
CA ASP F 8 29.32 -37.67 -16.02
C ASP F 8 28.07 -38.34 -16.55
N GLU F 9 27.42 -37.70 -17.52
CA GLU F 9 26.24 -38.28 -18.14
C GLU F 9 26.57 -39.41 -19.10
N ASN F 10 27.85 -39.59 -19.43
CA ASN F 10 28.28 -40.66 -20.31
C ASN F 10 28.59 -41.96 -19.58
N SER F 11 28.53 -41.96 -18.25
CA SER F 11 28.84 -43.15 -17.45
C SER F 11 27.60 -44.02 -17.38
N SER F 12 27.63 -45.15 -18.10
CA SER F 12 26.55 -46.13 -18.05
C SER F 12 26.46 -46.84 -16.70
N VAL F 13 27.56 -46.93 -15.95
CA VAL F 13 27.54 -47.66 -14.68
C VAL F 13 26.87 -46.83 -13.59
N TYR F 14 27.31 -45.59 -13.41
CA TYR F 14 26.72 -44.73 -12.40
C TYR F 14 25.41 -44.10 -12.85
N ALA F 15 25.17 -44.03 -14.16
CA ALA F 15 23.82 -43.75 -14.64
C ALA F 15 22.83 -44.76 -14.06
N GLU F 16 23.26 -46.00 -13.91
CA GLU F 16 22.45 -47.01 -13.23
C GLU F 16 22.42 -46.76 -11.72
N VAL F 17 23.55 -46.29 -11.16
CA VAL F 17 23.64 -46.11 -9.71
C VAL F 17 22.74 -44.97 -9.26
N SER F 18 22.84 -43.81 -9.90
CA SER F 18 21.98 -42.69 -9.56
C SER F 18 20.51 -43.07 -9.70
N ARG F 19 20.15 -43.69 -10.84
CA ARG F 19 18.79 -44.17 -11.01
C ARG F 19 18.38 -45.11 -9.89
N LEU F 20 19.34 -45.83 -9.31
CA LEU F 20 19.04 -46.75 -8.21
C LEU F 20 18.93 -46.03 -6.88
N LEU F 21 19.72 -44.97 -6.68
CA LEU F 21 19.65 -44.22 -5.43
C LEU F 21 18.31 -43.51 -5.28
N LEU F 22 17.78 -42.97 -6.38
CA LEU F 22 16.48 -42.32 -6.33
C LEU F 22 15.38 -43.30 -5.92
N ALA F 23 15.58 -44.59 -6.22
CA ALA F 23 14.59 -45.60 -5.87
C ALA F 23 14.47 -45.80 -4.36
N THR F 24 15.54 -45.53 -3.61
CA THR F 24 15.52 -45.70 -2.16
C THR F 24 14.62 -44.68 -1.46
N GLY F 25 14.17 -43.65 -2.17
CA GLY F 25 13.39 -42.59 -1.55
C GLY F 25 14.11 -41.78 -0.50
N GLN F 26 15.42 -42.01 -0.33
CA GLN F 26 16.22 -41.29 0.64
C GLN F 26 17.36 -40.51 -0.01
N TRP F 27 17.40 -40.45 -1.33
CA TRP F 27 18.45 -39.72 -2.05
C TRP F 27 17.81 -38.68 -2.97
N LYS F 28 18.36 -37.47 -2.92
CA LYS F 28 17.88 -36.37 -3.74
C LYS F 28 19.00 -35.86 -4.64
N ARG F 29 18.72 -35.78 -5.93
CA ARG F 29 19.69 -35.25 -6.89
C ARG F 29 19.58 -33.73 -6.97
N LEU F 30 20.71 -33.09 -7.23
CA LEU F 30 20.76 -31.64 -7.38
C LEU F 30 21.40 -31.28 -8.71
N ARG F 31 21.23 -30.01 -9.08
CA ARG F 31 21.88 -29.45 -10.25
C ARG F 31 23.36 -29.81 -10.26
N LYS F 32 23.95 -29.91 -11.45
CA LYS F 32 25.28 -30.50 -11.57
C LYS F 32 26.33 -29.70 -10.82
N ASP F 33 26.19 -28.37 -10.74
CA ASP F 33 27.17 -27.52 -10.08
C ASP F 33 26.65 -26.98 -8.74
N ASN F 34 25.80 -27.75 -8.07
CA ASN F 34 25.39 -27.40 -6.71
C ASN F 34 26.43 -27.93 -5.71
N PRO F 35 26.88 -27.10 -4.76
CA PRO F 35 27.98 -27.52 -3.88
C PRO F 35 27.52 -28.30 -2.65
N ARG F 36 26.26 -28.12 -2.26
CA ARG F 36 25.75 -28.75 -1.04
C ARG F 36 25.34 -30.20 -1.30
N PHE F 37 26.30 -31.00 -1.73
CA PHE F 37 26.06 -32.40 -2.08
C PHE F 37 26.76 -33.34 -1.11
N ASN F 38 26.12 -34.48 -0.84
CA ASN F 38 26.76 -35.53 -0.07
C ASN F 38 27.64 -36.41 -0.95
N LEU F 39 27.13 -36.80 -2.13
CA LEU F 39 27.80 -37.72 -3.03
C LEU F 39 28.03 -37.05 -4.37
N MET F 40 29.25 -37.17 -4.89
CA MET F 40 29.61 -36.69 -6.22
C MET F 40 29.96 -37.87 -7.09
N LEU F 41 29.27 -38.00 -8.23
CA LEU F 41 29.66 -38.91 -9.30
C LEU F 41 30.39 -38.06 -10.33
N GLY F 42 31.72 -38.04 -10.24
CA GLY F 42 32.50 -37.04 -10.92
C GLY F 42 32.78 -37.34 -12.37
N GLU F 43 33.42 -36.37 -13.03
CA GLU F 43 33.76 -36.46 -14.43
C GLU F 43 35.00 -37.33 -14.63
N ARG F 44 35.13 -37.89 -15.82
CA ARG F 44 36.28 -38.75 -16.11
C ARG F 44 37.58 -37.96 -16.09
N ASN F 45 37.54 -36.69 -16.52
CA ASN F 45 38.75 -35.90 -16.67
C ASN F 45 38.62 -34.57 -15.94
N ARG F 46 39.70 -34.19 -15.27
CA ARG F 46 39.80 -32.89 -14.60
C ARG F 46 38.74 -32.76 -13.49
N LEU F 47 38.54 -33.84 -12.75
CA LEU F 47 37.64 -33.78 -11.60
C LEU F 47 38.22 -32.84 -10.55
N PRO F 48 37.45 -31.85 -10.06
CA PRO F 48 37.99 -30.82 -9.14
C PRO F 48 38.09 -31.30 -7.70
N PHE F 49 39.01 -32.24 -7.48
CA PHE F 49 39.19 -32.78 -6.14
C PHE F 49 39.47 -31.69 -5.11
N GLY F 50 40.09 -30.59 -5.53
CA GLY F 50 40.45 -29.55 -4.59
C GLY F 50 39.29 -28.76 -4.01
N ARG F 51 38.09 -28.93 -4.56
CA ARG F 51 36.89 -28.28 -4.03
C ARG F 51 36.08 -29.18 -3.13
N LEU F 52 36.45 -30.45 -3.00
CA LEU F 52 35.74 -31.39 -2.15
C LEU F 52 36.17 -31.26 -0.71
N GLY F 53 35.25 -31.63 0.20
CA GLY F 53 35.52 -31.63 1.63
C GLY F 53 35.68 -30.27 2.27
N HIS F 54 34.99 -29.24 1.77
CA HIS F 54 35.15 -27.90 2.32
C HIS F 54 33.81 -27.24 2.65
N GLU F 55 32.71 -27.96 2.56
CA GLU F 55 31.40 -27.41 2.92
C GLU F 55 31.08 -27.78 4.35
N PRO F 56 30.85 -26.80 5.24
CA PRO F 56 30.64 -27.12 6.66
C PRO F 56 29.44 -28.03 6.86
N GLY F 57 29.62 -29.05 7.70
CA GLY F 57 28.54 -29.96 8.05
C GLY F 57 28.24 -31.05 7.05
N LEU F 58 28.76 -30.98 5.83
CA LEU F 58 28.48 -31.98 4.81
C LEU F 58 29.63 -32.99 4.74
N VAL F 59 29.28 -34.28 4.83
CA VAL F 59 30.22 -35.35 4.55
C VAL F 59 30.17 -35.61 3.04
N GLN F 60 31.31 -35.48 2.38
CA GLN F 60 31.35 -35.58 0.92
C GLN F 60 32.16 -36.79 0.49
N LEU F 61 31.64 -37.48 -0.51
CA LEU F 61 32.20 -38.72 -1.04
C LEU F 61 32.18 -38.65 -2.55
N VAL F 62 33.23 -39.17 -3.19
CA VAL F 62 33.37 -39.10 -4.64
C VAL F 62 33.81 -40.45 -5.18
N ASN F 63 33.34 -40.77 -6.39
CA ASN F 63 33.54 -42.07 -7.01
C ASN F 63 34.86 -42.19 -7.77
N TYR F 64 35.86 -41.40 -7.41
CA TYR F 64 37.18 -41.52 -8.02
C TYR F 64 38.26 -41.28 -6.98
N TYR F 65 39.30 -42.12 -7.02
CA TYR F 65 40.49 -41.93 -6.19
C TYR F 65 41.47 -41.02 -6.94
N ARG F 66 41.65 -39.81 -6.42
CA ARG F 66 42.68 -38.93 -6.97
C ARG F 66 44.04 -39.60 -6.87
N GLY F 67 44.74 -39.67 -8.01
CA GLY F 67 46.02 -40.33 -8.08
C GLY F 67 46.01 -41.73 -8.67
N ALA F 68 44.83 -42.32 -8.88
CA ALA F 68 44.75 -43.66 -9.42
C ALA F 68 45.00 -43.74 -10.92
N ASP F 69 45.21 -42.60 -11.59
CA ASP F 69 45.55 -42.65 -13.01
C ASP F 69 46.94 -43.24 -13.21
N LYS F 70 47.84 -43.08 -12.23
CA LYS F 70 49.14 -43.71 -12.29
C LYS F 70 49.01 -45.21 -12.56
N LEU F 71 47.91 -45.80 -12.15
CA LEU F 71 47.61 -47.20 -12.39
C LEU F 71 46.84 -47.44 -13.67
N CYS F 72 46.09 -46.45 -14.15
CA CYS F 72 45.14 -46.63 -15.24
C CYS F 72 45.61 -46.02 -16.56
N ARG F 73 46.88 -45.63 -16.66
CA ARG F 73 47.46 -45.16 -17.91
C ARG F 73 48.58 -46.12 -18.31
N LYS F 74 48.51 -46.62 -19.54
CA LYS F 74 49.49 -47.60 -20.00
C LYS F 74 50.92 -47.14 -19.72
N ALA F 75 51.24 -45.91 -20.11
CA ALA F 75 52.58 -45.39 -19.89
C ALA F 75 52.91 -45.26 -18.40
N SER F 76 51.93 -44.85 -17.60
CA SER F 76 52.16 -44.70 -16.16
CA SER F 76 52.16 -44.70 -16.16
C SER F 76 52.23 -46.04 -15.44
N LEU F 77 51.44 -47.02 -15.88
CA LEU F 77 51.49 -48.33 -15.24
C LEU F 77 52.84 -49.01 -15.47
N VAL F 78 53.40 -48.87 -16.67
CA VAL F 78 54.74 -49.42 -16.93
C VAL F 78 55.76 -48.76 -16.01
N LYS F 79 55.71 -47.43 -15.92
CA LYS F 79 56.66 -46.71 -15.06
C LYS F 79 56.51 -47.11 -13.61
N LEU F 80 55.26 -47.22 -13.14
CA LEU F 80 55.04 -47.59 -11.74
C LEU F 80 55.48 -49.03 -11.48
N ILE F 81 55.15 -49.95 -12.39
CA ILE F 81 55.56 -51.35 -12.23
C ILE F 81 57.09 -51.44 -12.23
N LYS F 82 57.76 -50.68 -13.10
CA LYS F 82 59.22 -50.83 -13.30
C LYS F 82 60.05 -50.13 -12.22
N THR F 83 59.47 -49.25 -11.41
CA THR F 83 60.24 -48.44 -10.44
C THR F 83 59.85 -48.74 -8.99
N SER F 84 58.83 -49.56 -8.73
CA SER F 84 58.31 -49.83 -7.36
C SER F 84 58.99 -51.04 -6.71
N PRO F 85 59.75 -50.89 -5.60
CA PRO F 85 60.32 -52.06 -4.92
C PRO F 85 59.30 -53.19 -4.78
N GLU F 86 58.05 -52.85 -4.46
CA GLU F 86 57.03 -53.87 -4.25
C GLU F 86 56.70 -54.60 -5.55
N LEU F 87 56.37 -53.84 -6.60
CA LEU F 87 56.18 -54.42 -7.93
C LEU F 87 57.50 -54.41 -8.68
N SER F 88 58.41 -55.29 -8.26
CA SER F 88 59.75 -55.32 -8.83
C SER F 88 59.69 -55.40 -10.35
N GLU F 89 60.72 -54.86 -11.00
CA GLU F 89 60.81 -55.01 -12.47
C GLU F 89 60.66 -56.49 -12.76
N SER F 90 60.98 -57.33 -11.78
CA SER F 90 60.77 -58.78 -11.94
C SER F 90 59.33 -59.08 -11.53
N CYS F 91 58.36 -58.62 -12.33
CA CYS F 91 56.93 -58.79 -11.98
C CYS F 91 56.44 -60.18 -12.36
N THR F 92 57.04 -60.80 -13.39
CA THR F 92 56.64 -62.17 -13.70
C THR F 92 55.17 -62.31 -14.11
N TRP F 93 54.33 -61.32 -13.78
CA TRP F 93 52.95 -61.32 -14.25
C TRP F 93 52.62 -60.12 -15.13
N PHE F 94 53.59 -59.25 -15.40
CA PHE F 94 53.44 -58.17 -16.36
C PHE F 94 54.34 -58.42 -17.56
N PRO F 95 53.80 -58.32 -18.78
CA PRO F 95 54.64 -58.53 -19.96
C PRO F 95 55.74 -57.48 -20.06
N GLU F 96 56.85 -57.88 -20.69
CA GLU F 96 57.99 -56.99 -20.87
C GLU F 96 57.58 -55.76 -21.67
N SER F 97 57.51 -54.61 -21.02
CA SER F 97 57.02 -53.37 -21.63
C SER F 97 58.11 -52.30 -21.60
N TYR F 98 57.99 -51.35 -22.53
CA TYR F 98 58.91 -50.23 -22.63
C TYR F 98 58.15 -48.98 -23.05
N VAL F 99 58.65 -47.83 -22.60
CA VAL F 99 58.03 -46.53 -22.86
C VAL F 99 58.92 -45.78 -23.86
N ILE F 100 58.35 -45.48 -25.02
CA ILE F 100 59.04 -44.74 -26.07
C ILE F 100 58.29 -43.45 -26.35
N TYR F 101 59.03 -42.47 -26.87
CA TYR F 101 58.47 -41.14 -27.19
C TYR F 101 58.74 -40.82 -28.67
N PRO F 102 57.72 -40.45 -29.46
CA PRO F 102 57.88 -40.11 -30.88
C PRO F 102 58.90 -39.00 -31.11
N THR F 103 63.42 -41.96 -19.35
CA THR F 103 62.51 -41.92 -20.49
C THR F 103 63.11 -41.14 -21.64
N ASP F 104 63.10 -41.72 -22.85
CA ASP F 104 62.31 -42.90 -23.26
C ASP F 104 63.22 -44.13 -23.25
N GLU F 105 62.65 -45.33 -23.16
CA GLU F 105 63.42 -46.59 -23.11
C GLU F 105 63.64 -47.07 -24.54
N ARG F 106 63.72 -46.17 -25.52
CA ARG F 106 63.87 -46.56 -26.90
C ARG F 106 65.14 -47.37 -27.13
N GLU F 107 66.21 -47.07 -26.40
CA GLU F 107 67.46 -47.80 -26.55
C GLU F 107 67.51 -49.08 -25.73
N VAL F 108 66.88 -49.11 -24.56
CA VAL F 108 66.87 -50.33 -23.76
C VAL F 108 66.02 -51.40 -24.44
N PHE F 109 65.01 -51.00 -25.21
CA PHE F 109 64.28 -51.94 -26.06
C PHE F 109 65.24 -52.64 -27.02
N LEU F 110 65.89 -51.86 -27.89
CA LEU F 110 66.74 -52.44 -28.91
C LEU F 110 67.77 -53.40 -28.32
N ALA F 111 68.38 -53.02 -27.20
CA ALA F 111 69.35 -53.90 -26.55
C ALA F 111 68.70 -55.23 -26.16
N ALA F 112 67.44 -55.18 -25.73
CA ALA F 112 66.71 -56.41 -25.40
C ALA F 112 66.11 -57.07 -26.63
N TYR F 113 65.75 -56.27 -27.65
CA TYR F 113 65.24 -56.81 -28.90
C TYR F 113 66.17 -57.87 -29.50
N ASN F 114 67.44 -57.88 -29.08
CA ASN F 114 68.39 -58.89 -29.52
C ASN F 114 68.60 -59.95 -28.44
N GLY F 115 60.81 -66.31 -30.39
CA GLY F 115 59.59 -65.58 -30.13
C GLY F 115 59.82 -64.10 -29.92
N ASN F 116 59.95 -63.35 -31.02
CA ASN F 116 60.33 -61.95 -31.00
C ASN F 116 59.24 -61.06 -31.58
N VAL F 117 57.98 -61.39 -31.32
CA VAL F 117 56.84 -60.60 -31.79
C VAL F 117 56.42 -59.66 -30.66
N TRP F 118 56.29 -58.37 -30.98
CA TRP F 118 55.91 -57.36 -30.03
C TRP F 118 54.63 -56.66 -30.49
N ILE F 119 54.02 -55.92 -29.56
CA ILE F 119 52.84 -55.12 -29.84
C ILE F 119 53.04 -53.75 -29.19
N ALA F 120 52.79 -52.69 -29.95
CA ALA F 120 52.97 -51.33 -29.46
C ALA F 120 51.66 -50.58 -29.61
N LYS F 121 51.10 -50.12 -28.49
CA LYS F 121 49.83 -49.39 -28.48
C LYS F 121 49.91 -48.26 -27.47
N SER F 122 48.82 -47.51 -27.35
CA SER F 122 48.77 -46.37 -26.43
C SER F 122 47.57 -46.48 -25.48
N ILE F 123 51.19 -54.45 -33.73
CA ILE F 123 51.65 -55.87 -33.55
C ILE F 123 52.52 -56.25 -34.74
N SER F 124 53.82 -56.48 -34.53
CA SER F 124 54.76 -56.81 -35.60
C SER F 124 55.89 -57.64 -35.01
N SER F 125 56.65 -58.26 -35.91
CA SER F 125 57.89 -58.94 -35.56
C SER F 125 59.12 -58.13 -35.96
N GLU F 126 58.93 -56.94 -36.52
CA GLU F 126 60.01 -56.07 -36.94
C GLU F 126 59.97 -54.79 -36.12
N ALA F 127 61.08 -54.49 -35.43
CA ALA F 127 61.15 -53.25 -34.66
C ALA F 127 60.95 -52.04 -35.55
N SER F 128 61.39 -52.10 -36.80
CA SER F 128 61.22 -50.97 -37.71
C SER F 128 59.75 -50.59 -37.84
N GLU F 129 58.87 -51.59 -38.00
CA GLU F 129 57.46 -51.31 -38.12
C GLU F 129 56.89 -50.72 -36.84
N LEU F 130 57.48 -51.05 -35.69
CA LEU F 130 57.00 -50.50 -34.42
C LEU F 130 57.44 -49.05 -34.23
N LEU F 131 58.68 -48.73 -34.60
CA LEU F 131 59.20 -47.39 -34.38
C LEU F 131 58.91 -46.45 -35.54
N ASP F 132 58.90 -46.95 -36.78
CA ASP F 132 58.35 -46.16 -37.88
C ASP F 132 56.89 -45.86 -37.65
N PHE F 133 56.20 -46.70 -36.87
CA PHE F 133 54.81 -46.48 -36.48
C PHE F 133 54.65 -45.27 -35.57
N ILE F 134 55.75 -44.63 -35.15
CA ILE F 134 55.69 -43.53 -34.21
C ILE F 134 56.35 -42.28 -34.80
N VAL F 135 52.74 -40.82 -27.37
CA VAL F 135 53.47 -41.61 -26.38
C VAL F 135 52.91 -43.03 -26.29
N HIS F 136 53.71 -44.00 -26.71
CA HIS F 136 53.33 -45.40 -26.77
C HIS F 136 54.14 -46.22 -25.77
N VAL F 137 53.66 -47.45 -25.53
CA VAL F 137 54.42 -48.47 -24.82
C VAL F 137 54.54 -49.67 -25.75
N ILE F 138 55.73 -50.25 -25.84
CA ILE F 138 55.94 -51.51 -26.54
C ILE F 138 55.94 -52.63 -25.52
N GLN F 139 55.06 -53.61 -25.71
CA GLN F 139 54.83 -54.65 -24.71
C GLN F 139 54.79 -55.99 -25.41
N LYS F 140 55.49 -56.97 -24.84
CA LYS F 140 55.62 -58.27 -25.48
C LYS F 140 54.26 -58.89 -25.78
N TYR F 141 54.08 -59.32 -27.02
CA TYR F 141 52.89 -60.04 -27.43
C TYR F 141 52.98 -61.49 -26.93
N LEU F 142 51.93 -61.94 -26.25
CA LEU F 142 51.88 -63.31 -25.74
C LEU F 142 51.57 -64.23 -26.91
N GLU F 143 52.62 -64.89 -27.43
CA GLU F 143 52.53 -65.65 -28.67
C GLU F 143 51.90 -67.03 -28.49
N LYS F 144 51.67 -67.46 -27.25
CA LYS F 144 51.13 -68.79 -26.97
C LYS F 144 50.04 -68.66 -25.91
N PRO F 145 48.89 -68.13 -26.28
CA PRO F 145 47.78 -67.98 -25.34
C PRO F 145 46.96 -69.24 -25.20
N LEU F 146 46.13 -69.27 -24.16
CA LEU F 146 45.21 -70.39 -23.93
C LEU F 146 44.04 -70.26 -24.89
N LEU F 147 43.94 -71.19 -25.83
CA LEU F 147 42.88 -71.18 -26.82
C LEU F 147 41.69 -72.00 -26.32
N LEU F 148 40.50 -71.52 -26.64
CA LEU F 148 39.25 -72.21 -26.25
C LEU F 148 38.86 -73.14 -27.39
N GLU F 149 38.16 -74.24 -27.10
CA GLU F 149 37.76 -75.21 -28.10
C GLU F 149 36.28 -75.51 -27.97
N PRO F 150 35.57 -75.66 -29.10
CA PRO F 150 36.07 -75.66 -30.48
C PRO F 150 36.23 -74.24 -31.02
N GLY F 151 37.19 -74.02 -31.93
CA GLY F 151 37.32 -72.72 -32.56
C GLY F 151 38.75 -72.20 -32.62
N HIS F 152 39.60 -72.69 -31.72
CA HIS F 152 40.98 -72.16 -31.64
C HIS F 152 40.85 -70.66 -31.36
N ARG F 153 40.00 -70.30 -30.40
CA ARG F 153 39.71 -68.87 -30.16
C ARG F 153 40.56 -68.27 -29.05
N LYS F 154 40.97 -67.01 -29.21
CA LYS F 154 41.74 -66.29 -28.16
C LYS F 154 40.74 -65.55 -27.27
N PHE F 155 41.20 -65.00 -26.15
CA PHE F 155 40.30 -64.30 -25.25
C PHE F 155 41.11 -63.57 -24.19
N ASP F 156 40.45 -62.60 -23.55
CA ASP F 156 40.96 -61.95 -22.36
C ASP F 156 39.88 -61.99 -21.28
N ILE F 157 40.28 -61.75 -20.04
CA ILE F 157 39.38 -61.79 -18.89
C ILE F 157 39.31 -60.40 -18.29
N ARG F 158 38.08 -59.92 -18.05
CA ARG F 158 37.84 -58.67 -17.37
C ARG F 158 37.31 -58.95 -15.97
N SER F 159 37.92 -58.32 -14.97
CA SER F 159 37.47 -58.40 -13.59
C SER F 159 37.13 -57.00 -13.09
N TRP F 160 36.06 -56.90 -12.32
CA TRP F 160 35.63 -55.63 -11.73
C TRP F 160 36.01 -55.61 -10.26
N VAL F 161 36.90 -54.69 -9.89
CA VAL F 161 37.33 -54.52 -8.50
C VAL F 161 36.78 -53.20 -7.99
N LEU F 162 36.31 -53.20 -6.74
CA LEU F 162 35.80 -51.99 -6.10
C LEU F 162 36.56 -51.74 -4.82
N VAL F 163 37.04 -50.51 -4.64
CA VAL F 163 37.73 -50.10 -3.43
C VAL F 163 36.87 -49.06 -2.74
N ASP F 164 36.51 -49.33 -1.48
CA ASP F 164 35.70 -48.39 -0.72
C ASP F 164 36.59 -47.38 0.00
N HIS F 165 35.95 -46.46 0.73
CA HIS F 165 36.69 -45.38 1.38
C HIS F 165 37.69 -45.88 2.42
N LEU F 166 37.48 -47.08 2.95
CA LEU F 166 38.39 -47.64 3.98
C LEU F 166 39.50 -48.47 3.31
N TYR F 167 39.62 -48.38 1.98
CA TYR F 167 40.62 -49.13 1.19
C TYR F 167 40.38 -50.64 1.29
N ASN F 168 39.11 -51.02 1.41
CA ASN F 168 38.78 -52.47 1.36
C ASN F 168 38.72 -52.80 -0.13
N ILE F 169 39.35 -53.89 -0.55
CA ILE F 169 39.43 -54.26 -1.96
C ILE F 169 38.43 -55.37 -2.21
N TYR F 170 37.36 -55.06 -2.94
CA TYR F 170 36.26 -55.98 -3.19
C TYR F 170 36.33 -56.44 -4.64
N LEU F 171 36.51 -57.75 -4.83
CA LEU F 171 36.51 -58.33 -6.17
C LEU F 171 35.10 -58.82 -6.51
N TYR F 172 34.50 -58.25 -7.53
CA TYR F 172 33.20 -58.72 -8.00
C TYR F 172 33.31 -60.18 -8.41
N ARG F 173 32.49 -61.03 -7.79
CA ARG F 173 32.58 -62.47 -8.02
C ARG F 173 32.33 -62.85 -9.47
N GLU F 174 31.71 -61.97 -10.25
CA GLU F 174 31.36 -62.28 -11.63
C GLU F 174 32.35 -61.61 -12.59
N GLY F 175 33.01 -62.44 -13.41
CA GLY F 175 33.84 -61.97 -14.49
C GLY F 175 33.26 -62.33 -15.85
N VAL F 176 33.96 -61.90 -16.89
CA VAL F 176 33.53 -62.14 -18.27
C VAL F 176 34.76 -62.37 -19.14
N LEU F 177 34.64 -63.33 -20.05
CA LEU F 177 35.65 -63.60 -21.06
C LEU F 177 35.23 -62.94 -22.36
N ARG F 178 36.00 -61.94 -22.80
CA ARG F 178 35.77 -61.28 -24.07
C ARG F 178 36.52 -62.07 -25.14
N THR F 179 35.83 -63.03 -25.74
CA THR F 179 36.44 -63.97 -26.66
C THR F 179 36.47 -63.40 -28.08
N SER F 180 37.29 -64.02 -28.91
CA SER F 180 37.36 -63.72 -30.33
C SER F 180 36.56 -64.75 -31.10
N SER F 181 35.79 -64.34 -32.11
CA SER F 181 35.01 -65.29 -32.95
C SER F 181 35.90 -65.83 -34.08
N GLU F 182 36.98 -65.14 -34.40
CA GLU F 182 37.87 -65.52 -35.53
C GLU F 182 38.95 -66.48 -35.03
N PRO F 183 39.18 -67.65 -35.66
CA PRO F 183 40.26 -68.54 -35.25
C PRO F 183 41.59 -67.79 -35.13
N TYR F 184 42.36 -68.05 -34.07
CA TYR F 184 43.62 -67.36 -33.84
C TYR F 184 44.66 -67.84 -34.86
N ASN F 185 45.04 -66.97 -35.78
CA ASN F 185 46.08 -67.28 -36.76
C ASN F 185 47.44 -66.90 -36.17
N SER F 186 48.23 -67.91 -35.79
CA SER F 186 49.55 -67.66 -35.23
C SER F 186 50.39 -66.77 -36.15
N ALA F 187 50.20 -66.87 -37.47
CA ALA F 187 50.89 -66.02 -38.43
C ALA F 187 49.93 -65.05 -39.09
N ASP F 188 46.71 -59.10 -39.83
CA ASP F 188 45.30 -59.01 -39.47
C ASP F 188 45.13 -58.98 -37.95
N LYS F 189 44.44 -57.93 -37.47
CA LYS F 189 44.21 -57.79 -36.03
C LYS F 189 42.72 -57.82 -35.71
N THR F 190 42.07 -58.94 -36.03
CA THR F 190 40.69 -59.18 -35.63
C THR F 190 40.54 -60.38 -34.71
N CYS F 191 41.36 -61.41 -34.95
CA CYS F 191 41.40 -62.63 -34.11
C CYS F 191 42.55 -62.49 -33.12
N HIS F 192 43.09 -61.28 -32.92
CA HIS F 192 44.21 -61.03 -32.03
C HIS F 192 43.88 -60.07 -30.89
N LEU F 193 43.22 -58.96 -31.21
CA LEU F 193 42.77 -57.98 -30.17
C LEU F 193 41.37 -58.41 -29.75
N THR F 194 41.19 -58.80 -28.48
CA THR F 194 39.92 -59.38 -28.02
C THR F 194 38.98 -58.34 -27.43
N ASN F 195 38.91 -57.16 -28.03
CA ASN F 195 38.05 -56.09 -27.54
C ASN F 195 36.65 -56.21 -28.11
N HIS F 196 35.72 -55.46 -27.52
CA HIS F 196 34.33 -55.50 -27.94
C HIS F 196 34.09 -54.76 -29.26
N CYS F 197 34.92 -53.75 -29.55
CA CYS F 197 34.71 -52.96 -30.76
C CYS F 197 35.18 -53.70 -32.02
N ILE F 198 36.30 -54.43 -31.92
CA ILE F 198 36.82 -55.13 -33.09
C ILE F 198 35.99 -56.36 -33.40
N GLN F 199 35.37 -56.97 -32.38
CA GLN F 199 34.60 -58.19 -32.60
C GLN F 199 33.22 -57.90 -33.19
N LYS F 200 32.61 -56.78 -32.82
CA LYS F 200 31.28 -56.41 -33.31
C LYS F 200 31.34 -55.59 -34.59
N GLU F 201 32.38 -55.73 -35.40
CA GLU F 201 32.51 -54.90 -36.60
C GLU F 201 33.32 -55.58 -37.70
N TYR F 202 34.35 -56.35 -37.34
CA TYR F 202 35.21 -57.02 -38.30
C TYR F 202 35.27 -58.53 -38.08
N SER F 203 34.16 -59.16 -37.71
CA SER F 203 34.20 -60.59 -37.43
C SER F 203 32.81 -61.19 -37.55
N ASN F 204 32.73 -62.49 -37.29
CA ASN F 204 31.47 -63.22 -37.23
C ASN F 204 31.01 -63.18 -35.77
N TYR F 205 30.28 -62.13 -35.42
CA TYR F 205 29.90 -61.88 -34.04
C TYR F 205 28.91 -62.93 -33.55
N GLY F 206 28.96 -63.19 -32.25
CA GLY F 206 27.94 -64.06 -31.66
C GLY F 206 27.85 -65.42 -32.28
N ARG F 207 28.99 -65.97 -32.71
CA ARG F 207 28.98 -67.27 -33.38
C ARG F 207 28.92 -68.42 -32.37
N TYR F 208 29.93 -68.51 -31.50
CA TYR F 208 30.02 -69.62 -30.54
C TYR F 208 29.22 -69.37 -29.27
N GLU F 209 29.34 -68.18 -28.69
CA GLU F 209 28.60 -67.82 -27.49
C GLU F 209 27.97 -66.44 -27.67
N GLU F 210 26.98 -66.15 -26.85
CA GLU F 210 26.22 -64.90 -26.96
C GLU F 210 27.15 -63.70 -26.86
N GLY F 211 27.15 -62.87 -27.90
CA GLY F 211 27.92 -61.64 -27.91
C GLY F 211 29.40 -61.81 -27.63
N ASN F 212 29.98 -62.94 -28.04
CA ASN F 212 31.40 -63.22 -27.80
C ASN F 212 31.77 -63.02 -26.33
N GLU F 213 30.81 -63.28 -25.45
CA GLU F 213 31.00 -63.17 -24.01
C GLU F 213 30.59 -64.48 -23.35
N MET F 214 31.48 -65.00 -22.49
CA MET F 214 31.28 -66.27 -21.75
C MET F 214 31.57 -66.01 -20.27
N PHE F 215 30.67 -66.41 -19.38
CA PHE F 215 30.81 -66.09 -17.93
C PHE F 215 31.60 -67.19 -17.22
N PHE F 216 31.90 -67.03 -15.93
CA PHE F 216 32.69 -67.97 -15.14
C PHE F 216 31.97 -69.31 -14.98
N GLU F 217 30.64 -69.28 -14.86
CA GLU F 217 29.87 -70.52 -14.82
C GLU F 217 30.28 -71.46 -15.94
N GLU F 218 30.14 -70.99 -17.19
CA GLU F 218 30.49 -71.79 -18.35
C GLU F 218 31.99 -72.07 -18.39
N PHE F 219 32.80 -71.02 -18.22
CA PHE F 219 34.25 -71.18 -18.35
C PHE F 219 34.80 -72.21 -17.38
N ASN F 220 34.34 -72.18 -16.12
CA ASN F 220 34.81 -73.15 -15.14
C ASN F 220 34.56 -74.58 -15.60
N GLN F 221 33.35 -74.84 -16.13
CA GLN F 221 33.03 -76.18 -16.61
C GLN F 221 33.98 -76.61 -17.73
N TYR F 222 34.38 -75.67 -18.59
CA TYR F 222 35.30 -76.01 -19.67
C TYR F 222 36.66 -76.43 -19.11
N LEU F 223 37.22 -75.61 -18.21
CA LEU F 223 38.44 -76.00 -17.52
C LEU F 223 38.27 -77.34 -16.82
N MET F 224 37.13 -77.53 -16.16
CA MET F 224 36.87 -78.80 -15.47
C MET F 224 36.86 -79.96 -16.46
N ASP F 225 36.14 -79.82 -17.57
CA ASP F 225 35.96 -80.93 -18.50
C ASP F 225 37.15 -81.11 -19.44
N ALA F 226 37.87 -80.03 -19.75
CA ALA F 226 38.94 -80.08 -20.73
C ALA F 226 40.31 -80.28 -20.09
N LEU F 227 40.72 -79.35 -19.22
CA LEU F 227 42.05 -79.37 -18.62
CA LEU F 227 42.05 -79.37 -18.62
C LEU F 227 42.11 -80.07 -17.27
N ASN F 228 40.98 -80.56 -16.75
CA ASN F 228 40.95 -81.22 -15.45
C ASN F 228 41.46 -80.30 -14.35
N THR F 229 40.94 -79.08 -14.31
CA THR F 229 41.32 -78.11 -13.31
C THR F 229 40.09 -77.27 -12.97
N THR F 230 40.32 -76.10 -12.35
CA THR F 230 39.23 -75.27 -11.86
C THR F 230 39.62 -73.81 -12.03
N LEU F 231 38.60 -72.98 -12.30
CA LEU F 231 38.84 -71.54 -12.43
C LEU F 231 39.49 -70.98 -11.17
N GLU F 232 39.09 -71.48 -10.00
CA GLU F 232 39.65 -70.97 -8.74
C GLU F 232 41.13 -71.29 -8.64
N ASN F 233 41.50 -72.55 -8.82
CA ASN F 233 42.88 -72.96 -8.57
C ASN F 233 43.84 -72.43 -9.62
N SER F 234 43.40 -72.44 -10.88
CA SER F 234 44.32 -72.11 -12.00
C SER F 234 44.34 -70.64 -12.44
N ILE F 235 43.30 -69.86 -12.16
CA ILE F 235 43.31 -68.47 -12.69
C ILE F 235 43.02 -67.48 -11.56
N LEU F 236 42.04 -67.77 -10.72
CA LEU F 236 41.64 -66.83 -9.63
CA LEU F 236 41.65 -66.81 -9.65
C LEU F 236 42.71 -66.48 -8.57
N LEU F 237 43.46 -67.52 -8.20
CA LEU F 237 44.50 -67.23 -7.22
C LEU F 237 45.44 -66.14 -7.74
N GLN F 238 45.91 -66.29 -8.98
CA GLN F 238 46.83 -65.31 -9.54
C GLN F 238 46.15 -63.96 -9.75
N ILE F 239 44.91 -63.96 -10.24
CA ILE F 239 44.19 -62.71 -10.43
C ILE F 239 44.05 -61.96 -9.11
N LYS F 240 43.59 -62.66 -8.07
CA LYS F 240 43.46 -62.03 -6.76
C LYS F 240 44.81 -61.51 -6.27
N HIS F 241 45.89 -62.21 -6.58
CA HIS F 241 47.21 -61.78 -6.16
C HIS F 241 47.64 -60.52 -6.93
N ILE F 242 47.45 -60.52 -8.25
CA ILE F 242 47.84 -59.36 -9.06
C ILE F 242 47.07 -58.13 -8.61
N ILE F 243 45.73 -58.23 -8.56
CA ILE F 243 44.91 -57.10 -8.11
C ILE F 243 45.42 -56.57 -6.79
N ARG F 244 45.65 -57.47 -5.82
CA ARG F 244 46.12 -57.07 -4.50
C ARG F 244 47.44 -56.32 -4.60
N SER F 245 48.42 -56.90 -5.31
CA SER F 245 49.73 -56.27 -5.42
C SER F 245 49.62 -54.83 -5.93
N CYS F 246 48.88 -54.64 -7.03
CA CYS F 246 48.77 -53.33 -7.64
C CYS F 246 48.17 -52.31 -6.69
N LEU F 247 47.00 -52.61 -6.12
CA LEU F 247 46.28 -51.62 -5.33
C LEU F 247 46.98 -51.32 -4.01
N MET F 248 47.53 -52.36 -3.36
CA MET F 248 48.28 -52.14 -2.13
C MET F 248 49.54 -51.33 -2.39
N CYS F 249 50.06 -51.40 -3.61
CA CYS F 249 51.29 -50.67 -3.92
C CYS F 249 51.07 -49.16 -3.82
N ILE F 250 49.94 -48.67 -4.34
CA ILE F 250 49.69 -47.23 -4.35
C ILE F 250 48.84 -46.76 -3.17
N GLU F 251 48.49 -47.66 -2.24
CA GLU F 251 47.60 -47.27 -1.15
C GLU F 251 48.11 -46.06 -0.38
N PRO F 252 49.37 -45.99 0.04
CA PRO F 252 49.82 -44.82 0.80
C PRO F 252 49.75 -43.52 0.01
N ALA F 253 49.69 -43.59 -1.32
CA ALA F 253 49.69 -42.40 -2.16
C ALA F 253 48.30 -41.89 -2.49
N ILE F 254 47.30 -42.76 -2.52
CA ILE F 254 45.95 -42.36 -2.92
C ILE F 254 44.92 -42.55 -1.81
N SER F 255 45.29 -43.13 -0.68
CA SER F 255 44.33 -43.45 0.42
C SER F 255 43.73 -42.19 1.05
N THR F 256 42.41 -42.08 1.07
CA THR F 256 41.71 -40.92 1.66
C THR F 256 41.36 -41.19 3.12
N LYS F 257 42.14 -41.99 3.86
CA LYS F 257 41.78 -42.39 5.22
C LYS F 257 41.84 -41.22 6.19
N HIS F 258 42.81 -40.32 6.01
CA HIS F 258 42.94 -39.15 6.87
C HIS F 258 42.70 -37.85 6.10
N LEU F 259 41.81 -37.90 5.12
CA LEU F 259 41.50 -36.75 4.28
C LEU F 259 40.14 -36.18 4.65
N HIS F 260 39.93 -34.92 4.24
CA HIS F 260 38.69 -34.20 4.51
C HIS F 260 37.54 -34.61 3.60
N TYR F 261 37.81 -35.42 2.57
CA TYR F 261 36.77 -36.02 1.75
C TYR F 261 37.16 -37.49 1.54
N GLN F 262 36.17 -38.31 1.20
CA GLN F 262 36.41 -39.74 1.03
C GLN F 262 36.20 -40.15 -0.43
N SER F 263 36.83 -41.26 -0.80
CA SER F 263 36.88 -41.71 -2.17
C SER F 263 36.55 -43.20 -2.26
N PHE F 264 35.87 -43.58 -3.33
CA PHE F 264 35.80 -44.96 -3.76
C PHE F 264 35.96 -44.97 -5.28
N GLN F 265 36.19 -46.16 -5.85
CA GLN F 265 36.36 -46.25 -7.29
C GLN F 265 36.18 -47.69 -7.75
N LEU F 266 35.41 -47.85 -8.82
CA LEU F 266 35.27 -49.13 -9.50
C LEU F 266 36.36 -49.25 -10.57
N PHE F 267 37.09 -50.35 -10.54
CA PHE F 267 38.19 -50.56 -11.47
C PHE F 267 37.88 -51.72 -12.41
N GLY F 268 38.61 -51.73 -13.54
CA GLY F 268 38.48 -52.79 -14.51
C GLY F 268 39.82 -53.40 -14.87
N PHE F 269 40.07 -54.61 -14.39
CA PHE F 269 41.33 -55.30 -14.63
C PHE F 269 41.18 -56.26 -15.80
N ASP F 270 42.08 -56.16 -16.77
CA ASP F 270 42.10 -57.01 -17.95
C ASP F 270 43.28 -57.98 -17.85
N PHE F 271 43.02 -59.25 -18.13
CA PHE F 271 44.02 -60.29 -17.97
C PHE F 271 44.13 -61.16 -19.23
N MET F 272 45.29 -61.78 -19.38
CA MET F 272 45.53 -62.80 -20.38
C MET F 272 45.99 -64.10 -19.71
N VAL F 273 45.67 -65.21 -20.34
CA VAL F 273 46.03 -66.53 -19.84
C VAL F 273 46.78 -67.27 -20.93
N ASP F 274 48.05 -67.60 -20.68
CA ASP F 274 48.83 -68.34 -21.65
C ASP F 274 48.53 -69.83 -21.55
N GLU F 275 49.09 -70.58 -22.49
CA GLU F 275 48.76 -72.00 -22.61
C GLU F 275 49.30 -72.83 -21.46
N GLU F 276 50.01 -72.23 -20.51
CA GLU F 276 50.44 -72.93 -19.31
C GLU F 276 49.62 -72.55 -18.09
N LEU F 277 48.50 -71.86 -18.28
CA LEU F 277 47.63 -71.42 -17.19
C LEU F 277 48.37 -70.47 -16.24
N LYS F 278 49.06 -69.51 -16.85
CA LYS F 278 49.69 -68.41 -16.13
C LYS F 278 49.00 -67.11 -16.52
N VAL F 279 48.64 -66.30 -15.54
CA VAL F 279 47.84 -65.10 -15.77
C VAL F 279 48.77 -63.90 -15.93
N TRP F 280 48.48 -63.06 -16.91
CA TRP F 280 49.22 -61.84 -17.16
C TRP F 280 48.28 -60.65 -17.09
N LEU F 281 48.77 -59.54 -16.52
CA LEU F 281 48.03 -58.30 -16.48
C LEU F 281 48.26 -57.53 -17.77
N ILE F 282 47.17 -57.14 -18.43
CA ILE F 282 47.25 -56.36 -19.66
C ILE F 282 47.17 -54.86 -19.38
N GLU F 283 46.19 -54.44 -18.59
CA GLU F 283 46.04 -53.03 -18.23
C GLU F 283 44.96 -52.91 -17.16
N VAL F 284 44.79 -51.68 -16.65
CA VAL F 284 43.77 -51.36 -15.67
C VAL F 284 42.93 -50.21 -16.22
N ASN F 285 41.66 -50.19 -15.82
CA ASN F 285 40.70 -49.22 -16.35
C ASN F 285 40.06 -48.47 -15.20
N GLY F 286 40.26 -47.15 -15.18
CA GLY F 286 39.70 -46.33 -14.12
C GLY F 286 38.25 -45.96 -14.32
N ALA F 287 37.72 -46.13 -15.53
CA ALA F 287 36.32 -45.84 -15.83
C ALA F 287 35.80 -46.97 -16.70
N PRO F 288 35.48 -48.11 -16.10
CA PRO F 288 35.06 -49.28 -16.89
C PRO F 288 33.57 -49.31 -17.15
N ALA F 289 33.21 -49.99 -18.24
CA ALA F 289 31.82 -50.37 -18.49
C ALA F 289 31.56 -51.75 -17.92
N CYS F 290 30.34 -52.25 -18.09
CA CYS F 290 29.96 -53.55 -17.55
C CYS F 290 29.30 -54.41 -18.62
N ALA F 291 29.30 -55.72 -18.38
CA ALA F 291 28.52 -56.63 -19.22
C ALA F 291 27.04 -56.37 -19.01
N GLN F 292 26.27 -56.45 -20.10
CA GLN F 292 24.84 -56.15 -20.05
C GLN F 292 24.14 -56.92 -18.92
N LYS F 293 24.42 -58.21 -18.82
CA LYS F 293 23.69 -59.10 -17.86
C LYS F 293 24.08 -58.83 -16.41
N LEU F 294 25.18 -58.13 -16.14
CA LEU F 294 25.68 -57.97 -14.78
C LEU F 294 25.50 -56.56 -14.23
N TYR F 295 24.84 -55.66 -14.97
CA TYR F 295 24.73 -54.27 -14.52
C TYR F 295 23.98 -54.17 -13.19
N ALA F 296 22.81 -54.82 -13.11
CA ALA F 296 21.98 -54.70 -11.92
C ALA F 296 22.72 -55.18 -10.67
N GLU F 297 23.32 -56.36 -10.74
CA GLU F 297 23.91 -56.96 -9.55
C GLU F 297 25.14 -56.17 -9.09
N LEU F 298 25.97 -55.72 -10.04
CA LEU F 298 27.16 -54.96 -9.66
C LEU F 298 26.79 -53.56 -9.18
N CYS F 299 25.94 -52.86 -9.95
CA CYS F 299 25.54 -51.51 -9.57
C CYS F 299 24.89 -51.49 -8.20
N GLN F 300 23.98 -52.43 -7.93
CA GLN F 300 23.37 -52.51 -6.61
C GLN F 300 24.42 -52.77 -5.54
N GLY F 301 25.39 -53.65 -5.83
CA GLY F 301 26.46 -53.89 -4.88
C GLY F 301 27.26 -52.65 -4.57
N ILE F 302 27.47 -51.79 -5.57
CA ILE F 302 28.19 -50.53 -5.34
C ILE F 302 27.42 -49.66 -4.37
N VAL F 303 26.09 -49.58 -4.52
CA VAL F 303 25.28 -48.78 -3.61
C VAL F 303 25.47 -49.25 -2.17
N ASP F 304 25.57 -50.56 -1.98
CA ASP F 304 25.56 -51.12 -0.63
C ASP F 304 26.89 -50.96 0.09
N VAL F 305 27.98 -51.36 -0.57
CA VAL F 305 29.30 -51.39 0.13
C VAL F 305 30.04 -50.05 0.05
N ALA F 306 29.85 -49.29 -1.03
CA ALA F 306 30.59 -48.05 -1.20
C ALA F 306 29.83 -46.80 -0.74
N ILE F 307 28.51 -46.77 -0.89
CA ILE F 307 27.72 -45.57 -0.67
C ILE F 307 26.92 -45.67 0.62
N SER F 308 26.03 -46.67 0.73
CA SER F 308 25.25 -46.83 1.95
C SER F 308 26.14 -47.13 3.14
N SER F 309 27.38 -47.53 2.92
CA SER F 309 28.31 -47.71 4.02
C SER F 309 28.63 -46.36 4.67
N VAL F 310 28.87 -45.33 3.86
CA VAL F 310 29.14 -44.00 4.38
C VAL F 310 27.84 -43.30 4.80
N PHE F 311 26.80 -43.38 3.97
CA PHE F 311 25.52 -42.71 4.21
C PHE F 311 24.44 -43.78 4.36
N PRO F 312 24.26 -44.31 5.57
CA PRO F 312 23.33 -45.44 5.74
C PRO F 312 21.89 -45.03 5.52
N LEU F 313 21.09 -46.02 5.13
CA LEU F 313 19.66 -45.85 4.88
C LEU F 313 18.86 -46.46 6.03
N ALA F 314 17.63 -45.97 6.18
CA ALA F 314 16.70 -46.50 7.18
C ALA F 314 16.21 -47.89 6.78
N SER F 315 26.98 -62.07 -0.25
CA SER F 315 27.27 -60.86 -1.01
C SER F 315 27.93 -61.21 -2.33
N ILE F 316 27.97 -60.22 -3.23
CA ILE F 316 28.49 -60.44 -4.58
C ILE F 316 29.97 -60.09 -4.73
N PHE F 317 30.62 -59.63 -3.67
CA PHE F 317 32.02 -59.25 -3.70
C PHE F 317 32.86 -60.23 -2.88
N ILE F 318 34.06 -60.50 -3.37
CA ILE F 318 35.09 -61.20 -2.60
C ILE F 318 36.01 -60.16 -2.00
N LYS F 319 36.29 -60.30 -0.71
CA LYS F 319 37.11 -59.35 0.02
C LYS F 319 38.57 -59.79 -0.02
N LEU F 320 39.44 -58.94 -0.56
CA LEU F 320 40.87 -59.20 -0.61
CA LEU F 320 40.87 -59.22 -0.60
C LEU F 320 41.60 -58.44 0.49
#